data_3ZNM
#
_entry.id   3ZNM
#
_cell.length_a   175.560
_cell.length_b   101.360
_cell.length_c   161.200
_cell.angle_alpha   90.00
_cell.angle_beta   111.29
_cell.angle_gamma   90.00
#
_symmetry.space_group_name_H-M   'C 1 2 1'
#
loop_
_entity.id
_entity.type
_entity.pdbx_description
1 polymer HAEMAGGLUTININ
2 polymer HAEMAGGLUTININ
3 branched 'N-acetyl-alpha-neuraminic acid-(2-3)-alpha-D-galactopyranose-(1-4)-[alpha-L-fucopyranose-(1-3)]2-acetamido-2-deoxy-beta-D-glucopyranose'
4 non-polymer 2-acetamido-2-deoxy-beta-D-glucopyranose
5 non-polymer '4-(2-HYDROXYETHYL)-1-PIPERAZINE ETHANESULFONIC ACID'
6 water water
#
loop_
_entity_poly.entity_id
_entity_poly.type
_entity_poly.pdbx_seq_one_letter_code
_entity_poly.pdbx_strand_id
1 'polypeptide(L)'
;DQICIGYHANNSTEQVDTIMEKNVTVTHAQDILEKTHNGKLCDLDGVKPLILRDCSVAGWLLGNPMCDEFINVPEWSYIV
EKANPVNDLCYPGDFNDYEELKHLLSRINHFEKIQIIPKSSWSSHEASLGVSSACPYQGKSSFFRNVVWLIKKNSTYPTI
KRSYNNTNQEDLLVLWGIHHPNDAAEQTKLYQNPTTYISVGTSTLNQRLVPRIATRSKVNGQSGRMEFFWTILKPNDAIN
FESNGNFIAPEYAYKIVKKGDSTIMKSELEYGNCNTKCQTPMGAINSSMPFHNIHPLTIGECPKYVKSNRLVLATGLRNS
PQRETR
;
A,C,E
2 'polypeptide(L)'
;GLFGAIAGFIEGGWQGMVDGWYGYHHSNEQGSGYAADKESTQKAIDGVTNKVNSIIDKMNTQFEAVGREFNNLERRIENL
NKKMEDGFLDVWTYNAELLVLMENERTLDFHDSNVKNLYDKVRLQLRDNAKELGNGCFEFYHKCDNECMESVRNGTYDYP
QYSEEA
;
B,D,F
#
# COMPACT_ATOMS: atom_id res chain seq x y z
N ASP A 1 20.60 45.25 43.76
CA ASP A 1 20.44 45.24 42.28
C ASP A 1 20.56 43.82 41.73
N GLN A 2 19.74 43.50 40.72
CA GLN A 2 19.72 42.16 40.14
C GLN A 2 19.38 42.15 38.66
N ILE A 3 19.87 41.11 37.98
CA ILE A 3 19.47 40.83 36.60
C ILE A 3 18.90 39.41 36.54
N CYS A 4 17.79 39.25 35.83
CA CYS A 4 17.10 37.96 35.74
C CYS A 4 17.07 37.48 34.31
N ILE A 5 17.01 36.17 34.14
CA ILE A 5 16.77 35.58 32.82
C ILE A 5 15.36 35.01 32.85
N GLY A 6 14.62 35.23 31.77
CA GLY A 6 13.23 34.81 31.69
C GLY A 6 12.76 34.67 30.27
N TYR A 7 11.49 34.30 30.13
CA TYR A 7 10.93 33.96 28.83
C TYR A 7 9.55 34.57 28.64
N HIS A 8 9.13 34.63 27.39
CA HIS A 8 7.88 35.27 26.97
C HIS A 8 6.65 34.54 27.50
N ALA A 9 5.65 35.30 27.92
CA ALA A 9 4.30 34.78 28.14
C ALA A 9 3.33 35.70 27.43
N ASN A 10 2.09 35.26 27.27
CA ASN A 10 1.05 36.10 26.65
C ASN A 10 -0.35 35.59 26.95
N ASN A 11 -1.35 36.18 26.30
CA ASN A 11 -2.76 35.85 26.55
C ASN A 11 -3.31 34.72 25.66
N SER A 12 -2.42 34.03 24.94
CA SER A 12 -2.80 32.94 24.04
C SER A 12 -3.39 31.76 24.80
N THR A 13 -4.43 31.15 24.21
CA THR A 13 -5.04 29.94 24.73
C THR A 13 -4.86 28.75 23.79
N GLU A 14 -4.09 28.93 22.72
CA GLU A 14 -3.82 27.83 21.78
C GLU A 14 -3.08 26.70 22.46
N GLN A 15 -3.53 25.46 22.21
CA GLN A 15 -2.97 24.28 22.82
C GLN A 15 -2.41 23.35 21.75
N VAL A 16 -1.41 22.56 22.13
CA VAL A 16 -0.85 21.53 21.25
C VAL A 16 -0.70 20.25 22.03
N ASP A 17 -0.68 19.12 21.33
CA ASP A 17 -0.43 17.83 21.95
C ASP A 17 1.02 17.40 21.75
N THR A 18 1.52 16.63 22.71
CA THR A 18 2.81 15.96 22.63
C THR A 18 2.59 14.51 23.04
N ILE A 19 3.64 13.71 23.02
CA ILE A 19 3.52 12.29 23.40
C ILE A 19 3.15 12.15 24.88
N MET A 20 3.83 12.90 25.74
CA MET A 20 3.66 12.77 27.19
C MET A 20 2.57 13.64 27.78
N GLU A 21 2.12 14.64 27.04
CA GLU A 21 1.14 15.58 27.57
C GLU A 21 0.25 16.12 26.46
N LYS A 22 -1.04 16.19 26.76
CA LYS A 22 -2.03 16.71 25.82
C LYS A 22 -2.53 18.06 26.29
N ASN A 23 -3.00 18.87 25.36
CA ASN A 23 -3.58 20.18 25.66
C ASN A 23 -2.62 21.11 26.40
N VAL A 24 -1.39 21.17 25.91
CA VAL A 24 -0.37 22.08 26.45
C VAL A 24 -0.56 23.47 25.84
N THR A 25 -0.84 24.46 26.68
CA THR A 25 -1.05 25.83 26.21
C THR A 25 0.29 26.46 25.79
N VAL A 26 0.33 27.01 24.58
CA VAL A 26 1.55 27.61 24.04
C VAL A 26 1.32 29.05 23.61
N THR A 27 2.40 29.82 23.56
CA THR A 27 2.32 31.23 23.22
C THR A 27 2.01 31.43 21.74
N HIS A 28 2.56 30.56 20.90
CA HIS A 28 2.33 30.61 19.46
C HIS A 28 2.19 29.20 18.92
N ALA A 29 1.38 29.07 17.89
CA ALA A 29 1.13 27.78 17.25
C ALA A 29 0.82 28.00 15.79
N GLN A 30 0.77 26.92 15.02
CA GLN A 30 0.41 27.00 13.61
C GLN A 30 -0.43 25.82 13.19
N ASP A 31 -1.70 26.09 12.90
CA ASP A 31 -2.59 25.08 12.34
C ASP A 31 -2.16 24.80 10.90
N ILE A 32 -2.04 23.52 10.57
CA ILE A 32 -1.62 23.09 9.24
C ILE A 32 -2.69 22.25 8.53
N LEU A 33 -3.86 22.11 9.14
CA LEU A 33 -4.95 21.32 8.58
C LEU A 33 -6.09 22.21 8.12
N GLU A 34 -6.39 22.17 6.82
CA GLU A 34 -7.56 22.87 6.29
C GLU A 34 -8.83 22.06 6.58
N LYS A 35 -9.74 22.67 7.35
CA LYS A 35 -10.94 21.96 7.81
C LYS A 35 -12.23 22.35 7.06
N THR A 36 -12.18 23.42 6.27
CA THR A 36 -13.40 23.96 5.64
C THR A 36 -13.40 23.88 4.11
N HIS A 37 -14.61 23.93 3.56
CA HIS A 37 -14.85 24.01 2.11
C HIS A 37 -16.11 24.88 1.92
N ASN A 38 -16.34 25.36 0.68
CA ASN A 38 -17.50 26.23 0.42
C ASN A 38 -18.84 25.47 0.27
N GLY A 39 -18.76 24.17 -0.03
CA GLY A 39 -19.95 23.31 -0.10
C GLY A 39 -20.54 23.19 -1.50
N LYS A 40 -19.77 23.63 -2.49
CA LYS A 40 -20.26 23.77 -3.86
C LYS A 40 -19.36 23.08 -4.88
N LEU A 41 -19.96 22.68 -6.00
CA LEU A 41 -19.22 22.18 -7.15
C LEU A 41 -18.89 23.38 -8.04
N CYS A 42 -17.60 23.56 -8.32
CA CYS A 42 -17.10 24.79 -8.92
C CYS A 42 -16.33 24.57 -10.21
N ASP A 43 -16.16 25.64 -10.96
CA ASP A 43 -15.24 25.65 -12.11
C ASP A 43 -13.83 25.47 -11.60
N LEU A 44 -13.06 24.62 -12.27
CA LEU A 44 -11.65 24.41 -11.92
C LEU A 44 -10.75 25.21 -12.84
N ASP A 45 -10.00 26.14 -12.27
CA ASP A 45 -9.09 27.01 -13.04
C ASP A 45 -9.87 27.79 -14.12
N GLY A 46 -11.12 28.15 -13.81
CA GLY A 46 -12.01 28.82 -14.75
C GLY A 46 -12.75 27.87 -15.69
N VAL A 47 -12.25 26.65 -15.84
CA VAL A 47 -12.79 25.68 -16.80
C VAL A 47 -13.93 24.88 -16.15
N LYS A 48 -15.12 24.98 -16.73
CA LYS A 48 -16.33 24.42 -16.15
C LYS A 48 -16.33 22.88 -16.19
N PRO A 49 -16.80 22.24 -15.09
CA PRO A 49 -16.97 20.79 -15.16
C PRO A 49 -18.15 20.38 -16.03
N LEU A 50 -18.06 19.18 -16.62
CA LEU A 50 -19.19 18.56 -17.29
C LEU A 50 -20.08 17.94 -16.22
N ILE A 51 -21.21 18.58 -15.93
CA ILE A 51 -22.16 18.06 -14.95
C ILE A 51 -23.28 17.36 -15.69
N LEU A 52 -23.31 16.03 -15.58
CA LEU A 52 -24.29 15.21 -16.29
C LEU A 52 -25.69 15.28 -15.67
N ARG A 53 -25.77 15.84 -14.46
CA ARG A 53 -27.03 15.97 -13.74
C ARG A 53 -27.61 14.58 -13.46
N ASP A 54 -28.74 14.23 -14.06
CA ASP A 54 -29.36 12.91 -13.86
C ASP A 54 -28.99 11.90 -14.96
N CYS A 55 -28.26 12.35 -15.98
CA CYS A 55 -27.76 11.45 -17.02
C CYS A 55 -26.49 10.74 -16.56
N SER A 56 -26.30 9.51 -17.04
CA SER A 56 -25.07 8.76 -16.80
C SER A 56 -24.09 8.95 -17.96
N VAL A 57 -22.91 8.36 -17.85
CA VAL A 57 -21.90 8.44 -18.90
C VAL A 57 -22.39 7.68 -20.13
N ALA A 58 -23.03 6.54 -19.90
CA ALA A 58 -23.64 5.74 -20.97
C ALA A 58 -24.74 6.52 -21.69
N GLY A 59 -25.66 7.08 -20.90
CA GLY A 59 -26.75 7.89 -21.44
C GLY A 59 -26.25 9.03 -22.31
N TRP A 60 -25.22 9.72 -21.85
CA TRP A 60 -24.59 10.80 -22.61
C TRP A 60 -23.95 10.28 -23.90
N LEU A 61 -23.11 9.25 -23.78
CA LEU A 61 -22.33 8.77 -24.93
C LEU A 61 -23.17 8.08 -25.99
N LEU A 62 -24.15 7.27 -25.57
CA LEU A 62 -25.07 6.64 -26.52
C LEU A 62 -26.07 7.62 -27.11
N GLY A 63 -26.27 8.77 -26.45
CA GLY A 63 -27.18 9.80 -26.94
C GLY A 63 -28.61 9.51 -26.56
N ASN A 64 -28.83 9.17 -25.30
CA ASN A 64 -30.17 9.00 -24.76
C ASN A 64 -30.96 10.33 -24.91
N PRO A 65 -32.21 10.27 -25.39
CA PRO A 65 -33.01 11.47 -25.69
C PRO A 65 -33.20 12.46 -24.53
N MET A 66 -33.09 11.98 -23.29
CA MET A 66 -33.17 12.84 -22.10
C MET A 66 -31.87 13.63 -21.91
N CYS A 67 -30.80 13.18 -22.55
CA CYS A 67 -29.48 13.79 -22.42
C CYS A 67 -29.16 14.67 -23.63
N ASP A 68 -30.20 15.33 -24.15
CA ASP A 68 -30.06 16.30 -25.25
C ASP A 68 -29.21 17.50 -24.84
N GLU A 69 -29.12 17.77 -23.54
CA GLU A 69 -28.23 18.81 -23.04
C GLU A 69 -26.78 18.54 -23.44
N PHE A 70 -26.41 17.26 -23.53
CA PHE A 70 -25.02 16.85 -23.68
C PHE A 70 -24.64 16.36 -25.09
N ILE A 71 -25.35 16.86 -26.12
CA ILE A 71 -24.91 16.72 -27.52
C ILE A 71 -23.92 17.84 -27.83
N ASN A 72 -22.77 17.49 -28.42
CA ASN A 72 -21.69 18.44 -28.71
C ASN A 72 -21.25 19.26 -27.49
N VAL A 73 -20.89 18.58 -26.41
CA VAL A 73 -20.47 19.27 -25.18
C VAL A 73 -19.16 20.03 -25.33
N PRO A 74 -19.02 21.17 -24.62
CA PRO A 74 -17.73 21.87 -24.59
C PRO A 74 -16.74 21.12 -23.71
N GLU A 75 -15.46 21.46 -23.82
CA GLU A 75 -14.43 20.79 -23.03
C GLU A 75 -14.65 21.02 -21.54
N TRP A 76 -14.24 20.04 -20.74
CA TRP A 76 -14.49 20.03 -19.31
C TRP A 76 -13.18 19.87 -18.54
N SER A 77 -13.14 20.46 -17.34
CA SER A 77 -12.01 20.26 -16.44
C SER A 77 -12.12 18.89 -15.78
N TYR A 78 -13.33 18.56 -15.33
CA TYR A 78 -13.64 17.25 -14.77
C TYR A 78 -15.12 16.93 -15.00
N ILE A 79 -15.52 15.68 -14.75
CA ILE A 79 -16.89 15.25 -14.95
C ILE A 79 -17.57 14.96 -13.61
N VAL A 80 -18.86 15.27 -13.51
CA VAL A 80 -19.62 15.00 -12.30
C VAL A 80 -20.84 14.13 -12.63
N GLU A 81 -20.91 12.98 -11.95
CA GLU A 81 -21.96 12.00 -12.15
C GLU A 81 -22.53 11.62 -10.79
N LYS A 82 -23.85 11.42 -10.73
CA LYS A 82 -24.49 10.99 -9.50
C LYS A 82 -24.21 9.52 -9.19
N ALA A 83 -24.55 9.09 -7.97
CA ALA A 83 -24.36 7.71 -7.56
C ALA A 83 -25.31 6.76 -8.30
N ASN A 84 -26.56 7.19 -8.50
CA ASN A 84 -27.57 6.39 -9.19
C ASN A 84 -28.40 7.20 -10.19
N PRO A 85 -27.76 7.67 -11.27
CA PRO A 85 -28.46 8.48 -12.27
C PRO A 85 -29.62 7.74 -12.92
N VAL A 86 -30.79 8.37 -12.97
CA VAL A 86 -31.99 7.74 -13.54
C VAL A 86 -31.93 7.57 -15.06
N ASN A 87 -31.35 8.55 -15.75
CA ASN A 87 -31.26 8.51 -17.22
C ASN A 87 -30.01 7.77 -17.68
N ASP A 88 -30.03 6.45 -17.51
CA ASP A 88 -28.93 5.59 -17.93
C ASP A 88 -29.33 4.92 -19.26
N LEU A 89 -29.41 3.60 -19.28
CA LEU A 89 -29.84 2.87 -20.47
C LEU A 89 -31.36 2.82 -20.47
N CYS A 90 -31.98 3.70 -21.26
CA CYS A 90 -33.44 3.78 -21.35
C CYS A 90 -34.02 2.45 -21.83
N TYR A 91 -33.51 1.95 -22.95
CA TYR A 91 -33.80 0.59 -23.38
C TYR A 91 -32.86 -0.35 -22.61
N PRO A 92 -33.42 -1.37 -21.93
CA PRO A 92 -32.58 -2.20 -21.03
C PRO A 92 -31.45 -2.92 -21.75
N GLY A 93 -30.38 -3.20 -21.02
CA GLY A 93 -29.24 -3.91 -21.59
C GLY A 93 -27.97 -3.80 -20.77
N ASP A 94 -26.84 -4.03 -21.43
CA ASP A 94 -25.53 -3.91 -20.83
C ASP A 94 -24.67 -3.00 -21.69
N PHE A 95 -23.63 -2.46 -21.05
CA PHE A 95 -22.62 -1.69 -21.75
C PHE A 95 -21.31 -2.46 -21.54
N ASN A 96 -20.73 -2.94 -22.65
CA ASN A 96 -19.56 -3.79 -22.58
C ASN A 96 -18.30 -3.00 -22.25
N ASP A 97 -17.52 -3.50 -21.29
CA ASP A 97 -16.31 -2.83 -20.79
C ASP A 97 -16.58 -1.36 -20.48
N TYR A 98 -17.67 -1.13 -19.75
CA TYR A 98 -18.13 0.22 -19.40
C TYR A 98 -17.15 0.92 -18.47
N GLU A 99 -16.60 0.16 -17.53
CA GLU A 99 -15.68 0.69 -16.52
C GLU A 99 -14.33 1.03 -17.13
N GLU A 100 -13.88 0.20 -18.07
CA GLU A 100 -12.66 0.47 -18.83
C GLU A 100 -12.82 1.71 -19.71
N LEU A 101 -14.01 1.94 -20.23
CA LEU A 101 -14.29 3.14 -21.02
C LEU A 101 -14.32 4.37 -20.12
N LYS A 102 -15.01 4.24 -18.99
CA LYS A 102 -15.03 5.31 -17.98
C LYS A 102 -13.62 5.66 -17.51
N HIS A 103 -12.76 4.65 -17.40
CA HIS A 103 -11.37 4.90 -17.04
C HIS A 103 -10.67 5.70 -18.13
N LEU A 104 -10.99 5.41 -19.38
CA LEU A 104 -10.41 6.13 -20.52
C LEU A 104 -10.75 7.62 -20.46
N LEU A 105 -11.95 7.94 -19.97
CA LEU A 105 -12.42 9.32 -19.82
C LEU A 105 -11.62 10.14 -18.82
N SER A 106 -10.95 9.48 -17.87
CA SER A 106 -10.08 10.17 -16.92
C SER A 106 -8.86 10.80 -17.62
N ARG A 107 -8.54 10.31 -18.81
CA ARG A 107 -7.47 10.89 -19.65
C ARG A 107 -7.99 11.84 -20.73
N ILE A 108 -9.29 12.16 -20.72
CA ILE A 108 -9.92 12.92 -21.79
C ILE A 108 -10.59 14.20 -21.29
N ASN A 109 -10.29 15.31 -21.96
CA ASN A 109 -10.86 16.63 -21.63
C ASN A 109 -11.89 17.14 -22.64
N HIS A 110 -11.81 16.67 -23.88
CA HIS A 110 -12.81 17.09 -24.89
C HIS A 110 -13.08 16.07 -25.98
N PHE A 111 -14.36 15.87 -26.24
CA PHE A 111 -14.84 15.11 -27.39
C PHE A 111 -15.40 16.07 -28.42
N GLU A 112 -15.20 15.76 -29.71
CA GLU A 112 -15.92 16.41 -30.80
C GLU A 112 -16.69 15.35 -31.58
N LYS A 113 -18.00 15.54 -31.70
CA LYS A 113 -18.85 14.55 -32.36
C LYS A 113 -18.80 14.71 -33.88
N ILE A 114 -18.72 13.59 -34.60
CA ILE A 114 -18.78 13.60 -36.06
C ILE A 114 -19.61 12.43 -36.60
N GLN A 115 -20.20 12.63 -37.77
CA GLN A 115 -21.00 11.61 -38.44
C GLN A 115 -20.09 10.73 -39.30
N ILE A 116 -20.13 9.43 -39.07
CA ILE A 116 -19.37 8.45 -39.86
C ILE A 116 -20.28 7.69 -40.83
N ILE A 117 -21.45 7.26 -40.34
CA ILE A 117 -22.48 6.66 -41.19
C ILE A 117 -23.69 7.60 -41.18
N PRO A 118 -24.06 8.16 -42.36
CA PRO A 118 -25.29 8.96 -42.40
C PRO A 118 -26.55 8.08 -42.30
N LYS A 119 -27.57 8.57 -41.62
CA LYS A 119 -28.81 7.83 -41.42
C LYS A 119 -29.57 7.66 -42.74
N SER A 120 -29.53 8.69 -43.58
CA SER A 120 -30.11 8.65 -44.92
C SER A 120 -29.46 7.59 -45.80
N SER A 121 -28.18 7.34 -45.55
CA SER A 121 -27.37 6.41 -46.36
C SER A 121 -27.89 4.96 -46.40
N TRP A 122 -28.75 4.58 -45.45
CA TRP A 122 -29.32 3.22 -45.42
C TRP A 122 -30.46 3.10 -46.42
N SER A 123 -30.09 3.00 -47.69
CA SER A 123 -31.06 2.97 -48.79
C SER A 123 -31.71 1.60 -48.98
N SER A 124 -30.99 0.55 -48.59
CA SER A 124 -31.47 -0.83 -48.72
C SER A 124 -32.18 -1.35 -47.46
N HIS A 125 -32.15 -0.57 -46.38
CA HIS A 125 -32.78 -0.94 -45.12
C HIS A 125 -33.67 0.18 -44.60
N GLU A 126 -34.54 -0.14 -43.65
CA GLU A 126 -35.39 0.85 -42.99
C GLU A 126 -34.68 1.33 -41.73
N ALA A 127 -34.54 2.64 -41.57
CA ALA A 127 -33.74 3.23 -40.48
C ALA A 127 -34.51 4.16 -39.54
N SER A 128 -35.71 4.57 -39.94
CA SER A 128 -36.47 5.61 -39.21
C SER A 128 -37.53 5.04 -38.26
N LEU A 129 -37.73 3.73 -38.28
CA LEU A 129 -38.73 3.08 -37.43
C LEU A 129 -38.11 2.34 -36.26
N GLY A 130 -36.80 2.48 -36.08
CA GLY A 130 -36.09 1.81 -34.99
C GLY A 130 -36.15 2.56 -33.67
N VAL A 131 -37.34 2.61 -33.09
CA VAL A 131 -37.57 3.32 -31.82
C VAL A 131 -38.28 2.42 -30.81
N SER A 132 -38.47 2.93 -29.60
CA SER A 132 -39.11 2.18 -28.52
C SER A 132 -39.75 3.12 -27.50
N SER A 133 -40.76 2.61 -26.80
CA SER A 133 -41.43 3.35 -25.73
C SER A 133 -40.55 3.48 -24.49
N ALA A 134 -39.51 2.66 -24.39
CA ALA A 134 -38.55 2.72 -23.28
C ALA A 134 -37.68 3.99 -23.33
N CYS A 135 -37.40 4.48 -24.53
CA CYS A 135 -36.71 5.77 -24.72
C CYS A 135 -37.66 6.81 -25.32
N PRO A 136 -38.49 7.46 -24.47
CA PRO A 136 -39.41 8.49 -24.95
C PRO A 136 -38.80 9.89 -25.06
N TYR A 137 -39.18 10.63 -26.11
CA TYR A 137 -38.79 12.03 -26.30
C TYR A 137 -40.00 12.86 -26.73
N GLN A 138 -40.35 13.87 -25.93
CA GLN A 138 -41.51 14.73 -26.18
C GLN A 138 -42.82 13.94 -26.34
N GLY A 139 -43.00 12.93 -25.49
CA GLY A 139 -44.21 12.12 -25.48
C GLY A 139 -44.30 11.06 -26.57
N LYS A 140 -43.25 10.96 -27.39
CA LYS A 140 -43.21 10.04 -28.52
C LYS A 140 -42.02 9.09 -28.37
N SER A 141 -42.14 7.91 -28.97
CA SER A 141 -41.09 6.89 -28.89
C SER A 141 -39.85 7.32 -29.67
N SER A 142 -38.69 7.17 -29.05
CA SER A 142 -37.41 7.59 -29.64
C SER A 142 -36.35 6.53 -29.37
N PHE A 143 -35.09 6.88 -29.59
CA PHE A 143 -33.98 5.96 -29.32
C PHE A 143 -32.68 6.75 -29.09
N PHE A 144 -31.64 6.05 -28.63
CA PHE A 144 -30.30 6.61 -28.53
C PHE A 144 -29.94 7.30 -29.85
N ARG A 145 -29.74 8.61 -29.81
CA ARG A 145 -29.55 9.43 -31.03
C ARG A 145 -28.28 9.12 -31.83
N ASN A 146 -27.26 8.56 -31.17
CA ASN A 146 -25.97 8.34 -31.82
C ASN A 146 -25.87 7.05 -32.62
N VAL A 147 -26.83 6.13 -32.41
CA VAL A 147 -26.85 4.88 -33.15
C VAL A 147 -28.22 4.61 -33.77
N VAL A 148 -28.22 3.91 -34.91
CA VAL A 148 -29.44 3.65 -35.68
C VAL A 148 -29.89 2.20 -35.50
N TRP A 149 -31.12 2.02 -35.02
CA TRP A 149 -31.73 0.69 -34.93
C TRP A 149 -32.32 0.32 -36.30
N LEU A 150 -31.62 -0.54 -37.03
CA LEU A 150 -32.00 -0.90 -38.39
C LEU A 150 -32.96 -2.09 -38.42
N ILE A 151 -33.95 -2.01 -39.31
CA ILE A 151 -34.91 -3.10 -39.53
C ILE A 151 -35.12 -3.37 -41.03
N LYS A 152 -35.75 -4.50 -41.32
CA LYS A 152 -36.01 -4.93 -42.70
C LYS A 152 -36.87 -3.94 -43.49
N LYS A 153 -36.63 -3.85 -44.80
CA LYS A 153 -37.46 -3.05 -45.71
C LYS A 153 -38.24 -3.95 -46.67
N ASN A 154 -39.56 -3.78 -46.69
CA ASN A 154 -40.47 -4.61 -47.48
C ASN A 154 -40.29 -6.11 -47.23
N SER A 155 -40.13 -6.46 -45.95
CA SER A 155 -40.03 -7.85 -45.50
C SER A 155 -38.75 -8.55 -46.01
N THR A 156 -37.64 -7.82 -46.08
CA THR A 156 -36.34 -8.40 -46.45
C THR A 156 -35.22 -7.63 -45.74
N TYR A 157 -34.34 -8.37 -45.07
CA TYR A 157 -33.15 -7.77 -44.43
C TYR A 157 -31.89 -8.25 -45.17
N PRO A 158 -31.47 -7.50 -46.20
CA PRO A 158 -30.24 -7.87 -46.92
C PRO A 158 -29.00 -7.66 -46.06
N THR A 159 -27.95 -8.42 -46.35
CA THR A 159 -26.70 -8.35 -45.60
C THR A 159 -26.10 -6.95 -45.73
N ILE A 160 -25.63 -6.42 -44.60
CA ILE A 160 -25.02 -5.10 -44.54
C ILE A 160 -23.50 -5.26 -44.58
N LYS A 161 -22.84 -4.53 -45.48
CA LYS A 161 -21.38 -4.47 -45.50
C LYS A 161 -20.96 -3.00 -45.55
N ARG A 162 -20.47 -2.50 -44.42
CA ARG A 162 -20.10 -1.09 -44.30
C ARG A 162 -18.70 -0.92 -43.71
N SER A 163 -17.94 -0.01 -44.29
CA SER A 163 -16.57 0.28 -43.88
C SER A 163 -16.38 1.77 -43.72
N TYR A 164 -15.71 2.19 -42.65
CA TYR A 164 -15.32 3.59 -42.47
C TYR A 164 -13.82 3.73 -42.26
N ASN A 165 -13.19 4.63 -43.02
CA ASN A 165 -11.77 4.92 -42.91
C ASN A 165 -11.54 6.19 -42.09
N ASN A 166 -10.76 6.06 -41.01
CA ASN A 166 -10.47 7.20 -40.13
C ASN A 166 -9.41 8.12 -40.72
N THR A 167 -9.87 9.12 -41.47
CA THR A 167 -8.99 10.09 -42.13
C THR A 167 -8.59 11.26 -41.21
N ASN A 168 -9.23 11.36 -40.05
CA ASN A 168 -8.85 12.39 -39.05
C ASN A 168 -7.54 11.97 -38.43
N GLN A 169 -6.70 12.92 -38.06
CA GLN A 169 -5.48 12.61 -37.33
C GLN A 169 -5.75 12.58 -35.81
N GLU A 170 -6.68 11.72 -35.43
CA GLU A 170 -7.11 11.54 -34.05
C GLU A 170 -7.55 10.10 -33.84
N ASP A 171 -7.49 9.64 -32.58
CA ASP A 171 -8.16 8.41 -32.18
C ASP A 171 -9.67 8.72 -32.24
N LEU A 172 -10.46 7.69 -32.55
CA LEU A 172 -11.90 7.87 -32.67
C LEU A 172 -12.66 6.83 -31.84
N LEU A 173 -13.55 7.31 -30.98
CA LEU A 173 -14.41 6.42 -30.19
C LEU A 173 -15.65 6.06 -30.99
N VAL A 174 -15.72 4.80 -31.41
CA VAL A 174 -16.86 4.28 -32.16
C VAL A 174 -17.72 3.44 -31.23
N LEU A 175 -19.03 3.68 -31.25
CA LEU A 175 -20.00 2.91 -30.47
C LEU A 175 -20.98 2.21 -31.40
N TRP A 176 -21.33 0.97 -31.08
CA TRP A 176 -22.38 0.25 -31.78
C TRP A 176 -23.07 -0.73 -30.84
N GLY A 177 -24.09 -1.42 -31.33
CA GLY A 177 -24.85 -2.35 -30.50
C GLY A 177 -25.43 -3.53 -31.25
N ILE A 178 -25.87 -4.51 -30.47
CA ILE A 178 -26.60 -5.67 -30.97
C ILE A 178 -27.92 -5.73 -30.20
N HIS A 179 -28.99 -6.13 -30.86
CA HIS A 179 -30.28 -6.31 -30.20
C HIS A 179 -30.58 -7.79 -29.93
N HIS A 180 -31.01 -8.06 -28.70
CA HIS A 180 -31.42 -9.40 -28.28
C HIS A 180 -32.94 -9.44 -28.19
N PRO A 181 -33.59 -10.18 -29.12
CA PRO A 181 -35.06 -10.22 -29.14
C PRO A 181 -35.62 -11.21 -28.11
N ASN A 182 -36.92 -11.08 -27.84
CA ASN A 182 -37.60 -11.90 -26.84
C ASN A 182 -37.76 -13.37 -27.24
N ASP A 183 -38.19 -13.60 -28.49
CA ASP A 183 -38.43 -14.96 -29.00
C ASP A 183 -38.17 -15.07 -30.51
N ALA A 184 -38.23 -16.29 -31.03
CA ALA A 184 -37.99 -16.57 -32.44
C ALA A 184 -38.96 -15.84 -33.38
N ALA A 185 -40.18 -15.62 -32.90
CA ALA A 185 -41.20 -14.89 -33.66
C ALA A 185 -40.86 -13.41 -33.82
N GLU A 186 -40.29 -12.82 -32.76
CA GLU A 186 -39.87 -11.42 -32.79
C GLU A 186 -38.62 -11.22 -33.65
N GLN A 187 -37.70 -12.18 -33.62
CA GLN A 187 -36.52 -12.16 -34.46
C GLN A 187 -36.92 -12.04 -35.93
N THR A 188 -37.85 -12.90 -36.36
CA THR A 188 -38.33 -12.88 -37.74
C THR A 188 -39.14 -11.62 -38.05
N LYS A 189 -39.96 -11.18 -37.09
CA LYS A 189 -40.77 -9.97 -37.26
C LYS A 189 -39.92 -8.75 -37.56
N LEU A 190 -38.78 -8.63 -36.87
CA LEU A 190 -37.91 -7.46 -37.00
C LEU A 190 -36.93 -7.58 -38.18
N TYR A 191 -36.24 -8.71 -38.26
CA TYR A 191 -35.15 -8.91 -39.22
C TYR A 191 -35.37 -10.08 -40.19
N GLN A 192 -36.38 -10.89 -39.92
CA GLN A 192 -36.78 -12.03 -40.77
C GLN A 192 -35.81 -13.22 -40.72
N ASN A 193 -34.53 -12.97 -40.94
CA ASN A 193 -33.52 -14.02 -40.93
C ASN A 193 -33.46 -14.66 -39.54
N PRO A 194 -33.64 -16.00 -39.47
CA PRO A 194 -33.72 -16.67 -38.16
C PRO A 194 -32.40 -16.64 -37.40
N THR A 195 -31.31 -16.91 -38.10
CA THR A 195 -29.97 -16.92 -37.52
C THR A 195 -29.20 -15.73 -38.08
N THR A 196 -28.74 -14.86 -37.19
CA THR A 196 -28.06 -13.62 -37.59
C THR A 196 -26.77 -13.40 -36.83
N TYR A 197 -25.94 -12.50 -37.36
CA TYR A 197 -24.65 -12.17 -36.76
C TYR A 197 -24.26 -10.73 -37.02
N ILE A 198 -23.24 -10.27 -36.29
CA ILE A 198 -22.61 -8.98 -36.55
C ILE A 198 -21.10 -9.14 -36.42
N SER A 199 -20.38 -8.98 -37.53
CA SER A 199 -18.93 -9.05 -37.50
C SER A 199 -18.33 -7.66 -37.62
N VAL A 200 -17.42 -7.33 -36.71
CA VAL A 200 -16.76 -6.02 -36.68
C VAL A 200 -15.25 -6.22 -36.72
N GLY A 201 -14.58 -5.53 -37.62
CA GLY A 201 -13.14 -5.68 -37.80
C GLY A 201 -12.42 -4.35 -37.85
N THR A 202 -11.23 -4.32 -37.26
CA THR A 202 -10.28 -3.22 -37.44
C THR A 202 -8.92 -3.87 -37.63
N SER A 203 -7.84 -3.10 -37.48
CA SER A 203 -6.51 -3.67 -37.46
C SER A 203 -6.34 -4.60 -36.26
N THR A 204 -7.00 -4.26 -35.16
CA THR A 204 -6.90 -5.06 -33.94
C THR A 204 -8.17 -5.86 -33.66
N LEU A 205 -9.33 -5.25 -33.86
CA LEU A 205 -10.60 -5.88 -33.49
C LEU A 205 -10.97 -7.05 -34.42
N ASN A 206 -11.38 -8.16 -33.81
CA ASN A 206 -11.87 -9.33 -34.54
C ASN A 206 -13.09 -9.90 -33.81
N GLN A 207 -14.22 -9.24 -34.01
CA GLN A 207 -15.43 -9.53 -33.26
C GLN A 207 -16.51 -10.16 -34.14
N ARG A 208 -17.30 -11.05 -33.55
CA ARG A 208 -18.49 -11.59 -34.20
C ARG A 208 -19.58 -11.86 -33.15
N LEU A 209 -20.63 -11.06 -33.18
CA LEU A 209 -21.70 -11.13 -32.20
C LEU A 209 -22.91 -11.88 -32.76
N VAL A 210 -23.53 -12.70 -31.93
CA VAL A 210 -24.78 -13.38 -32.28
C VAL A 210 -25.84 -13.08 -31.21
N PRO A 211 -27.10 -12.84 -31.64
CA PRO A 211 -28.15 -12.59 -30.65
C PRO A 211 -28.47 -13.80 -29.77
N ARG A 212 -28.45 -13.59 -28.46
CA ARG A 212 -28.86 -14.60 -27.49
C ARG A 212 -30.32 -14.38 -27.11
N ILE A 213 -31.15 -15.37 -27.38
CA ILE A 213 -32.58 -15.30 -27.07
C ILE A 213 -32.87 -15.88 -25.69
N ALA A 214 -33.70 -15.19 -24.92
CA ALA A 214 -34.13 -15.64 -23.60
C ALA A 214 -35.38 -14.90 -23.16
N THR A 215 -36.16 -15.52 -22.28
CA THR A 215 -37.33 -14.87 -21.69
C THR A 215 -36.84 -14.06 -20.50
N ARG A 216 -37.07 -12.76 -20.54
CA ARG A 216 -36.51 -11.85 -19.54
C ARG A 216 -37.60 -11.01 -18.88
N SER A 217 -37.30 -10.55 -17.68
CA SER A 217 -38.20 -9.67 -16.94
C SER A 217 -38.29 -8.32 -17.64
N LYS A 218 -39.44 -7.66 -17.54
CA LYS A 218 -39.62 -6.34 -18.11
C LYS A 218 -38.83 -5.32 -17.31
N VAL A 219 -37.93 -4.61 -18.01
CA VAL A 219 -37.25 -3.47 -17.46
C VAL A 219 -37.62 -2.29 -18.36
N ASN A 220 -38.10 -1.20 -17.76
CA ASN A 220 -38.65 -0.07 -18.51
C ASN A 220 -39.70 -0.49 -19.55
N GLY A 221 -40.54 -1.46 -19.18
CA GLY A 221 -41.63 -1.92 -20.04
C GLY A 221 -41.20 -2.77 -21.24
N GLN A 222 -39.95 -3.23 -21.25
CA GLN A 222 -39.43 -4.02 -22.35
C GLN A 222 -38.61 -5.20 -21.82
N SER A 223 -38.83 -6.37 -22.42
CA SER A 223 -38.08 -7.59 -22.07
C SER A 223 -36.93 -7.86 -23.06
N GLY A 224 -36.89 -7.09 -24.15
CA GLY A 224 -35.77 -7.15 -25.09
C GLY A 224 -34.56 -6.42 -24.53
N ARG A 225 -33.37 -6.80 -25.02
CA ARG A 225 -32.11 -6.25 -24.51
C ARG A 225 -31.22 -5.69 -25.63
N MET A 226 -30.48 -4.64 -25.30
CA MET A 226 -29.50 -4.06 -26.20
C MET A 226 -28.14 -4.11 -25.53
N GLU A 227 -27.17 -4.74 -26.18
CA GLU A 227 -25.82 -4.86 -25.64
C GLU A 227 -24.89 -3.99 -26.47
N PHE A 228 -24.25 -3.01 -25.82
CA PHE A 228 -23.45 -2.01 -26.52
C PHE A 228 -21.96 -2.24 -26.39
N PHE A 229 -21.26 -2.09 -27.52
CA PHE A 229 -19.83 -2.32 -27.60
C PHE A 229 -19.13 -1.08 -28.15
N TRP A 230 -17.82 -1.01 -27.91
CA TRP A 230 -17.03 0.14 -28.35
C TRP A 230 -15.61 -0.25 -28.74
N THR A 231 -14.94 0.67 -29.43
CA THR A 231 -13.53 0.55 -29.73
C THR A 231 -12.93 1.93 -29.91
N ILE A 232 -11.61 2.01 -29.87
CA ILE A 232 -10.89 3.22 -30.27
C ILE A 232 -10.30 2.92 -31.63
N LEU A 233 -10.76 3.66 -32.64
CA LEU A 233 -10.28 3.49 -34.00
C LEU A 233 -9.14 4.47 -34.23
N LYS A 234 -7.94 3.94 -34.43
CA LYS A 234 -6.74 4.77 -34.62
C LYS A 234 -6.75 5.44 -36.00
N PRO A 235 -5.93 6.50 -36.17
CA PRO A 235 -5.94 7.20 -37.45
C PRO A 235 -5.42 6.33 -38.59
N ASN A 236 -5.97 6.55 -39.78
CA ASN A 236 -5.54 5.84 -40.99
C ASN A 236 -5.99 4.37 -40.99
N ASP A 237 -6.83 3.99 -40.02
CA ASP A 237 -7.34 2.63 -39.89
C ASP A 237 -8.84 2.64 -40.15
N ALA A 238 -9.36 1.52 -40.65
CA ALA A 238 -10.75 1.42 -41.03
C ALA A 238 -11.49 0.41 -40.15
N ILE A 239 -12.78 0.68 -39.91
CA ILE A 239 -13.65 -0.27 -39.22
C ILE A 239 -14.64 -0.90 -40.23
N ASN A 240 -14.83 -2.21 -40.15
CA ASN A 240 -15.67 -2.95 -41.09
C ASN A 240 -16.82 -3.67 -40.39
N PHE A 241 -18.04 -3.36 -40.80
CA PHE A 241 -19.24 -4.00 -40.26
C PHE A 241 -19.86 -4.93 -41.30
N GLU A 242 -20.26 -6.12 -40.86
CA GLU A 242 -21.10 -7.01 -41.67
C GLU A 242 -22.17 -7.65 -40.79
N SER A 243 -23.43 -7.51 -41.20
CA SER A 243 -24.54 -8.10 -40.44
C SER A 243 -25.76 -8.40 -41.31
N ASN A 244 -26.41 -9.52 -41.02
CA ASN A 244 -27.68 -9.90 -41.65
C ASN A 244 -28.87 -9.75 -40.69
N GLY A 245 -28.63 -9.13 -39.52
CA GLY A 245 -29.71 -8.84 -38.57
C GLY A 245 -29.25 -8.36 -37.20
N ASN A 246 -30.18 -7.70 -36.50
CA ASN A 246 -30.01 -7.27 -35.11
C ASN A 246 -28.92 -6.22 -34.85
N PHE A 247 -28.58 -5.45 -35.90
CA PHE A 247 -27.46 -4.51 -35.84
C PHE A 247 -27.89 -3.10 -35.49
N ILE A 248 -27.23 -2.53 -34.48
CA ILE A 248 -27.42 -1.13 -34.12
C ILE A 248 -26.22 -0.37 -34.67
N ALA A 249 -26.44 0.30 -35.81
CA ALA A 249 -25.36 0.93 -36.54
C ALA A 249 -24.95 2.27 -35.91
N PRO A 250 -23.66 2.62 -36.02
CA PRO A 250 -23.22 3.93 -35.56
C PRO A 250 -23.57 5.05 -36.54
N GLU A 251 -24.38 6.01 -36.11
CA GLU A 251 -24.55 7.26 -36.84
C GLU A 251 -23.36 8.17 -36.57
N TYR A 252 -23.14 8.45 -35.28
CA TYR A 252 -22.07 9.34 -34.83
C TYR A 252 -21.01 8.61 -34.00
N ALA A 253 -19.77 9.07 -34.16
CA ALA A 253 -18.64 8.58 -33.35
C ALA A 253 -17.90 9.79 -32.79
N TYR A 254 -17.51 9.71 -31.52
CA TYR A 254 -16.85 10.83 -30.85
C TYR A 254 -15.37 10.91 -31.23
N LYS A 255 -14.89 12.14 -31.35
CA LYS A 255 -13.50 12.40 -31.75
C LYS A 255 -12.78 12.95 -30.52
N ILE A 256 -11.61 12.40 -30.22
CA ILE A 256 -10.87 12.77 -29.02
C ILE A 256 -9.85 13.84 -29.37
N VAL A 257 -10.25 15.10 -29.27
CA VAL A 257 -9.38 16.21 -29.67
C VAL A 257 -8.35 16.56 -28.59
N LYS A 258 -8.76 16.50 -27.31
CA LYS A 258 -7.86 16.79 -26.20
C LYS A 258 -7.74 15.65 -25.20
N LYS A 259 -6.49 15.28 -24.89
CA LYS A 259 -6.18 14.33 -23.84
C LYS A 259 -5.47 15.06 -22.71
N GLY A 260 -6.12 15.13 -21.54
CA GLY A 260 -5.52 15.78 -20.38
C GLY A 260 -5.90 15.12 -19.07
N ASP A 261 -5.51 15.74 -17.96
CA ASP A 261 -5.89 15.26 -16.65
C ASP A 261 -7.35 15.61 -16.38
N SER A 262 -8.14 14.57 -16.08
CA SER A 262 -9.55 14.72 -15.77
C SER A 262 -9.94 13.63 -14.79
N THR A 263 -11.18 13.67 -14.31
CA THR A 263 -11.68 12.67 -13.38
C THR A 263 -13.20 12.63 -13.39
N ILE A 264 -13.76 11.44 -13.19
CA ILE A 264 -15.19 11.30 -13.01
C ILE A 264 -15.48 11.30 -11.52
N MET A 265 -16.05 12.41 -11.07
CA MET A 265 -16.34 12.65 -9.67
C MET A 265 -17.76 12.22 -9.36
N LYS A 266 -17.93 11.50 -8.25
CA LYS A 266 -19.25 11.03 -7.84
C LYS A 266 -19.82 11.97 -6.79
N SER A 267 -20.91 12.65 -7.15
CA SER A 267 -21.51 13.64 -6.27
C SER A 267 -22.98 13.89 -6.61
N GLU A 268 -23.78 14.12 -5.57
CA GLU A 268 -25.20 14.46 -5.73
C GLU A 268 -25.38 15.98 -5.89
N LEU A 269 -24.31 16.74 -5.64
CA LEU A 269 -24.36 18.20 -5.70
C LEU A 269 -24.50 18.69 -7.13
N GLU A 270 -25.01 19.91 -7.26
CA GLU A 270 -25.28 20.51 -8.58
C GLU A 270 -24.14 21.49 -8.95
N TYR A 271 -24.42 22.79 -9.04
CA TYR A 271 -23.44 23.75 -9.55
C TYR A 271 -23.51 25.06 -8.75
N GLY A 272 -22.38 25.45 -8.16
CA GLY A 272 -22.31 26.66 -7.34
C GLY A 272 -22.08 27.96 -8.11
N ASN A 273 -21.70 27.83 -9.39
CA ASN A 273 -21.34 28.98 -10.23
C ASN A 273 -20.17 29.77 -9.64
N CYS A 274 -19.22 29.03 -9.08
CA CYS A 274 -18.05 29.55 -8.41
C CYS A 274 -16.81 29.14 -9.20
N ASN A 275 -15.64 29.54 -8.73
CA ASN A 275 -14.36 29.13 -9.31
C ASN A 275 -13.42 28.65 -8.20
N THR A 276 -12.56 27.69 -8.52
CA THR A 276 -11.60 27.18 -7.55
C THR A 276 -10.33 26.65 -8.22
N LYS A 277 -9.34 26.32 -7.40
CA LYS A 277 -8.10 25.68 -7.86
C LYS A 277 -7.95 24.26 -7.29
N CYS A 278 -8.88 23.87 -6.43
CA CYS A 278 -8.88 22.53 -5.83
C CYS A 278 -10.32 22.15 -5.55
N GLN A 279 -10.76 21.03 -6.14
CA GLN A 279 -12.15 20.62 -6.04
C GLN A 279 -12.31 19.24 -5.41
N THR A 280 -13.34 19.11 -4.57
CA THR A 280 -13.73 17.83 -4.00
C THR A 280 -15.22 17.57 -4.29
N PRO A 281 -15.65 16.29 -4.17
CA PRO A 281 -17.09 15.94 -4.27
C PRO A 281 -17.98 16.58 -3.17
N MET A 282 -17.36 17.01 -2.07
CA MET A 282 -18.06 17.72 -0.98
C MET A 282 -18.17 19.22 -1.27
N GLY A 283 -17.20 19.74 -2.01
CA GLY A 283 -17.10 21.17 -2.29
C GLY A 283 -15.68 21.56 -2.66
N ALA A 284 -15.46 22.85 -2.87
CA ALA A 284 -14.15 23.36 -3.31
C ALA A 284 -13.30 23.81 -2.13
N ILE A 285 -11.99 23.88 -2.36
CA ILE A 285 -11.01 24.25 -1.33
C ILE A 285 -10.20 25.49 -1.75
N ASN A 286 -10.07 26.43 -0.81
CA ASN A 286 -9.24 27.62 -0.98
C ASN A 286 -8.43 27.83 0.30
N SER A 287 -7.22 27.27 0.33
CA SER A 287 -6.35 27.45 1.48
C SER A 287 -4.88 27.26 1.14
N SER A 288 -4.03 27.80 2.01
CA SER A 288 -2.59 27.68 1.90
C SER A 288 -2.03 26.57 2.81
N MET A 289 -2.93 25.87 3.49
CA MET A 289 -2.52 24.80 4.41
C MET A 289 -1.85 23.66 3.63
N PRO A 290 -0.90 22.96 4.26
CA PRO A 290 -0.32 21.79 3.62
C PRO A 290 -1.25 20.57 3.62
N PHE A 291 -2.25 20.57 4.50
CA PHE A 291 -3.15 19.44 4.68
C PHE A 291 -4.61 19.86 4.67
N HIS A 292 -5.48 18.88 4.43
CA HIS A 292 -6.91 19.05 4.62
C HIS A 292 -7.54 17.71 5.00
N ASN A 293 -8.80 17.72 5.43
CA ASN A 293 -9.50 16.50 5.83
C ASN A 293 -10.92 16.40 5.26
N ILE A 294 -11.14 17.04 4.13
CA ILE A 294 -12.47 17.13 3.52
C ILE A 294 -12.87 15.83 2.83
N HIS A 295 -12.06 15.40 1.86
CA HIS A 295 -12.38 14.23 1.04
C HIS A 295 -11.11 13.75 0.30
N PRO A 296 -10.87 12.41 0.26
CA PRO A 296 -9.67 11.89 -0.40
C PRO A 296 -9.55 12.19 -1.89
N LEU A 297 -10.64 11.99 -2.63
CA LEU A 297 -10.65 12.18 -4.08
C LEU A 297 -10.78 13.66 -4.44
N THR A 298 -9.65 14.27 -4.82
CA THR A 298 -9.64 15.66 -5.25
C THR A 298 -9.02 15.80 -6.64
N ILE A 299 -9.23 16.96 -7.25
CA ILE A 299 -8.66 17.28 -8.55
C ILE A 299 -8.08 18.69 -8.46
N GLY A 300 -6.91 18.88 -9.04
CA GLY A 300 -6.25 20.18 -9.08
C GLY A 300 -5.11 20.30 -8.12
N GLU A 301 -4.68 21.54 -7.87
CA GLU A 301 -3.58 21.82 -6.96
C GLU A 301 -4.12 21.85 -5.53
N CYS A 302 -3.95 20.74 -4.82
CA CYS A 302 -4.57 20.55 -3.52
C CYS A 302 -3.56 20.24 -2.41
N PRO A 303 -3.92 20.57 -1.16
CA PRO A 303 -3.16 20.06 -0.03
C PRO A 303 -3.39 18.56 0.12
N LYS A 304 -2.59 17.89 0.95
CA LYS A 304 -2.69 16.44 1.09
C LYS A 304 -3.82 16.07 2.04
N TYR A 305 -4.54 15.02 1.71
CA TYR A 305 -5.65 14.58 2.53
C TYR A 305 -5.17 13.70 3.68
N VAL A 306 -5.69 13.98 4.88
CA VAL A 306 -5.47 13.12 6.04
C VAL A 306 -6.79 12.95 6.78
N LYS A 307 -6.90 11.88 7.56
CA LYS A 307 -8.11 11.61 8.34
C LYS A 307 -8.15 12.33 9.70
N SER A 308 -7.19 13.21 9.96
CA SER A 308 -7.11 13.88 11.26
C SER A 308 -8.23 14.91 11.42
N ASN A 309 -8.65 15.10 12.67
CA ASN A 309 -9.53 16.21 13.03
C ASN A 309 -8.73 17.45 13.39
N ARG A 310 -7.46 17.27 13.75
CA ARG A 310 -6.65 18.36 14.28
C ARG A 310 -5.14 18.14 14.06
N LEU A 311 -4.49 19.10 13.40
CA LEU A 311 -3.02 19.12 13.28
C LEU A 311 -2.49 20.52 13.57
N VAL A 312 -1.94 20.69 14.77
CA VAL A 312 -1.41 21.98 15.21
C VAL A 312 0.04 21.82 15.66
N LEU A 313 0.92 22.62 15.06
CA LEU A 313 2.35 22.62 15.41
C LEU A 313 2.64 23.74 16.40
N ALA A 314 3.37 23.41 17.46
CA ALA A 314 3.89 24.43 18.37
C ALA A 314 4.98 25.20 17.65
N THR A 315 4.86 26.52 17.66
CA THR A 315 5.94 27.41 17.22
C THR A 315 6.56 28.08 18.44
N GLY A 316 5.72 28.58 19.32
CA GLY A 316 6.17 29.24 20.53
C GLY A 316 6.46 28.25 21.64
N LEU A 317 6.57 28.78 22.85
CA LEU A 317 6.95 27.99 24.01
C LEU A 317 5.76 27.83 24.95
N ARG A 318 5.93 27.01 25.97
CA ARG A 318 4.88 26.73 26.94
C ARG A 318 4.46 28.02 27.63
N ASN A 319 3.17 28.33 27.53
CA ASN A 319 2.63 29.58 28.05
C ASN A 319 2.20 29.43 29.50
N SER A 320 2.50 30.44 30.30
CA SER A 320 2.31 30.39 31.75
C SER A 320 0.86 30.70 32.17
N PRO A 321 0.42 30.13 33.32
CA PRO A 321 -0.88 30.44 33.90
C PRO A 321 -0.80 31.60 34.91
N GLY B 1 9.95 20.49 31.94
CA GLY B 1 10.68 20.25 30.67
C GLY B 1 12.05 19.62 30.90
N LEU B 2 12.64 19.11 29.82
CA LEU B 2 13.88 18.36 29.91
C LEU B 2 15.04 19.17 30.48
N PHE B 3 15.07 20.47 30.19
CA PHE B 3 16.22 21.30 30.55
C PHE B 3 16.02 22.08 31.84
N GLY B 4 14.82 21.98 32.41
CA GLY B 4 14.58 22.40 33.78
C GLY B 4 14.43 23.88 34.03
N ALA B 5 14.38 24.68 32.97
CA ALA B 5 14.32 26.14 33.09
C ALA B 5 12.89 26.63 33.03
N ILE B 6 12.25 26.41 31.89
CA ILE B 6 10.86 26.82 31.67
C ILE B 6 9.93 26.03 32.59
N ALA B 7 9.13 26.75 33.38
CA ALA B 7 8.27 26.13 34.41
C ALA B 7 9.09 25.24 35.33
N GLY B 8 10.32 25.63 35.59
CA GLY B 8 11.26 24.83 36.38
C GLY B 8 11.83 25.69 37.47
N PHE B 9 13.10 26.07 37.34
CA PHE B 9 13.71 27.00 38.29
C PHE B 9 13.31 28.44 37.95
N ILE B 10 12.82 28.65 36.73
CA ILE B 10 12.14 29.90 36.37
C ILE B 10 10.64 29.61 36.31
N GLU B 11 9.95 29.89 37.41
CA GLU B 11 8.56 29.46 37.60
C GLU B 11 7.59 29.83 36.48
N GLY B 12 7.77 31.02 35.90
CA GLY B 12 6.83 31.54 34.90
C GLY B 12 7.43 32.51 33.92
N GLY B 13 6.69 32.73 32.83
CA GLY B 13 7.11 33.66 31.78
C GLY B 13 6.75 35.09 32.11
N TRP B 14 7.10 36.00 31.21
CA TRP B 14 6.91 37.43 31.41
C TRP B 14 5.95 38.01 30.37
N GLN B 15 4.74 38.34 30.81
CA GLN B 15 3.79 39.12 30.01
C GLN B 15 4.42 40.45 29.57
N GLY B 16 5.32 40.98 30.41
CA GLY B 16 5.97 42.27 30.15
C GLY B 16 7.07 42.30 29.11
N MET B 17 7.50 41.13 28.62
CA MET B 17 8.50 41.07 27.56
C MET B 17 7.85 40.68 26.23
N VAL B 18 7.62 41.67 25.37
CA VAL B 18 6.86 41.47 24.13
C VAL B 18 7.72 41.43 22.85
N ASP B 19 8.96 41.89 22.94
CA ASP B 19 9.82 42.03 21.76
C ASP B 19 10.74 40.81 21.53
N GLY B 20 10.51 39.73 22.26
CA GLY B 20 11.33 38.53 22.10
C GLY B 20 10.83 37.33 22.87
N TRP B 21 11.44 36.18 22.60
CA TRP B 21 11.08 34.93 23.28
C TRP B 21 11.85 34.76 24.59
N TYR B 22 13.12 35.15 24.57
CA TYR B 22 13.97 35.07 25.76
C TYR B 22 14.65 36.41 25.97
N GLY B 23 14.92 36.74 27.23
CA GLY B 23 15.60 37.98 27.53
C GLY B 23 15.88 38.19 29.01
N TYR B 24 16.09 39.45 29.38
CA TYR B 24 16.53 39.82 30.71
C TYR B 24 15.56 40.80 31.36
N HIS B 25 15.49 40.75 32.69
CA HIS B 25 14.83 41.79 33.46
C HIS B 25 15.78 42.31 34.53
N HIS B 26 16.06 43.60 34.49
CA HIS B 26 16.97 44.24 35.44
C HIS B 26 16.19 45.09 36.42
N SER B 27 16.72 45.26 37.63
CA SER B 27 16.19 46.22 38.60
C SER B 27 17.33 46.82 39.43
N ASN B 28 17.38 48.14 39.47
CA ASN B 28 18.42 48.87 40.21
C ASN B 28 17.88 50.22 40.69
N GLU B 29 18.74 51.10 41.18
CA GLU B 29 18.30 52.40 41.70
C GLU B 29 17.61 53.25 40.63
N GLN B 30 18.08 53.16 39.38
CA GLN B 30 17.55 53.95 38.28
C GLN B 30 16.19 53.46 37.77
N GLY B 31 15.92 52.17 37.92
CA GLY B 31 14.63 51.60 37.51
C GLY B 31 14.71 50.12 37.19
N SER B 32 13.70 49.63 36.48
CA SER B 32 13.65 48.24 36.05
C SER B 32 13.08 48.14 34.64
N GLY B 33 13.33 47.01 33.98
CA GLY B 33 12.82 46.80 32.63
C GLY B 33 13.20 45.50 31.94
N TYR B 34 12.45 45.18 30.89
CA TYR B 34 12.67 43.98 30.09
C TYR B 34 13.47 44.32 28.83
N ALA B 35 14.45 43.48 28.52
CA ALA B 35 15.18 43.57 27.27
C ALA B 35 15.27 42.19 26.64
N ALA B 36 14.73 42.04 25.44
CA ALA B 36 14.78 40.78 24.72
C ALA B 36 16.21 40.53 24.23
N ASP B 37 16.67 39.28 24.38
CA ASP B 37 17.95 38.85 23.82
C ASP B 37 17.73 38.50 22.34
N LYS B 38 18.23 39.36 21.46
CA LYS B 38 18.01 39.21 20.01
C LYS B 38 18.61 37.94 19.42
N GLU B 39 19.85 37.65 19.78
CA GLU B 39 20.57 36.49 19.22
C GLU B 39 19.88 35.16 19.49
N SER B 40 19.61 34.86 20.75
CA SER B 40 18.98 33.57 21.08
C SER B 40 17.57 33.48 20.50
N THR B 41 16.86 34.60 20.48
CA THR B 41 15.51 34.66 19.91
C THR B 41 15.51 34.38 18.40
N GLN B 42 16.40 35.05 17.68
CA GLN B 42 16.46 34.88 16.22
C GLN B 42 16.85 33.46 15.85
N LYS B 43 17.75 32.88 16.62
CA LYS B 43 18.17 31.49 16.45
C LYS B 43 16.99 30.54 16.62
N ALA B 44 16.15 30.83 17.61
CA ALA B 44 14.94 30.04 17.86
C ALA B 44 13.95 30.20 16.73
N ILE B 45 13.79 31.44 16.24
CA ILE B 45 12.89 31.72 15.13
C ILE B 45 13.32 30.96 13.87
N ASP B 46 14.62 30.95 13.59
CA ASP B 46 15.16 30.24 12.44
C ASP B 46 14.92 28.74 12.54
N GLY B 47 15.21 28.18 13.71
CA GLY B 47 15.08 26.74 13.94
C GLY B 47 13.66 26.24 13.76
N VAL B 48 12.70 26.97 14.31
CA VAL B 48 11.28 26.62 14.23
C VAL B 48 10.71 26.83 12.83
N THR B 49 11.16 27.88 12.15
CA THR B 49 10.74 28.12 10.78
C THR B 49 11.16 26.96 9.89
N ASN B 50 12.44 26.63 9.92
CA ASN B 50 12.99 25.52 9.12
C ASN B 50 12.25 24.22 9.39
N LYS B 51 11.97 23.97 10.67
CA LYS B 51 11.25 22.79 11.12
C LYS B 51 9.87 22.66 10.50
N VAL B 52 9.13 23.76 10.49
CA VAL B 52 7.79 23.78 9.92
C VAL B 52 7.87 23.51 8.42
N ASN B 53 8.81 24.16 7.74
CA ASN B 53 9.01 23.96 6.29
C ASN B 53 9.49 22.54 5.98
N SER B 54 10.41 22.03 6.80
CA SER B 54 10.89 20.66 6.69
C SER B 54 9.74 19.68 6.79
N ILE B 55 8.90 19.90 7.81
CA ILE B 55 7.72 19.07 8.04
C ILE B 55 6.77 19.10 6.85
N ILE B 56 6.47 20.30 6.35
CA ILE B 56 5.58 20.45 5.20
C ILE B 56 6.15 19.71 3.98
N ASP B 57 7.41 19.96 3.65
CA ASP B 57 8.06 19.38 2.46
C ASP B 57 8.08 17.85 2.46
N LYS B 58 8.33 17.24 3.61
CA LYS B 58 8.33 15.78 3.70
C LYS B 58 6.96 15.18 3.41
N MET B 59 5.91 15.88 3.80
CA MET B 59 4.54 15.43 3.56
C MET B 59 4.06 15.82 2.15
N ASN B 60 4.67 16.86 1.57
CA ASN B 60 4.31 17.35 0.23
C ASN B 60 4.08 16.25 -0.81
N THR B 61 4.99 15.28 -0.86
CA THR B 61 4.82 14.13 -1.77
C THR B 61 4.32 12.92 -0.97
N GLN B 62 3.08 12.53 -1.27
CA GLN B 62 2.32 11.56 -0.48
C GLN B 62 1.14 11.04 -1.31
N PHE B 63 0.61 9.87 -0.91
CA PHE B 63 -0.43 9.17 -1.67
C PHE B 63 -1.65 10.04 -2.02
N GLU B 64 -2.14 9.89 -3.25
CA GLU B 64 -3.36 10.56 -3.72
C GLU B 64 -4.35 9.52 -4.24
N ALA B 65 -5.57 9.54 -3.69
CA ALA B 65 -6.61 8.61 -4.09
C ALA B 65 -7.12 8.90 -5.50
N VAL B 66 -7.51 7.84 -6.22
CA VAL B 66 -8.06 7.96 -7.57
C VAL B 66 -9.36 7.13 -7.64
N GLY B 67 -10.35 7.67 -8.36
CA GLY B 67 -11.63 7.01 -8.53
C GLY B 67 -11.56 5.91 -9.58
N ARG B 68 -11.88 4.68 -9.18
CA ARG B 68 -11.87 3.53 -10.08
C ARG B 68 -13.19 2.79 -9.92
N GLU B 69 -13.78 2.42 -11.05
CA GLU B 69 -15.10 1.79 -11.07
C GLU B 69 -14.99 0.32 -11.42
N PHE B 70 -15.78 -0.50 -10.73
CA PHE B 70 -15.82 -1.94 -10.96
C PHE B 70 -17.26 -2.42 -11.04
N ASN B 71 -17.53 -3.41 -11.89
CA ASN B 71 -18.89 -3.92 -12.03
C ASN B 71 -19.24 -4.93 -10.92
N ASN B 72 -20.41 -5.55 -11.04
CA ASN B 72 -20.97 -6.38 -9.98
C ASN B 72 -20.27 -7.73 -9.76
N LEU B 73 -19.54 -8.21 -10.77
CA LEU B 73 -18.76 -9.44 -10.65
C LEU B 73 -17.26 -9.14 -10.65
N GLU B 74 -16.91 -7.98 -10.12
CA GLU B 74 -15.52 -7.58 -9.90
C GLU B 74 -15.37 -7.08 -8.46
N ARG B 75 -16.02 -7.76 -7.53
CA ARG B 75 -16.08 -7.31 -6.15
C ARG B 75 -14.77 -7.50 -5.41
N ARG B 76 -14.03 -8.54 -5.76
CA ARG B 76 -12.73 -8.81 -5.14
C ARG B 76 -11.73 -7.67 -5.40
N ILE B 77 -11.61 -7.28 -6.66
CA ILE B 77 -10.68 -6.19 -7.04
C ILE B 77 -11.18 -4.81 -6.59
N GLU B 78 -12.49 -4.65 -6.51
CA GLU B 78 -13.07 -3.44 -5.93
C GLU B 78 -12.68 -3.33 -4.46
N ASN B 79 -12.70 -4.46 -3.76
CA ASN B 79 -12.33 -4.51 -2.35
C ASN B 79 -10.84 -4.33 -2.15
N LEU B 80 -10.05 -4.92 -3.04
CA LEU B 80 -8.60 -4.76 -3.03
C LEU B 80 -8.27 -3.30 -3.19
N ASN B 81 -8.92 -2.67 -4.17
CA ASN B 81 -8.74 -1.26 -4.44
C ASN B 81 -9.08 -0.39 -3.24
N LYS B 82 -10.17 -0.70 -2.56
CA LYS B 82 -10.60 0.07 -1.39
C LYS B 82 -9.58 -0.05 -0.27
N LYS B 83 -9.13 -1.27 0.01
CA LYS B 83 -8.17 -1.52 1.08
C LYS B 83 -6.83 -0.85 0.79
N MET B 84 -6.42 -0.88 -0.46
CA MET B 84 -5.20 -0.23 -0.87
C MET B 84 -5.29 1.28 -0.60
N GLU B 85 -6.37 1.91 -1.06
CA GLU B 85 -6.55 3.36 -0.89
C GLU B 85 -6.71 3.75 0.59
N ASP B 86 -7.54 3.01 1.31
CA ASP B 86 -7.70 3.21 2.76
C ASP B 86 -6.42 2.97 3.55
N GLY B 87 -5.67 1.95 3.14
CA GLY B 87 -4.43 1.60 3.81
C GLY B 87 -3.39 2.71 3.77
N PHE B 88 -3.23 3.32 2.61
CA PHE B 88 -2.28 4.41 2.45
C PHE B 88 -2.72 5.67 3.21
N LEU B 89 -4.03 5.93 3.25
CA LEU B 89 -4.53 7.06 4.04
C LEU B 89 -4.19 6.89 5.52
N ASP B 90 -4.32 5.68 6.04
CA ASP B 90 -3.99 5.39 7.44
C ASP B 90 -2.51 5.54 7.70
N VAL B 91 -1.69 5.08 6.76
CA VAL B 91 -0.24 5.22 6.87
C VAL B 91 0.15 6.69 6.90
N TRP B 92 -0.39 7.47 5.97
CA TRP B 92 -0.05 8.89 5.88
C TRP B 92 -0.69 9.73 6.98
N THR B 93 -1.87 9.34 7.46
CA THR B 93 -2.49 10.02 8.59
C THR B 93 -1.64 9.80 9.84
N TYR B 94 -1.22 8.56 10.06
CA TYR B 94 -0.39 8.20 11.21
C TYR B 94 0.93 8.99 11.20
N ASN B 95 1.58 9.02 10.04
CA ASN B 95 2.83 9.78 9.86
C ASN B 95 2.69 11.23 10.26
N ALA B 96 1.62 11.86 9.78
CA ALA B 96 1.34 13.28 10.05
C ALA B 96 1.14 13.53 11.54
N GLU B 97 0.26 12.75 12.15
CA GLU B 97 -0.09 12.94 13.56
C GLU B 97 1.06 12.62 14.50
N LEU B 98 1.86 11.61 14.15
CA LEU B 98 3.00 11.23 14.96
C LEU B 98 4.09 12.29 14.86
N LEU B 99 4.40 12.70 13.63
CA LEU B 99 5.42 13.71 13.41
C LEU B 99 5.10 15.00 14.18
N VAL B 100 3.84 15.40 14.15
CA VAL B 100 3.40 16.58 14.89
C VAL B 100 3.62 16.38 16.39
N LEU B 101 3.14 15.26 16.94
CA LEU B 101 3.35 14.91 18.35
C LEU B 101 4.83 14.93 18.79
N MET B 102 5.68 14.27 18.02
CA MET B 102 7.09 14.15 18.36
C MET B 102 7.83 15.48 18.27
N GLU B 103 7.57 16.21 17.18
CA GLU B 103 8.26 17.47 16.94
C GLU B 103 7.74 18.61 17.81
N ASN B 104 6.46 18.59 18.16
CA ASN B 104 5.92 19.51 19.17
C ASN B 104 6.65 19.36 20.49
N GLU B 105 6.88 18.12 20.89
CA GLU B 105 7.61 17.85 22.13
C GLU B 105 9.04 18.34 22.03
N ARG B 106 9.67 18.12 20.89
CA ARG B 106 11.02 18.64 20.68
C ARG B 106 11.06 20.17 20.65
N THR B 107 10.02 20.80 20.10
CA THR B 107 9.95 22.26 20.03
C THR B 107 9.88 22.89 21.41
N LEU B 108 9.06 22.33 22.30
CA LEU B 108 8.96 22.86 23.65
C LEU B 108 10.29 22.72 24.41
N ASP B 109 10.93 21.56 24.26
CA ASP B 109 12.23 21.32 24.88
C ASP B 109 13.33 22.20 24.29
N PHE B 110 13.22 22.53 23.01
CA PHE B 110 14.16 23.43 22.33
C PHE B 110 14.11 24.80 22.99
N HIS B 111 12.91 25.30 23.23
CA HIS B 111 12.72 26.57 23.93
C HIS B 111 13.28 26.50 25.35
N ASP B 112 13.06 25.38 26.02
CA ASP B 112 13.55 25.17 27.38
C ASP B 112 15.09 25.20 27.39
N SER B 113 15.69 24.55 26.40
CA SER B 113 17.13 24.52 26.22
C SER B 113 17.72 25.92 25.97
N ASN B 114 17.06 26.71 25.13
CA ASN B 114 17.52 28.05 24.82
C ASN B 114 17.56 28.97 26.03
N VAL B 115 16.54 28.86 26.88
CA VAL B 115 16.45 29.63 28.11
C VAL B 115 17.58 29.23 29.06
N LYS B 116 17.80 27.93 29.17
CA LYS B 116 18.85 27.37 30.02
C LYS B 116 20.23 27.84 29.59
N ASN B 117 20.48 27.80 28.28
CA ASN B 117 21.76 28.17 27.74
C ASN B 117 22.03 29.66 27.91
N LEU B 118 20.98 30.45 27.78
CA LEU B 118 21.07 31.88 28.02
C LEU B 118 21.32 32.17 29.50
N TYR B 119 20.68 31.40 30.38
CA TYR B 119 20.88 31.55 31.80
C TYR B 119 22.31 31.23 32.19
N ASP B 120 22.83 30.12 31.68
CA ASP B 120 24.18 29.71 31.99
C ASP B 120 25.21 30.69 31.42
N LYS B 121 24.93 31.22 30.23
CA LYS B 121 25.79 32.21 29.58
C LYS B 121 26.05 33.38 30.53
N VAL B 122 24.98 33.87 31.15
CA VAL B 122 25.07 34.93 32.13
C VAL B 122 25.79 34.44 33.39
N ARG B 123 25.38 33.30 33.91
CA ARG B 123 25.99 32.73 35.10
C ARG B 123 27.51 32.64 34.97
N LEU B 124 27.96 32.18 33.81
CA LEU B 124 29.39 31.99 33.54
C LEU B 124 30.18 33.31 33.45
N GLN B 125 29.50 34.39 33.07
CA GLN B 125 30.11 35.71 33.05
C GLN B 125 30.26 36.26 34.46
N LEU B 126 29.16 36.22 35.21
CA LEU B 126 29.13 36.81 36.54
C LEU B 126 30.01 36.06 37.53
N ARG B 127 30.06 34.74 37.42
CA ARG B 127 30.89 33.92 38.31
C ARG B 127 30.54 34.24 39.78
N ASP B 128 31.52 34.52 40.64
CA ASP B 128 31.25 34.78 42.05
C ASP B 128 31.05 36.26 42.37
N ASN B 129 30.82 37.09 41.34
CA ASN B 129 30.50 38.51 41.53
C ASN B 129 29.03 38.80 41.78
N ALA B 130 28.19 37.75 41.82
CA ALA B 130 26.76 37.90 42.13
C ALA B 130 26.22 36.65 42.82
N LYS B 131 25.15 36.83 43.59
CA LYS B 131 24.46 35.71 44.26
C LYS B 131 23.49 35.03 43.30
N GLU B 132 23.64 33.72 43.11
CA GLU B 132 22.68 32.95 42.34
C GLU B 132 21.45 32.64 43.21
N LEU B 133 20.36 33.36 42.96
CA LEU B 133 19.17 33.30 43.84
C LEU B 133 18.38 31.99 43.77
N GLY B 134 18.46 31.28 42.63
CA GLY B 134 17.75 30.02 42.45
C GLY B 134 16.47 30.14 41.64
N ASN B 135 16.15 31.36 41.19
CA ASN B 135 14.89 31.63 40.49
C ASN B 135 15.07 32.22 39.09
N GLY B 136 16.30 32.19 38.58
CA GLY B 136 16.63 32.82 37.31
C GLY B 136 17.29 34.18 37.47
N CYS B 137 17.35 34.68 38.69
CA CYS B 137 17.91 36.00 38.96
C CYS B 137 19.30 35.91 39.60
N PHE B 138 20.10 36.93 39.33
CA PHE B 138 21.41 37.09 39.94
C PHE B 138 21.44 38.43 40.65
N GLU B 139 21.74 38.41 41.95
CA GLU B 139 21.80 39.61 42.75
C GLU B 139 23.26 40.04 42.94
N PHE B 140 23.58 41.26 42.50
CA PHE B 140 24.97 41.73 42.46
C PHE B 140 25.50 42.14 43.83
N TYR B 141 26.78 41.91 44.06
CA TYR B 141 27.45 42.40 45.27
C TYR B 141 27.75 43.89 45.13
N HIS B 142 28.11 44.29 43.91
CA HIS B 142 28.34 45.69 43.58
C HIS B 142 27.06 46.32 43.04
N LYS B 143 26.97 47.64 43.17
CA LYS B 143 25.88 48.39 42.57
C LYS B 143 26.04 48.31 41.06
N CYS B 144 24.99 47.93 40.36
CA CYS B 144 25.04 47.71 38.91
C CYS B 144 24.10 48.66 38.19
N ASP B 145 24.67 49.73 37.62
CA ASP B 145 23.88 50.73 36.88
C ASP B 145 23.44 50.18 35.51
N ASN B 146 22.77 51.01 34.71
CA ASN B 146 22.24 50.57 33.41
C ASN B 146 23.33 50.23 32.39
N GLU B 147 24.50 50.83 32.52
CA GLU B 147 25.66 50.47 31.70
C GLU B 147 26.21 49.11 32.15
N CYS B 148 26.30 48.93 33.47
CA CYS B 148 26.71 47.66 34.06
C CYS B 148 25.77 46.53 33.63
N MET B 149 24.47 46.81 33.64
CA MET B 149 23.47 45.84 33.17
C MET B 149 23.65 45.56 31.69
N GLU B 150 23.96 46.59 30.91
CA GLU B 150 24.15 46.44 29.47
C GLU B 150 25.35 45.55 29.13
N SER B 151 26.39 45.60 29.96
CA SER B 151 27.59 44.76 29.73
C SER B 151 27.29 43.27 29.93
N VAL B 152 26.38 42.97 30.85
CA VAL B 152 25.94 41.59 31.09
C VAL B 152 25.14 41.12 29.87
N ARG B 153 24.27 41.99 29.37
CA ARG B 153 23.52 41.71 28.15
C ARG B 153 24.45 41.67 26.92
N ASN B 154 25.42 42.58 26.88
CA ASN B 154 26.47 42.60 25.85
C ASN B 154 27.20 41.27 25.66
N GLY B 155 27.46 40.59 26.77
CA GLY B 155 28.46 39.52 26.84
C GLY B 155 29.81 40.10 27.25
N THR B 156 29.80 41.36 27.69
CA THR B 156 31.02 42.15 27.92
C THR B 156 31.28 42.43 29.39
N TYR B 157 30.48 41.84 30.28
CA TYR B 157 30.60 42.11 31.72
C TYR B 157 32.04 41.90 32.20
N ASP B 158 32.66 42.97 32.68
CA ASP B 158 34.06 42.93 33.10
C ASP B 158 34.20 42.43 34.53
N TYR B 159 34.35 41.11 34.67
CA TYR B 159 34.54 40.48 35.98
C TYR B 159 35.71 41.08 36.78
N PRO B 160 36.90 41.21 36.14
CA PRO B 160 38.05 41.79 36.84
C PRO B 160 37.87 43.20 37.43
N GLN B 161 36.98 44.00 36.84
CA GLN B 161 36.71 45.36 37.36
C GLN B 161 35.93 45.32 38.67
N TYR B 162 34.90 44.47 38.73
CA TYR B 162 34.02 44.38 39.89
C TYR B 162 34.44 43.31 40.89
N SER B 163 35.60 42.67 40.66
CA SER B 163 36.09 41.62 41.57
C SER B 163 36.90 42.23 42.71
N ASP C 1 48.24 28.46 35.33
CA ASP C 1 48.05 27.09 34.76
C ASP C 1 46.55 26.78 34.62
N GLN C 2 46.19 26.10 33.53
CA GLN C 2 44.79 25.76 33.26
C GLN C 2 44.62 24.45 32.51
N ILE C 3 43.45 23.84 32.70
CA ILE C 3 43.03 22.69 31.90
C ILE C 3 41.69 23.01 31.25
N CYS C 4 41.56 22.67 29.97
CA CYS C 4 40.36 22.98 29.21
C CYS C 4 39.70 21.71 28.72
N ILE C 5 38.38 21.77 28.54
CA ILE C 5 37.64 20.70 27.90
C ILE C 5 37.24 21.19 26.52
N GLY C 6 37.39 20.32 25.53
CA GLY C 6 37.13 20.69 24.14
C GLY C 6 36.84 19.49 23.27
N TYR C 7 36.61 19.76 21.99
CA TYR C 7 36.16 18.74 21.07
C TYR C 7 36.88 18.84 19.73
N HIS C 8 36.80 17.75 18.97
CA HIS C 8 37.52 17.60 17.71
C HIS C 8 37.02 18.54 16.63
N ALA C 9 37.94 19.09 15.85
CA ALA C 9 37.62 19.74 14.58
C ALA C 9 38.54 19.17 13.52
N ASN C 10 38.24 19.43 12.25
CA ASN C 10 39.09 18.99 11.15
C ASN C 10 38.79 19.73 9.85
N ASN C 11 39.41 19.29 8.76
CA ASN C 11 39.27 19.96 7.46
C ASN C 11 38.10 19.44 6.60
N SER C 12 37.22 18.64 7.19
CA SER C 12 36.08 18.07 6.50
C SER C 12 35.08 19.15 6.05
N THR C 13 34.52 18.96 4.86
CA THR C 13 33.47 19.82 4.33
C THR C 13 32.15 19.07 4.14
N GLU C 14 32.09 17.82 4.59
CA GLU C 14 30.86 17.04 4.50
C GLU C 14 29.74 17.68 5.32
N GLN C 15 28.55 17.76 4.73
CA GLN C 15 27.40 18.38 5.36
C GLN C 15 26.27 17.38 5.52
N VAL C 16 25.43 17.59 6.53
CA VAL C 16 24.24 16.79 6.74
C VAL C 16 23.06 17.71 7.01
N ASP C 17 21.86 17.22 6.75
CA ASP C 17 20.64 17.96 7.07
C ASP C 17 20.03 17.45 8.37
N THR C 18 19.35 18.36 9.06
CA THR C 18 18.52 18.04 10.23
C THR C 18 17.18 18.72 10.04
N ILE C 19 16.27 18.56 10.99
CA ILE C 19 14.94 19.18 10.89
C ILE C 19 15.05 20.71 10.93
N MET C 20 15.84 21.23 11.87
CA MET C 20 15.92 22.66 12.11
C MET C 20 16.98 23.38 11.29
N GLU C 21 17.92 22.62 10.72
CA GLU C 21 19.04 23.23 10.00
C GLU C 21 19.52 22.33 8.87
N LYS C 22 19.78 22.95 7.72
CA LYS C 22 20.28 22.24 6.55
C LYS C 22 21.73 22.60 6.31
N ASN C 23 22.45 21.70 5.65
CA ASN C 23 23.84 21.93 5.27
C ASN C 23 24.75 22.22 6.47
N VAL C 24 24.59 21.42 7.51
CA VAL C 24 25.44 21.49 8.71
C VAL C 24 26.76 20.74 8.46
N THR C 25 27.88 21.44 8.50
CA THR C 25 29.18 20.82 8.27
C THR C 25 29.59 19.98 9.48
N VAL C 26 29.96 18.73 9.22
CA VAL C 26 30.33 17.78 10.27
C VAL C 26 31.71 17.20 10.03
N THR C 27 32.33 16.73 11.10
CA THR C 27 33.68 16.19 11.04
C THR C 27 33.71 14.84 10.33
N HIS C 28 32.67 14.04 10.56
CA HIS C 28 32.55 12.74 9.93
C HIS C 28 31.11 12.49 9.55
N ALA C 29 30.91 11.75 8.47
CA ALA C 29 29.59 11.43 7.97
C ALA C 29 29.64 10.07 7.27
N GLN C 30 28.47 9.55 6.93
CA GLN C 30 28.40 8.28 6.20
C GLN C 30 27.27 8.32 5.18
N ASP C 31 27.65 8.33 3.91
CA ASP C 31 26.68 8.21 2.83
C ASP C 31 26.15 6.77 2.83
N ILE C 32 24.83 6.64 2.74
CA ILE C 32 24.17 5.33 2.74
C ILE C 32 23.36 5.09 1.46
N LEU C 33 23.45 6.01 0.50
CA LEU C 33 22.73 5.90 -0.76
C LEU C 33 23.68 5.62 -1.92
N GLU C 34 23.50 4.46 -2.57
CA GLU C 34 24.24 4.16 -3.79
C GLU C 34 23.64 4.91 -4.97
N LYS C 35 24.44 5.78 -5.59
CA LYS C 35 23.96 6.67 -6.66
C LYS C 35 24.39 6.22 -8.07
N THR C 36 25.32 5.28 -8.17
CA THR C 36 25.91 4.91 -9.47
C THR C 36 25.61 3.48 -9.92
N HIS C 37 25.72 3.27 -11.23
CA HIS C 37 25.64 1.95 -11.86
C HIS C 37 26.60 1.96 -13.05
N ASN C 38 26.92 0.78 -13.59
CA ASN C 38 27.88 0.69 -14.71
C ASN C 38 27.27 1.03 -16.08
N GLY C 39 25.94 0.94 -16.19
CA GLY C 39 25.23 1.34 -17.41
C GLY C 39 24.99 0.19 -18.38
N LYS C 40 25.18 -1.04 -17.90
CA LYS C 40 25.19 -2.23 -18.73
C LYS C 40 24.27 -3.32 -18.22
N LEU C 41 23.77 -4.14 -19.14
CA LEU C 41 23.04 -5.35 -18.80
C LEU C 41 24.05 -6.48 -18.64
N CYS C 42 24.04 -7.14 -17.48
CA CYS C 42 25.11 -8.03 -17.07
C CYS C 42 24.61 -9.43 -16.72
N ASP C 43 25.54 -10.38 -16.69
CA ASP C 43 25.29 -11.70 -16.14
C ASP C 43 25.01 -11.57 -14.64
N LEU C 44 23.99 -12.28 -14.16
CA LEU C 44 23.67 -12.28 -12.73
C LEU C 44 24.21 -13.54 -12.08
N ASP C 45 25.12 -13.35 -11.12
CA ASP C 45 25.76 -14.47 -10.42
C ASP C 45 26.46 -15.41 -11.41
N GLY C 46 27.00 -14.84 -12.48
CA GLY C 46 27.64 -15.62 -13.55
C GLY C 46 26.67 -16.15 -14.60
N VAL C 47 25.39 -16.22 -14.26
CA VAL C 47 24.36 -16.81 -15.12
C VAL C 47 23.80 -15.77 -16.08
N LYS C 48 23.97 -16.02 -17.38
CA LYS C 48 23.63 -15.04 -18.41
C LYS C 48 22.12 -14.82 -18.53
N PRO C 49 21.70 -13.55 -18.73
CA PRO C 49 20.28 -13.32 -19.01
C PRO C 49 19.89 -13.76 -20.42
N LEU C 50 18.62 -14.14 -20.58
CA LEU C 50 18.05 -14.37 -21.90
C LEU C 50 17.69 -13.02 -22.50
N ILE C 51 18.49 -12.55 -23.45
CA ILE C 51 18.23 -11.28 -24.11
C ILE C 51 17.56 -11.56 -25.45
N LEU C 52 16.28 -11.22 -25.53
CA LEU C 52 15.49 -11.50 -26.73
C LEU C 52 15.80 -10.55 -27.89
N ARG C 53 16.53 -9.47 -27.59
CA ARG C 53 16.92 -8.47 -28.58
C ARG C 53 15.65 -7.81 -29.16
N ASP C 54 15.35 -8.02 -30.44
CA ASP C 54 14.15 -7.45 -31.06
C ASP C 54 12.97 -8.42 -31.09
N CYS C 55 13.18 -9.66 -30.65
CA CYS C 55 12.08 -10.63 -30.53
C CYS C 55 11.29 -10.41 -29.24
N SER C 56 10.01 -10.71 -29.28
CA SER C 56 9.15 -10.68 -28.09
C SER C 56 9.07 -12.08 -27.48
N VAL C 57 8.37 -12.19 -26.36
CA VAL C 57 8.19 -13.47 -25.69
C VAL C 57 7.32 -14.39 -26.55
N ALA C 58 6.30 -13.81 -27.18
CA ALA C 58 5.44 -14.53 -28.12
C ALA C 58 6.23 -15.03 -29.32
N GLY C 59 7.01 -14.14 -29.94
CA GLY C 59 7.85 -14.49 -31.07
C GLY C 59 8.78 -15.65 -30.76
N TRP C 60 9.41 -15.60 -29.59
CA TRP C 60 10.30 -16.67 -29.14
C TRP C 60 9.53 -17.98 -28.93
N LEU C 61 8.44 -17.92 -28.16
CA LEU C 61 7.71 -19.14 -27.77
C LEU C 61 6.97 -19.80 -28.93
N LEU C 62 6.36 -19.01 -29.80
CA LEU C 62 5.70 -19.54 -30.99
C LEU C 62 6.71 -20.01 -32.05
N GLY C 63 7.95 -19.52 -31.97
CA GLY C 63 9.00 -19.92 -32.90
C GLY C 63 8.93 -19.13 -34.20
N ASN C 64 8.80 -17.82 -34.07
CA ASN C 64 8.87 -16.91 -35.21
C ASN C 64 10.23 -17.07 -35.90
N PRO C 65 10.25 -17.18 -37.25
CA PRO C 65 11.49 -17.45 -38.01
C PRO C 65 12.65 -16.45 -37.80
N MET C 66 12.34 -15.23 -37.38
CA MET C 66 13.36 -14.23 -37.04
C MET C 66 14.02 -14.53 -35.69
N CYS C 67 13.35 -15.34 -34.88
CA CYS C 67 13.82 -15.68 -33.54
C CYS C 67 14.48 -17.06 -33.52
N ASP C 68 15.18 -17.39 -34.61
CA ASP C 68 15.96 -18.62 -34.71
C ASP C 68 17.11 -18.66 -33.70
N GLU C 69 17.54 -17.49 -33.23
CA GLU C 69 18.53 -17.44 -32.16
C GLU C 69 18.05 -18.17 -30.90
N PHE C 70 16.73 -18.13 -30.67
CA PHE C 70 16.15 -18.59 -29.41
C PHE C 70 15.43 -19.94 -29.49
N ILE C 71 15.85 -20.80 -30.41
CA ILE C 71 15.46 -22.22 -30.40
C ILE C 71 16.41 -22.98 -29.47
N ASN C 72 15.84 -23.78 -28.56
CA ASN C 72 16.61 -24.50 -27.54
C ASN C 72 17.55 -23.60 -26.72
N VAL C 73 16.99 -22.56 -26.11
CA VAL C 73 17.78 -21.62 -25.31
C VAL C 73 18.36 -22.25 -24.04
N PRO C 74 19.55 -21.79 -23.61
CA PRO C 74 20.10 -22.23 -22.34
C PRO C 74 19.37 -21.54 -21.19
N GLU C 75 19.55 -22.04 -19.98
CA GLU C 75 18.88 -21.46 -18.82
C GLU C 75 19.34 -20.02 -18.58
N TRP C 76 18.43 -19.22 -18.04
CA TRP C 76 18.65 -17.79 -17.87
C TRP C 76 18.45 -17.38 -16.41
N SER C 77 19.19 -16.37 -15.98
CA SER C 77 18.99 -15.77 -14.67
C SER C 77 17.75 -14.89 -14.69
N TYR C 78 17.63 -14.09 -15.74
CA TYR C 78 16.46 -13.26 -15.97
C TYR C 78 16.29 -13.01 -17.48
N ILE C 79 15.15 -12.47 -17.88
CA ILE C 79 14.85 -12.22 -19.29
C ILE C 79 14.84 -10.72 -19.56
N VAL C 80 15.31 -10.33 -20.75
CA VAL C 80 15.31 -8.93 -21.17
C VAL C 80 14.53 -8.76 -22.47
N GLU C 81 13.51 -7.91 -22.43
CA GLU C 81 12.65 -7.65 -23.57
C GLU C 81 12.51 -6.15 -23.77
N LYS C 82 12.49 -5.70 -25.02
CA LYS C 82 12.31 -4.28 -25.31
C LYS C 82 10.88 -3.82 -25.07
N ALA C 83 10.67 -2.51 -25.07
CA ALA C 83 9.34 -1.93 -24.88
C ALA C 83 8.42 -2.21 -26.07
N ASN C 84 8.97 -2.14 -27.29
CA ASN C 84 8.19 -2.39 -28.51
C ASN C 84 8.95 -3.26 -29.52
N PRO C 85 9.17 -4.54 -29.17
CA PRO C 85 9.93 -5.44 -30.08
C PRO C 85 9.23 -5.62 -31.42
N VAL C 86 9.99 -5.46 -32.51
CA VAL C 86 9.42 -5.56 -33.86
C VAL C 86 9.03 -7.00 -34.24
N ASN C 87 9.83 -7.97 -33.82
CA ASN C 87 9.58 -9.38 -34.15
C ASN C 87 8.64 -10.03 -33.14
N ASP C 88 7.36 -9.65 -33.22
CA ASP C 88 6.34 -10.19 -32.34
C ASP C 88 5.53 -11.23 -33.14
N LEU C 89 4.24 -11.02 -33.31
CA LEU C 89 3.41 -11.90 -34.12
C LEU C 89 3.52 -11.48 -35.58
N CYS C 90 4.35 -12.22 -36.33
CA CYS C 90 4.58 -11.92 -37.74
C CYS C 90 3.28 -12.00 -38.53
N TYR C 91 2.57 -13.12 -38.39
CA TYR C 91 1.21 -13.22 -38.89
C TYR C 91 0.28 -12.59 -37.84
N PRO C 92 -0.56 -11.62 -38.25
CA PRO C 92 -1.34 -10.85 -37.27
C PRO C 92 -2.28 -11.72 -36.43
N GLY C 93 -2.59 -11.26 -35.23
CA GLY C 93 -3.49 -11.98 -34.35
C GLY C 93 -3.42 -11.56 -32.90
N ASP C 94 -3.87 -12.46 -32.02
CA ASP C 94 -3.81 -12.26 -30.58
C ASP C 94 -3.14 -13.46 -29.94
N PHE C 95 -2.63 -13.24 -28.74
CA PHE C 95 -2.10 -14.30 -27.90
C PHE C 95 -2.97 -14.32 -26.65
N ASN C 96 -3.66 -15.43 -26.44
CA ASN C 96 -4.62 -15.54 -25.36
C ASN C 96 -3.95 -15.71 -24.01
N ASP C 97 -4.40 -14.93 -23.03
CA ASP C 97 -3.81 -14.89 -21.68
C ASP C 97 -2.29 -14.77 -21.75
N TYR C 98 -1.83 -13.81 -22.56
CA TYR C 98 -0.41 -13.58 -22.81
C TYR C 98 0.30 -13.07 -21.55
N GLU C 99 -0.38 -12.20 -20.82
CA GLU C 99 0.18 -11.59 -19.62
C GLU C 99 0.27 -12.59 -18.48
N GLU C 100 -0.73 -13.46 -18.37
CA GLU C 100 -0.71 -14.55 -17.40
C GLU C 100 0.41 -15.55 -17.70
N LEU C 101 0.69 -15.76 -18.99
CA LEU C 101 1.80 -16.65 -19.38
C LEU C 101 3.14 -15.99 -19.07
N LYS C 102 3.25 -14.71 -19.42
CA LYS C 102 4.44 -13.92 -19.07
C LYS C 102 4.69 -13.91 -17.57
N HIS C 103 3.61 -13.87 -16.78
CA HIS C 103 3.74 -13.94 -15.34
C HIS C 103 4.30 -15.30 -14.91
N LEU C 104 3.88 -16.35 -15.60
CA LEU C 104 4.35 -17.70 -15.33
C LEU C 104 5.87 -17.81 -15.52
N LEU C 105 6.39 -17.08 -16.51
CA LEU C 105 7.82 -17.03 -16.81
C LEU C 105 8.67 -16.43 -15.70
N SER C 106 8.07 -15.61 -14.84
CA SER C 106 8.79 -15.06 -13.70
C SER C 106 9.17 -16.15 -12.68
N ARG C 107 8.48 -17.30 -12.74
CA ARG C 107 8.81 -18.47 -11.92
C ARG C 107 9.65 -19.51 -12.66
N ILE C 108 10.13 -19.20 -13.86
CA ILE C 108 10.79 -20.19 -14.72
C ILE C 108 12.20 -19.74 -15.12
N ASN C 109 13.16 -20.64 -14.94
CA ASN C 109 14.57 -20.40 -15.30
C ASN C 109 15.04 -21.16 -16.54
N HIS C 110 14.41 -22.28 -16.85
CA HIS C 110 14.80 -23.04 -18.04
C HIS C 110 13.67 -23.84 -18.70
N PHE C 111 13.60 -23.71 -20.02
CA PHE C 111 12.73 -24.54 -20.85
C PHE C 111 13.60 -25.53 -21.61
N GLU C 112 13.08 -26.75 -21.80
CA GLU C 112 13.66 -27.71 -22.76
C GLU C 112 12.59 -28.05 -23.79
N LYS C 113 12.91 -27.85 -25.06
CA LYS C 113 11.95 -28.09 -26.13
C LYS C 113 11.88 -29.57 -26.50
N ILE C 114 10.67 -30.08 -26.72
CA ILE C 114 10.48 -31.45 -27.18
C ILE C 114 9.35 -31.55 -28.21
N GLN C 115 9.46 -32.53 -29.10
CA GLN C 115 8.45 -32.79 -30.12
C GLN C 115 7.36 -33.70 -29.55
N ILE C 116 6.12 -33.24 -29.62
CA ILE C 116 4.96 -34.05 -29.19
C ILE C 116 4.17 -34.58 -30.39
N ILE C 117 3.95 -33.74 -31.40
CA ILE C 117 3.37 -34.17 -32.68
C ILE C 117 4.44 -34.00 -33.76
N PRO C 118 4.87 -35.11 -34.39
CA PRO C 118 5.77 -34.95 -35.53
C PRO C 118 5.07 -34.38 -36.78
N LYS C 119 5.77 -33.53 -37.52
CA LYS C 119 5.21 -32.89 -38.71
C LYS C 119 4.94 -33.91 -39.82
N SER C 120 5.83 -34.89 -39.94
CA SER C 120 5.67 -36.00 -40.88
C SER C 120 4.42 -36.83 -40.58
N SER C 121 4.04 -36.89 -39.30
CA SER C 121 2.91 -37.72 -38.86
C SER C 121 1.55 -37.38 -39.48
N TRP C 122 1.42 -36.19 -40.05
CA TRP C 122 0.17 -35.77 -40.66
C TRP C 122 0.04 -36.39 -42.05
N SER C 123 -0.28 -37.69 -42.07
CA SER C 123 -0.35 -38.47 -43.30
C SER C 123 -1.65 -38.24 -44.08
N SER C 124 -2.71 -37.88 -43.36
CA SER C 124 -4.03 -37.65 -43.95
C SER C 124 -4.28 -36.17 -44.30
N HIS C 125 -3.36 -35.29 -43.91
CA HIS C 125 -3.48 -33.86 -44.18
C HIS C 125 -2.21 -33.32 -44.82
N GLU C 126 -2.29 -32.13 -45.40
CA GLU C 126 -1.12 -31.45 -45.94
C GLU C 126 -0.56 -30.51 -44.87
N ALA C 127 0.75 -30.63 -44.60
CA ALA C 127 1.38 -29.91 -43.50
C ALA C 127 2.52 -28.97 -43.89
N SER C 128 3.01 -29.08 -45.13
CA SER C 128 4.22 -28.36 -45.56
C SER C 128 3.93 -27.09 -46.36
N LEU C 129 2.65 -26.82 -46.64
CA LEU C 129 2.26 -25.65 -47.41
C LEU C 129 1.61 -24.58 -46.53
N GLY C 130 1.63 -24.78 -45.22
CA GLY C 130 1.04 -23.82 -44.27
C GLY C 130 1.97 -22.69 -43.91
N VAL C 131 2.24 -21.82 -44.89
CA VAL C 131 3.15 -20.67 -44.71
C VAL C 131 2.47 -19.37 -45.14
N SER C 132 3.18 -18.25 -44.95
CA SER C 132 2.67 -16.93 -45.31
C SER C 132 3.81 -15.95 -45.56
N SER C 133 3.52 -14.93 -46.37
CA SER C 133 4.48 -13.87 -46.66
C SER C 133 4.68 -12.94 -45.45
N ALA C 134 3.76 -13.00 -44.49
CA ALA C 134 3.87 -12.21 -43.25
C ALA C 134 5.00 -12.70 -42.35
N CYS C 135 5.29 -14.00 -42.38
CA CYS C 135 6.44 -14.58 -41.67
C CYS C 135 7.50 -15.06 -42.68
N PRO C 136 8.35 -14.14 -43.18
CA PRO C 136 9.40 -14.52 -44.13
C PRO C 136 10.69 -15.02 -43.47
N TYR C 137 11.31 -16.03 -44.08
CA TYR C 137 12.62 -16.54 -43.66
C TYR C 137 13.52 -16.77 -44.88
N GLN C 138 14.66 -16.08 -44.91
CA GLN C 138 15.61 -16.15 -46.03
C GLN C 138 14.96 -15.82 -47.38
N GLY C 139 14.10 -14.80 -47.39
CA GLY C 139 13.44 -14.33 -48.60
C GLY C 139 12.26 -15.17 -49.07
N LYS C 140 11.93 -16.21 -48.31
CA LYS C 140 10.87 -17.14 -48.66
C LYS C 140 9.82 -17.17 -47.55
N SER C 141 8.59 -17.51 -47.92
CA SER C 141 7.47 -17.55 -46.97
C SER C 141 7.63 -18.70 -45.98
N SER C 142 7.44 -18.39 -44.70
CA SER C 142 7.64 -19.36 -43.62
C SER C 142 6.50 -19.22 -42.60
N PHE C 143 6.67 -19.82 -41.43
CA PHE C 143 5.68 -19.71 -40.35
C PHE C 143 6.33 -19.97 -38.99
N PHE C 144 5.58 -19.70 -37.92
CA PHE C 144 6.01 -20.05 -36.58
C PHE C 144 6.45 -21.52 -36.56
N ARG C 145 7.73 -21.75 -36.26
CA ARG C 145 8.33 -23.09 -36.36
C ARG C 145 7.77 -24.13 -35.40
N ASN C 146 7.20 -23.69 -34.28
CA ASN C 146 6.74 -24.63 -33.24
C ASN C 146 5.35 -25.19 -33.47
N VAL C 147 4.59 -24.58 -34.37
CA VAL C 147 3.25 -25.07 -34.71
C VAL C 147 3.05 -25.25 -36.21
N VAL C 148 2.21 -26.21 -36.59
CA VAL C 148 1.99 -26.57 -37.98
C VAL C 148 0.63 -26.03 -38.48
N TRP C 149 0.67 -25.22 -39.53
CA TRP C 149 -0.56 -24.75 -40.18
C TRP C 149 -1.04 -25.83 -41.16
N LEU C 150 -2.08 -26.57 -40.75
CA LEU C 150 -2.58 -27.70 -41.53
C LEU C 150 -3.64 -27.27 -42.54
N ILE C 151 -3.58 -27.86 -43.73
CA ILE C 151 -4.57 -27.62 -44.79
C ILE C 151 -5.01 -28.94 -45.43
N LYS C 152 -6.10 -28.86 -46.20
CA LYS C 152 -6.69 -30.03 -46.87
C LYS C 152 -5.74 -30.70 -47.86
N LYS C 153 -5.87 -32.03 -47.99
CA LYS C 153 -5.11 -32.80 -48.98
C LYS C 153 -6.04 -33.35 -50.06
N ASN C 154 -5.71 -33.05 -51.31
CA ASN C 154 -6.53 -33.42 -52.48
C ASN C 154 -7.99 -32.97 -52.33
N SER C 155 -8.17 -31.75 -51.84
CA SER C 155 -9.49 -31.13 -51.72
C SER C 155 -10.40 -31.83 -50.69
N THR C 156 -9.82 -32.31 -49.60
CA THR C 156 -10.58 -32.92 -48.50
C THR C 156 -9.87 -32.67 -47.17
N TYR C 157 -10.60 -32.15 -46.19
CA TYR C 157 -10.05 -31.97 -44.83
C TYR C 157 -10.77 -32.91 -43.87
N PRO C 158 -10.24 -34.14 -43.70
CA PRO C 158 -10.84 -35.08 -42.76
C PRO C 158 -10.65 -34.64 -41.31
N THR C 159 -11.57 -35.07 -40.44
CA THR C 159 -11.52 -34.71 -39.03
C THR C 159 -10.24 -35.22 -38.40
N ILE C 160 -9.61 -34.37 -37.59
CA ILE C 160 -8.38 -34.69 -36.89
C ILE C 160 -8.72 -35.12 -35.47
N LYS C 161 -8.20 -36.27 -35.04
CA LYS C 161 -8.31 -36.69 -33.65
C LYS C 161 -6.93 -37.09 -33.15
N ARG C 162 -6.33 -36.23 -32.32
CA ARG C 162 -4.97 -36.46 -31.83
C ARG C 162 -4.89 -36.30 -30.32
N SER C 163 -4.15 -37.21 -29.69
CA SER C 163 -3.98 -37.23 -28.25
C SER C 163 -2.50 -37.39 -27.91
N TYR C 164 -2.02 -36.62 -26.93
CA TYR C 164 -0.67 -36.80 -26.41
C TYR C 164 -0.66 -37.01 -24.90
N ASN C 165 0.04 -38.06 -24.46
CA ASN C 165 0.19 -38.38 -23.04
C ASN C 165 1.52 -37.87 -22.49
N ASN C 166 1.46 -37.03 -21.46
CA ASN C 166 2.66 -36.48 -20.85
C ASN C 166 3.37 -37.48 -19.93
N THR C 167 4.29 -38.24 -20.51
CA THR C 167 5.05 -39.26 -19.77
C THR C 167 6.28 -38.69 -19.05
N ASN C 168 6.63 -37.43 -19.33
CA ASN C 168 7.72 -36.76 -18.62
C ASN C 168 7.24 -36.44 -17.22
N GLN C 169 8.15 -36.47 -16.24
CA GLN C 169 7.78 -36.06 -14.89
C GLN C 169 8.00 -34.54 -14.71
N GLU C 170 7.31 -33.78 -15.57
CA GLU C 170 7.40 -32.32 -15.60
C GLU C 170 6.04 -31.77 -16.06
N ASP C 171 5.76 -30.53 -15.68
CA ASP C 171 4.70 -29.75 -16.31
C ASP C 171 5.16 -29.45 -17.73
N LEU C 172 4.21 -29.36 -18.66
CA LEU C 172 4.52 -29.12 -20.06
C LEU C 172 3.71 -27.96 -20.62
N LEU C 173 4.41 -26.98 -21.19
CA LEU C 173 3.75 -25.86 -21.85
C LEU C 173 3.43 -26.22 -23.30
N VAL C 174 2.13 -26.40 -23.58
CA VAL C 174 1.65 -26.71 -24.92
C VAL C 174 1.04 -25.45 -25.54
N LEU C 175 1.44 -25.15 -26.77
CA LEU C 175 0.91 -24.03 -27.53
C LEU C 175 0.20 -24.54 -28.78
N TRP C 176 -0.94 -23.93 -29.12
CA TRP C 176 -1.62 -24.19 -30.38
C TRP C 176 -2.38 -22.95 -30.84
N GLY C 177 -3.01 -23.04 -32.00
CA GLY C 177 -3.71 -21.89 -32.57
C GLY C 177 -4.91 -22.23 -33.42
N ILE C 178 -5.73 -21.21 -33.68
CA ILE C 178 -6.84 -21.30 -34.61
C ILE C 178 -6.64 -20.20 -35.65
N HIS C 179 -7.02 -20.48 -36.90
CA HIS C 179 -6.94 -19.48 -37.96
C HIS C 179 -8.32 -18.89 -38.27
N HIS C 180 -8.37 -17.57 -38.35
CA HIS C 180 -9.57 -16.84 -38.71
C HIS C 180 -9.43 -16.34 -40.15
N PRO C 181 -10.20 -16.91 -41.09
CA PRO C 181 -10.10 -16.54 -42.50
C PRO C 181 -10.85 -15.25 -42.83
N ASN C 182 -10.53 -14.66 -43.98
CA ASN C 182 -11.13 -13.39 -44.41
C ASN C 182 -12.61 -13.48 -44.77
N ASP C 183 -12.96 -14.51 -45.55
CA ASP C 183 -14.33 -14.70 -46.03
C ASP C 183 -14.69 -16.18 -46.20
N ALA C 184 -15.97 -16.45 -46.50
CA ALA C 184 -16.46 -17.82 -46.69
C ALA C 184 -15.76 -18.56 -47.84
N ALA C 185 -15.34 -17.82 -48.85
CA ALA C 185 -14.62 -18.40 -49.99
C ALA C 185 -13.22 -18.88 -49.60
N GLU C 186 -12.56 -18.13 -48.72
CA GLU C 186 -11.23 -18.51 -48.23
C GLU C 186 -11.30 -19.69 -47.26
N GLN C 187 -12.34 -19.74 -46.44
CA GLN C 187 -12.59 -20.87 -45.54
C GLN C 187 -12.63 -22.18 -46.33
N THR C 188 -13.42 -22.20 -47.40
CA THR C 188 -13.55 -23.37 -48.25
C THR C 188 -12.26 -23.65 -49.02
N LYS C 189 -11.60 -22.60 -49.52
CA LYS C 189 -10.35 -22.75 -50.25
C LYS C 189 -9.27 -23.47 -49.43
N LEU C 190 -9.18 -23.14 -48.14
CA LEU C 190 -8.16 -23.69 -47.26
C LEU C 190 -8.54 -25.05 -46.66
N TYR C 191 -9.75 -25.12 -46.11
CA TYR C 191 -10.21 -26.29 -45.35
C TYR C 191 -11.47 -26.96 -45.91
N GLN C 192 -12.11 -26.29 -46.88
CA GLN C 192 -13.31 -26.81 -47.56
C GLN C 192 -14.58 -26.82 -46.72
N ASN C 193 -14.50 -27.41 -45.53
CA ASN C 193 -15.66 -27.49 -44.64
C ASN C 193 -16.10 -26.09 -44.23
N PRO C 194 -17.39 -25.75 -44.48
CA PRO C 194 -17.85 -24.37 -44.23
C PRO C 194 -17.86 -24.02 -42.75
N THR C 195 -18.35 -24.93 -41.92
CA THR C 195 -18.45 -24.74 -40.48
C THR C 195 -17.44 -25.67 -39.81
N THR C 196 -16.52 -25.09 -39.05
CA THR C 196 -15.43 -25.86 -38.44
C THR C 196 -15.25 -25.53 -36.97
N TYR C 197 -14.54 -26.40 -36.27
CA TYR C 197 -14.28 -26.23 -34.84
C TYR C 197 -12.94 -26.82 -34.44
N ILE C 198 -12.51 -26.49 -33.23
CA ILE C 198 -11.34 -27.12 -32.59
C ILE C 198 -11.66 -27.37 -31.13
N SER C 199 -11.74 -28.64 -30.75
CA SER C 199 -11.98 -28.98 -29.36
C SER C 199 -10.68 -29.50 -28.72
N VAL C 200 -10.33 -28.93 -27.57
CA VAL C 200 -9.13 -29.30 -26.84
C VAL C 200 -9.51 -29.71 -25.42
N GLY C 201 -9.03 -30.87 -24.99
CA GLY C 201 -9.37 -31.39 -23.67
C GLY C 201 -8.15 -31.85 -22.90
N THR C 202 -8.17 -31.63 -21.59
CA THR C 202 -7.23 -32.22 -20.65
C THR C 202 -8.06 -32.67 -19.45
N SER C 203 -7.40 -32.95 -18.33
CA SER C 203 -8.11 -33.20 -17.09
C SER C 203 -8.89 -31.95 -16.66
N THR C 204 -8.32 -30.78 -16.95
CA THR C 204 -8.93 -29.50 -16.56
C THR C 204 -9.53 -28.77 -17.75
N LEU C 205 -8.83 -28.75 -18.88
CA LEU C 205 -9.25 -27.95 -20.03
C LEU C 205 -10.49 -28.54 -20.72
N ASN C 206 -11.45 -27.66 -21.02
CA ASN C 206 -12.65 -28.02 -21.79
C ASN C 206 -12.96 -26.91 -22.78
N GLN C 207 -12.20 -26.91 -23.88
CA GLN C 207 -12.24 -25.83 -24.85
C GLN C 207 -12.87 -26.26 -26.17
N ARG C 208 -13.57 -25.34 -26.83
CA ARG C 208 -14.05 -25.55 -28.19
C ARG C 208 -14.05 -24.22 -28.95
N LEU C 209 -13.15 -24.10 -29.91
CA LEU C 209 -12.95 -22.86 -30.66
C LEU C 209 -13.63 -22.95 -32.02
N VAL C 210 -14.25 -21.85 -32.45
CA VAL C 210 -14.82 -21.74 -33.79
C VAL C 210 -14.25 -20.49 -34.48
N PRO C 211 -13.93 -20.59 -35.79
CA PRO C 211 -13.42 -19.42 -36.50
C PRO C 211 -14.46 -18.30 -36.64
N ARG C 212 -14.07 -17.09 -36.23
CA ARG C 212 -14.87 -15.89 -36.41
C ARG C 212 -14.44 -15.18 -37.69
N ILE C 213 -15.37 -15.04 -38.64
CA ILE C 213 -15.08 -14.39 -39.91
C ILE C 213 -15.43 -12.89 -39.84
N ALA C 214 -14.53 -12.06 -40.37
CA ALA C 214 -14.75 -10.63 -40.44
C ALA C 214 -13.81 -9.99 -41.46
N THR C 215 -14.20 -8.85 -42.01
CA THR C 215 -13.35 -8.08 -42.91
C THR C 215 -12.44 -7.22 -42.05
N ARG C 216 -11.14 -7.41 -42.19
CA ARG C 216 -10.17 -6.77 -41.30
C ARG C 216 -9.12 -6.00 -42.08
N SER C 217 -8.54 -4.99 -41.43
CA SER C 217 -7.46 -4.21 -42.03
C SER C 217 -6.22 -5.07 -42.20
N LYS C 218 -5.44 -4.78 -43.23
CA LYS C 218 -4.19 -5.49 -43.47
C LYS C 218 -3.16 -5.13 -42.41
N VAL C 219 -2.67 -6.14 -41.71
CA VAL C 219 -1.55 -6.00 -40.81
C VAL C 219 -0.48 -6.94 -41.34
N ASN C 220 0.73 -6.43 -41.55
CA ASN C 220 1.81 -7.20 -42.20
C ASN C 220 1.36 -7.83 -43.54
N GLY C 221 0.56 -7.09 -44.30
CA GLY C 221 0.11 -7.53 -45.62
C GLY C 221 -0.94 -8.64 -45.61
N GLN C 222 -1.53 -8.91 -44.45
CA GLN C 222 -2.54 -9.97 -44.32
C GLN C 222 -3.71 -9.49 -43.48
N SER C 223 -4.92 -9.80 -43.93
CA SER C 223 -6.15 -9.46 -43.19
C SER C 223 -6.69 -10.66 -42.41
N GLY C 224 -6.10 -11.84 -42.62
CA GLY C 224 -6.41 -13.02 -41.82
C GLY C 224 -5.77 -12.94 -40.45
N ARG C 225 -6.34 -13.65 -39.48
CA ARG C 225 -5.86 -13.59 -38.09
C ARG C 225 -5.58 -14.98 -37.52
N MET C 226 -4.59 -15.04 -36.63
CA MET C 226 -4.26 -16.26 -35.92
C MET C 226 -4.36 -15.98 -34.42
N GLU C 227 -5.19 -16.76 -33.73
CA GLU C 227 -5.38 -16.58 -32.29
C GLU C 227 -4.74 -17.76 -31.58
N PHE C 228 -3.78 -17.48 -30.71
CA PHE C 228 -2.98 -18.54 -30.08
C PHE C 228 -3.37 -18.78 -28.63
N PHE C 229 -3.45 -20.06 -28.26
CA PHE C 229 -3.86 -20.48 -26.93
C PHE C 229 -2.80 -21.39 -26.32
N TRP C 230 -2.84 -21.53 -25.00
CA TRP C 230 -1.87 -22.35 -24.30
C TRP C 230 -2.47 -23.04 -23.08
N THR C 231 -1.74 -24.03 -22.58
CA THR C 231 -2.07 -24.66 -21.31
C THR C 231 -0.81 -25.24 -20.70
N ILE C 232 -0.88 -25.57 -19.41
CA ILE C 232 0.18 -26.34 -18.76
C ILE C 232 -0.38 -27.75 -18.59
N LEU C 233 0.25 -28.70 -19.27
CA LEU C 233 -0.15 -30.09 -19.20
C LEU C 233 0.66 -30.78 -18.10
N LYS C 234 -0.04 -31.20 -17.05
CA LYS C 234 0.60 -31.83 -15.90
C LYS C 234 1.07 -33.24 -16.24
N PRO C 235 1.99 -33.81 -15.43
CA PRO C 235 2.51 -35.14 -15.75
C PRO C 235 1.44 -36.22 -15.65
N ASN C 236 1.55 -37.24 -16.50
CA ASN C 236 0.63 -38.39 -16.48
C ASN C 236 -0.76 -38.02 -17.01
N ASP C 237 -0.90 -36.81 -17.56
CA ASP C 237 -2.17 -36.32 -18.11
C ASP C 237 -2.01 -36.17 -19.62
N ALA C 238 -3.12 -36.32 -20.34
CA ALA C 238 -3.12 -36.28 -21.79
C ALA C 238 -3.90 -35.09 -22.32
N ILE C 239 -3.46 -34.56 -23.46
CA ILE C 239 -4.20 -33.51 -24.18
C ILE C 239 -4.83 -34.10 -25.45
N ASN C 240 -6.09 -33.75 -25.70
CA ASN C 240 -6.85 -34.29 -26.82
C ASN C 240 -7.33 -33.20 -27.77
N PHE C 241 -6.94 -33.30 -29.04
CA PHE C 241 -7.37 -32.37 -30.07
C PHE C 241 -8.34 -33.02 -31.04
N GLU C 242 -9.42 -32.31 -31.37
CA GLU C 242 -10.31 -32.71 -32.46
C GLU C 242 -10.68 -31.48 -33.28
N SER C 243 -10.47 -31.54 -34.60
CA SER C 243 -10.81 -30.43 -35.49
C SER C 243 -11.08 -30.87 -36.92
N ASN C 244 -12.07 -30.25 -37.54
CA ASN C 244 -12.39 -30.43 -38.96
C ASN C 244 -11.95 -29.23 -39.82
N GLY C 245 -11.22 -28.29 -39.21
CA GLY C 245 -10.68 -27.15 -39.96
C GLY C 245 -10.07 -26.06 -39.10
N ASN C 246 -9.21 -25.25 -39.73
CA ASN C 246 -8.60 -24.04 -39.15
C ASN C 246 -7.66 -24.28 -37.96
N PHE C 247 -7.10 -25.48 -37.88
CA PHE C 247 -6.30 -25.89 -36.72
C PHE C 247 -4.80 -25.67 -36.93
N ILE C 248 -4.18 -25.00 -35.98
CA ILE C 248 -2.73 -24.83 -35.95
C ILE C 248 -2.19 -25.80 -34.91
N ALA C 249 -1.68 -26.93 -35.39
CA ALA C 249 -1.28 -28.03 -34.51
C ALA C 249 0.07 -27.76 -33.86
N PRO C 250 0.26 -28.26 -32.63
CA PRO C 250 1.56 -28.18 -31.97
C PRO C 250 2.56 -29.21 -32.51
N GLU C 251 3.67 -28.73 -33.10
CA GLU C 251 4.81 -29.59 -33.38
C GLU C 251 5.61 -29.79 -32.09
N TYR C 252 6.03 -28.67 -31.50
CA TYR C 252 6.85 -28.69 -30.29
C TYR C 252 6.12 -28.06 -29.10
N ALA C 253 6.41 -28.62 -27.91
CA ALA C 253 5.92 -28.09 -26.64
C ALA C 253 7.11 -27.95 -25.69
N TYR C 254 7.15 -26.84 -24.97
CA TYR C 254 8.27 -26.56 -24.06
C TYR C 254 8.12 -27.33 -22.75
N LYS C 255 9.25 -27.78 -22.22
CA LYS C 255 9.31 -28.58 -21.00
C LYS C 255 9.93 -27.70 -19.93
N ILE C 256 9.30 -27.65 -18.76
CA ILE C 256 9.74 -26.75 -17.69
C ILE C 256 10.62 -27.53 -16.73
N VAL C 257 11.93 -27.55 -17.00
CA VAL C 257 12.86 -28.34 -16.20
C VAL C 257 13.23 -27.66 -14.88
N LYS C 258 13.41 -26.33 -14.91
CA LYS C 258 13.75 -25.57 -13.71
C LYS C 258 12.75 -24.46 -13.40
N LYS C 259 12.29 -24.43 -12.15
CA LYS C 259 11.46 -23.36 -11.62
C LYS C 259 12.26 -22.59 -10.56
N GLY C 260 12.56 -21.34 -10.84
CA GLY C 260 13.31 -20.49 -9.90
C GLY C 260 12.87 -19.04 -9.94
N ASP C 261 13.60 -18.20 -9.22
CA ASP C 261 13.35 -16.77 -9.24
C ASP C 261 13.89 -16.18 -10.53
N SER C 262 13.01 -15.52 -11.27
CA SER C 262 13.36 -14.87 -12.53
C SER C 262 12.47 -13.66 -12.71
N THR C 263 12.73 -12.88 -13.75
CA THR C 263 11.93 -11.70 -14.03
C THR C 263 12.06 -11.29 -15.49
N ILE C 264 10.99 -10.75 -16.06
CA ILE C 264 11.03 -10.17 -17.39
C ILE C 264 11.29 -8.68 -17.26
N MET C 265 12.51 -8.28 -17.57
CA MET C 265 12.99 -6.92 -17.43
C MET C 265 12.76 -6.17 -18.75
N LYS C 266 12.23 -4.95 -18.65
CA LYS C 266 11.98 -4.13 -19.82
C LYS C 266 13.12 -3.14 -20.00
N SER C 267 13.86 -3.30 -21.10
CA SER C 267 15.03 -2.46 -21.36
C SER C 267 15.40 -2.44 -22.84
N GLU C 268 15.87 -1.28 -23.30
CA GLU C 268 16.35 -1.12 -24.67
C GLU C 268 17.83 -1.47 -24.77
N LEU C 269 18.49 -1.64 -23.62
CA LEU C 269 19.93 -1.93 -23.59
C LEU C 269 20.23 -3.33 -24.08
N GLU C 270 21.47 -3.53 -24.52
CA GLU C 270 21.91 -4.80 -25.11
C GLU C 270 22.68 -5.62 -24.05
N TYR C 271 23.98 -5.85 -24.25
CA TYR C 271 24.74 -6.75 -23.39
C TYR C 271 26.15 -6.21 -23.13
N GLY C 272 26.48 -6.02 -21.85
CA GLY C 272 27.78 -5.46 -21.47
C GLY C 272 28.92 -6.47 -21.37
N ASN C 273 28.57 -7.76 -21.38
CA ASN C 273 29.54 -8.85 -21.20
C ASN C 273 30.26 -8.74 -19.84
N CYS C 274 29.49 -8.33 -18.84
CA CYS C 274 29.97 -8.11 -17.48
C CYS C 274 29.31 -9.12 -16.55
N ASN C 275 29.64 -9.05 -15.27
CA ASN C 275 29.00 -9.86 -14.24
C ASN C 275 28.56 -8.99 -13.07
N THR C 276 27.48 -9.36 -12.41
CA THR C 276 26.99 -8.61 -11.25
C THR C 276 26.24 -9.50 -10.26
N LYS C 277 25.92 -8.93 -9.10
CA LYS C 277 25.09 -9.57 -8.10
C LYS C 277 23.75 -8.85 -7.89
N CYS C 278 23.57 -7.72 -8.56
CA CYS C 278 22.36 -6.93 -8.50
C CYS C 278 22.18 -6.22 -9.82
N GLN C 279 21.05 -6.47 -10.49
CA GLN C 279 20.83 -5.93 -11.82
C GLN C 279 19.59 -5.05 -11.90
N THR C 280 19.69 -3.97 -12.65
CA THR C 280 18.56 -3.11 -12.97
C THR C 280 18.44 -2.95 -14.50
N PRO C 281 17.25 -2.49 -14.97
CA PRO C 281 17.07 -2.14 -16.39
C PRO C 281 17.95 -0.97 -16.89
N MET C 282 18.46 -0.17 -15.95
CA MET C 282 19.39 0.94 -16.26
C MET C 282 20.84 0.44 -16.34
N GLY C 283 21.12 -0.61 -15.58
CA GLY C 283 22.48 -1.14 -15.45
C GLY C 283 22.65 -1.94 -14.19
N ALA C 284 23.86 -2.43 -13.93
CA ALA C 284 24.13 -3.27 -12.77
C ALA C 284 24.65 -2.45 -11.59
N ILE C 285 24.53 -3.04 -10.39
CA ILE C 285 24.93 -2.39 -9.14
C ILE C 285 25.98 -3.21 -8.39
N ASN C 286 27.03 -2.51 -7.93
CA ASN C 286 28.08 -3.08 -7.10
C ASN C 286 28.37 -2.13 -5.95
N SER C 287 27.68 -2.32 -4.82
CA SER C 287 27.92 -1.50 -3.65
C SER C 287 27.52 -2.18 -2.36
N SER C 288 28.07 -1.66 -1.26
CA SER C 288 27.76 -2.15 0.08
C SER C 288 26.74 -1.25 0.78
N MET C 289 26.24 -0.24 0.07
CA MET C 289 25.27 0.70 0.64
C MET C 289 23.98 -0.03 0.97
N PRO C 290 23.27 0.44 2.01
CA PRO C 290 21.94 -0.12 2.31
C PRO C 290 20.86 0.33 1.32
N PHE C 291 21.10 1.43 0.62
CA PHE C 291 20.11 2.02 -0.28
C PHE C 291 20.70 2.34 -1.65
N HIS C 292 19.81 2.51 -2.62
CA HIS C 292 20.17 3.04 -3.93
C HIS C 292 18.98 3.80 -4.51
N ASN C 293 19.21 4.54 -5.60
CA ASN C 293 18.15 5.31 -6.24
C ASN C 293 18.13 5.17 -7.77
N ILE C 294 18.63 4.05 -8.26
CA ILE C 294 18.79 3.81 -9.70
C ILE C 294 17.45 3.48 -10.36
N HIS C 295 16.80 2.42 -9.91
CA HIS C 295 15.57 1.92 -10.52
C HIS C 295 14.84 0.96 -9.55
N PRO C 296 13.50 1.08 -9.43
CA PRO C 296 12.74 0.23 -8.50
C PRO C 296 12.82 -1.29 -8.79
N LEU C 297 12.64 -1.66 -10.05
CA LEU C 297 12.64 -3.06 -10.46
C LEU C 297 14.05 -3.63 -10.57
N THR C 298 14.47 -4.38 -9.55
CA THR C 298 15.77 -5.03 -9.57
C THR C 298 15.63 -6.53 -9.35
N ILE C 299 16.72 -7.24 -9.65
CA ILE C 299 16.79 -8.69 -9.45
C ILE C 299 18.12 -8.99 -8.77
N GLY C 300 18.09 -9.90 -7.79
CA GLY C 300 19.29 -10.33 -7.08
C GLY C 300 19.40 -9.73 -5.70
N GLU C 301 20.60 -9.83 -5.13
CA GLU C 301 20.88 -9.29 -3.80
C GLU C 301 21.17 -7.80 -3.92
N CYS C 302 20.16 -6.99 -3.63
CA CYS C 302 20.23 -5.55 -3.88
C CYS C 302 19.96 -4.73 -2.62
N PRO C 303 20.50 -3.50 -2.59
CA PRO C 303 20.07 -2.54 -1.57
C PRO C 303 18.63 -2.09 -1.87
N LYS C 304 18.00 -1.41 -0.91
CA LYS C 304 16.61 -1.00 -1.08
C LYS C 304 16.51 0.28 -1.91
N TYR C 305 15.51 0.34 -2.77
CA TYR C 305 15.33 1.49 -3.64
C TYR C 305 14.57 2.59 -2.92
N VAL C 306 15.07 3.81 -3.05
CA VAL C 306 14.36 5.00 -2.59
C VAL C 306 14.46 6.09 -3.66
N LYS C 307 13.54 7.03 -3.62
CA LYS C 307 13.51 8.14 -4.57
C LYS C 307 14.43 9.32 -4.17
N SER C 308 15.22 9.16 -3.12
CA SER C 308 16.05 10.27 -2.64
C SER C 308 17.21 10.55 -3.58
N ASN C 309 17.63 11.81 -3.62
CA ASN C 309 18.88 12.21 -4.26
C ASN C 309 20.06 12.13 -3.31
N ARG C 310 19.77 12.16 -2.01
CA ARG C 310 20.83 12.26 -1.00
C ARG C 310 20.39 11.68 0.36
N LEU C 311 21.18 10.72 0.87
CA LEU C 311 21.00 10.21 2.24
C LEU C 311 22.36 10.11 2.94
N VAL C 312 22.64 11.07 3.82
CA VAL C 312 23.90 11.13 4.54
C VAL C 312 23.64 11.19 6.04
N LEU C 313 24.24 10.25 6.78
CA LEU C 313 24.14 10.21 8.23
C LEU C 313 25.34 10.88 8.88
N ALA C 314 25.07 11.75 9.86
CA ALA C 314 26.14 12.30 10.69
C ALA C 314 26.67 11.20 11.57
N THR C 315 28.00 11.02 11.57
CA THR C 315 28.67 10.16 12.54
C THR C 315 29.45 11.03 13.52
N GLY C 316 30.15 12.02 12.99
CA GLY C 316 30.91 12.93 13.81
C GLY C 316 30.06 14.07 14.33
N LEU C 317 30.73 15.10 14.82
CA LEU C 317 30.07 16.24 15.45
C LEU C 317 30.18 17.47 14.58
N ARG C 318 29.49 18.52 14.97
CA ARG C 318 29.47 19.77 14.22
C ARG C 318 30.88 20.33 14.10
N ASN C 319 31.33 20.53 12.87
CA ASN C 319 32.68 20.96 12.58
C ASN C 319 32.78 22.48 12.57
N SER C 320 33.86 22.99 13.17
CA SER C 320 34.03 24.42 13.39
C SER C 320 34.56 25.17 12.16
N PRO C 321 34.23 26.47 12.03
CA PRO C 321 34.79 27.34 11.00
C PRO C 321 36.04 28.06 11.50
N GLY D 1 23.47 24.20 20.03
CA GLY D 1 22.97 22.84 20.36
C GLY D 1 22.24 22.79 21.68
N LEU D 2 21.50 21.71 21.91
CA LEU D 2 20.64 21.58 23.06
C LEU D 2 21.39 21.68 24.40
N PHE D 3 22.62 21.18 24.43
CA PHE D 3 23.36 21.06 25.69
C PHE D 3 24.32 22.21 25.93
N GLY D 4 24.46 23.08 24.94
CA GLY D 4 25.07 24.39 25.12
C GLY D 4 26.58 24.41 25.17
N ALA D 5 27.22 23.29 24.88
CA ALA D 5 28.68 23.19 24.97
C ALA D 5 29.32 23.42 23.61
N ILE D 6 29.02 22.55 22.65
CA ILE D 6 29.56 22.66 21.29
C ILE D 6 29.01 23.91 20.61
N ALA D 7 29.92 24.75 20.12
CA ALA D 7 29.56 26.06 19.56
C ALA D 7 28.71 26.86 20.53
N GLY D 8 28.99 26.70 21.82
CA GLY D 8 28.21 27.33 22.87
C GLY D 8 29.13 28.08 23.79
N PHE D 9 29.33 27.55 25.01
CA PHE D 9 30.32 28.14 25.92
C PHE D 9 31.72 27.69 25.54
N ILE D 10 31.83 26.63 24.75
CA ILE D 10 33.08 26.25 24.08
C ILE D 10 32.97 26.65 22.61
N GLU D 11 33.47 27.83 22.28
CA GLU D 11 33.24 28.45 20.97
C GLU D 11 33.56 27.59 19.75
N GLY D 12 34.62 26.79 19.85
CA GLY D 12 35.09 26.02 18.71
C GLY D 12 35.84 24.75 19.06
N GLY D 13 35.98 23.87 18.06
CA GLY D 13 36.70 22.62 18.21
C GLY D 13 38.20 22.79 18.07
N TRP D 14 38.92 21.68 18.22
CA TRP D 14 40.38 21.68 18.20
C TRP D 14 40.92 20.86 17.04
N GLN D 15 41.44 21.54 16.02
CA GLN D 15 42.21 20.90 14.95
C GLN D 15 43.39 20.12 15.53
N GLY D 16 43.93 20.57 16.66
CA GLY D 16 45.08 19.96 17.30
C GLY D 16 44.83 18.65 18.05
N MET D 17 43.57 18.27 18.25
CA MET D 17 43.25 17.01 18.90
C MET D 17 42.75 15.99 17.88
N VAL D 18 43.63 15.06 17.49
CA VAL D 18 43.35 14.13 16.39
C VAL D 18 43.04 12.69 16.85
N ASP D 19 43.37 12.36 18.10
CA ASP D 19 43.24 10.98 18.60
C ASP D 19 41.92 10.73 19.34
N GLY D 20 40.97 11.66 19.25
CA GLY D 20 39.68 11.49 19.89
C GLY D 20 38.66 12.56 19.54
N TRP D 21 37.42 12.33 19.96
CA TRP D 21 36.33 13.28 19.72
C TRP D 21 36.25 14.34 20.81
N TYR D 22 36.48 13.92 22.05
CA TYR D 22 36.46 14.82 23.20
C TYR D 22 37.74 14.62 24.01
N GLY D 23 38.21 15.68 24.64
CA GLY D 23 39.39 15.59 25.48
C GLY D 23 39.76 16.88 26.16
N TYR D 24 41.04 16.96 26.56
CA TYR D 24 41.54 18.05 27.38
C TYR D 24 42.69 18.77 26.71
N HIS D 25 42.85 20.05 27.01
CA HIS D 25 44.06 20.79 26.68
C HIS D 25 44.59 21.46 27.93
N HIS D 26 45.83 21.14 28.28
CA HIS D 26 46.48 21.69 29.46
C HIS D 26 47.55 22.71 29.05
N SER D 27 47.82 23.67 29.92
CA SER D 27 48.97 24.57 29.74
C SER D 27 49.54 24.96 31.10
N ASN D 28 50.85 24.76 31.27
CA ASN D 28 51.55 25.06 32.52
C ASN D 28 53.00 25.43 32.23
N GLU D 29 53.83 25.54 33.27
CA GLU D 29 55.24 25.93 33.08
C GLU D 29 56.01 24.95 32.18
N GLN D 30 55.68 23.67 32.28
CA GLN D 30 56.37 22.62 31.51
C GLN D 30 55.97 22.59 30.03
N GLY D 31 54.76 23.02 29.72
CA GLY D 31 54.29 23.06 28.33
C GLY D 31 52.78 22.98 28.21
N SER D 32 52.32 22.66 27.01
CA SER D 32 50.88 22.50 26.74
C SER D 32 50.65 21.34 25.79
N GLY D 33 49.42 20.82 25.77
CA GLY D 33 49.10 19.71 24.88
C GLY D 33 47.67 19.17 24.96
N TYR D 34 47.30 18.44 23.91
CA TYR D 34 45.98 17.81 23.82
C TYR D 34 46.04 16.34 24.24
N ALA D 35 45.07 15.92 25.04
CA ALA D 35 44.90 14.53 25.40
C ALA D 35 43.43 14.14 25.20
N ALA D 36 43.19 13.17 24.33
CA ALA D 36 41.84 12.68 24.09
C ALA D 36 41.37 11.88 25.30
N ASP D 37 40.11 12.09 25.68
CA ASP D 37 39.46 11.28 26.72
C ASP D 37 38.93 10.00 26.07
N LYS D 38 39.59 8.88 26.37
CA LYS D 38 39.28 7.59 25.72
C LYS D 38 37.87 7.09 26.04
N GLU D 39 37.49 7.14 27.31
CA GLU D 39 36.20 6.61 27.76
C GLU D 39 34.99 7.27 27.08
N SER D 40 34.91 8.59 27.15
CA SER D 40 33.77 9.29 26.56
C SER D 40 33.76 9.13 25.04
N THR D 41 34.94 9.12 24.43
CA THR D 41 35.07 8.93 22.99
C THR D 41 34.59 7.55 22.54
N GLN D 42 35.04 6.50 23.23
CA GLN D 42 34.68 5.14 22.86
C GLN D 42 33.18 4.91 23.02
N LYS D 43 32.61 5.51 24.07
CA LYS D 43 31.16 5.46 24.31
C LYS D 43 30.39 6.10 23.17
N ALA D 44 30.91 7.22 22.66
CA ALA D 44 30.32 7.91 21.52
C ALA D 44 30.44 7.07 20.25
N ILE D 45 31.60 6.45 20.06
CA ILE D 45 31.81 5.59 18.90
C ILE D 45 30.85 4.40 18.90
N ASP D 46 30.65 3.79 20.07
CA ASP D 46 29.72 2.67 20.20
C ASP D 46 28.29 3.09 19.89
N GLY D 47 27.87 4.21 20.47
CA GLY D 47 26.51 4.70 20.29
C GLY D 47 26.15 5.01 18.84
N VAL D 48 27.07 5.67 18.14
CA VAL D 48 26.88 6.03 16.74
C VAL D 48 26.96 4.81 15.82
N THR D 49 27.83 3.87 16.13
CA THR D 49 27.93 2.64 15.35
C THR D 49 26.61 1.87 15.41
N ASN D 50 26.14 1.62 16.63
CA ASN D 50 24.87 0.90 16.84
C ASN D 50 23.71 1.57 16.12
N LYS D 51 23.68 2.90 16.20
CA LYS D 51 22.66 3.72 15.55
C LYS D 51 22.62 3.52 14.04
N VAL D 52 23.79 3.53 13.42
CA VAL D 52 23.88 3.34 11.98
C VAL D 52 23.40 1.94 11.60
N ASN D 53 23.83 0.93 12.36
CA ASN D 53 23.40 -0.46 12.12
C ASN D 53 21.90 -0.64 12.39
N SER D 54 21.43 -0.01 13.47
CA SER D 54 20.00 -0.04 13.79
C SER D 54 19.19 0.54 12.65
N ILE D 55 19.64 1.69 12.16
CA ILE D 55 19.00 2.38 11.03
C ILE D 55 18.97 1.48 9.79
N ILE D 56 20.11 0.90 9.45
CA ILE D 56 20.20 0.02 8.29
C ILE D 56 19.22 -1.17 8.43
N ASP D 57 19.28 -1.86 9.56
CA ASP D 57 18.47 -3.07 9.79
C ASP D 57 16.96 -2.83 9.69
N LYS D 58 16.50 -1.70 10.22
CA LYS D 58 15.08 -1.37 10.14
C LYS D 58 14.61 -1.17 8.71
N MET D 59 15.48 -0.63 7.86
CA MET D 59 15.15 -0.42 6.46
C MET D 59 15.40 -1.69 5.62
N ASN D 60 16.26 -2.58 6.12
CA ASN D 60 16.60 -3.84 5.43
C ASN D 60 15.39 -4.58 4.83
N THR D 61 14.32 -4.70 5.62
CA THR D 61 13.09 -5.32 5.12
C THR D 61 12.08 -4.24 4.78
N GLN D 62 11.79 -4.12 3.48
CA GLN D 62 11.03 -3.01 2.92
C GLN D 62 10.54 -3.39 1.51
N PHE D 63 9.52 -2.68 1.02
CA PHE D 63 8.85 -3.00 -0.23
C PHE D 63 9.79 -3.14 -1.44
N GLU D 64 9.53 -4.16 -2.27
CA GLU D 64 10.26 -4.38 -3.51
C GLU D 64 9.29 -4.43 -4.69
N ALA D 65 9.53 -3.59 -5.68
CA ALA D 65 8.66 -3.54 -6.87
C ALA D 65 8.83 -4.78 -7.73
N VAL D 66 7.73 -5.18 -8.38
CA VAL D 66 7.73 -6.33 -9.30
C VAL D 66 7.05 -5.92 -10.61
N GLY D 67 7.59 -6.40 -11.72
CA GLY D 67 7.04 -6.12 -13.04
C GLY D 67 5.81 -6.96 -13.34
N ARG D 68 4.69 -6.30 -13.61
CA ARG D 68 3.44 -6.97 -13.94
C ARG D 68 2.88 -6.35 -15.20
N GLU D 69 2.42 -7.20 -16.12
CA GLU D 69 1.98 -6.76 -17.44
C GLU D 69 0.46 -6.87 -17.55
N PHE D 70 -0.16 -5.86 -18.17
CA PHE D 70 -1.60 -5.85 -18.37
C PHE D 70 -1.92 -5.44 -19.81
N ASN D 71 -2.97 -6.02 -20.37
CA ASN D 71 -3.34 -5.70 -21.76
C ASN D 71 -4.14 -4.38 -21.84
N ASN D 72 -4.64 -4.08 -23.04
CA ASN D 72 -5.25 -2.78 -23.34
C ASN D 72 -6.62 -2.55 -22.70
N LEU D 73 -7.31 -3.63 -22.33
CA LEU D 73 -8.59 -3.53 -21.63
C LEU D 73 -8.47 -3.98 -20.17
N GLU D 74 -7.29 -3.76 -19.61
CA GLU D 74 -7.03 -3.99 -18.19
C GLU D 74 -6.37 -2.75 -17.59
N ARG D 75 -6.84 -1.58 -18.01
CA ARG D 75 -6.20 -0.31 -17.64
C ARG D 75 -6.43 0.04 -16.19
N ARG D 76 -7.59 -0.32 -15.66
CA ARG D 76 -7.92 -0.04 -14.26
C ARG D 76 -6.96 -0.74 -13.30
N ILE D 77 -6.75 -2.04 -13.50
CA ILE D 77 -5.84 -2.80 -12.65
C ILE D 77 -4.36 -2.48 -12.90
N GLU D 78 -4.04 -2.07 -14.12
CA GLU D 78 -2.70 -1.57 -14.42
C GLU D 78 -2.43 -0.29 -13.61
N ASN D 79 -3.44 0.55 -13.53
CA ASN D 79 -3.36 1.80 -12.78
C ASN D 79 -3.31 1.57 -11.28
N LEU D 80 -4.11 0.61 -10.82
CA LEU D 80 -4.13 0.21 -9.42
C LEU D 80 -2.75 -0.28 -9.04
N ASN D 81 -2.19 -1.14 -9.90
CA ASN D 81 -0.86 -1.67 -9.71
C ASN D 81 0.21 -0.59 -9.62
N LYS D 82 0.13 0.40 -10.50
CA LYS D 82 1.09 1.50 -10.52
C LYS D 82 1.01 2.30 -9.23
N LYS D 83 -0.21 2.66 -8.82
CA LYS D 83 -0.40 3.45 -7.61
C LYS D 83 0.04 2.71 -6.36
N MET D 84 -0.21 1.42 -6.33
CA MET D 84 0.25 0.59 -5.22
C MET D 84 1.78 0.63 -5.12
N GLU D 85 2.46 0.38 -6.25
CA GLU D 85 3.93 0.34 -6.26
C GLU D 85 4.54 1.72 -5.98
N ASP D 86 4.01 2.76 -6.62
CA ASP D 86 4.42 4.14 -6.35
C ASP D 86 4.15 4.58 -4.91
N GLY D 87 3.01 4.16 -4.38
CA GLY D 87 2.60 4.53 -3.04
C GLY D 87 3.56 4.03 -1.98
N PHE D 88 4.00 2.78 -2.10
CA PHE D 88 4.94 2.20 -1.17
C PHE D 88 6.34 2.83 -1.28
N LEU D 89 6.74 3.18 -2.50
CA LEU D 89 8.01 3.88 -2.68
C LEU D 89 8.03 5.22 -1.95
N ASP D 90 6.92 5.95 -2.00
CA ASP D 90 6.79 7.23 -1.33
C ASP D 90 6.80 7.06 0.19
N VAL D 91 6.12 6.03 0.67
CA VAL D 91 6.11 5.71 2.09
C VAL D 91 7.52 5.39 2.57
N TRP D 92 8.22 4.52 1.85
CA TRP D 92 9.56 4.10 2.26
C TRP D 92 10.62 5.19 2.03
N THR D 93 10.42 6.02 1.00
CA THR D 93 11.32 7.15 0.77
C THR D 93 11.20 8.14 1.93
N TYR D 94 9.96 8.43 2.31
CA TYR D 94 9.67 9.36 3.40
C TYR D 94 10.29 8.88 4.72
N ASN D 95 10.08 7.59 5.02
CA ASN D 95 10.66 6.97 6.21
C ASN D 95 12.17 7.13 6.29
N ALA D 96 12.85 6.86 5.17
CA ALA D 96 14.31 6.96 5.09
C ALA D 96 14.78 8.38 5.34
N GLU D 97 14.21 9.33 4.61
CA GLU D 97 14.65 10.72 4.68
C GLU D 97 14.32 11.36 6.03
N LEU D 98 13.19 10.99 6.62
CA LEU D 98 12.80 11.51 7.91
C LEU D 98 13.70 10.95 9.00
N LEU D 99 13.90 9.63 8.98
CA LEU D 99 14.74 8.97 9.97
C LEU D 99 16.15 9.57 9.98
N VAL D 100 16.69 9.83 8.79
CA VAL D 100 18.01 10.44 8.67
C VAL D 100 17.99 11.85 9.28
N LEU D 101 17.03 12.67 8.89
CA LEU D 101 16.85 14.02 9.47
C LEU D 101 16.76 14.03 11.00
N MET D 102 15.91 13.18 11.56
CA MET D 102 15.67 13.16 12.99
C MET D 102 16.88 12.64 13.77
N GLU D 103 17.48 11.57 13.27
CA GLU D 103 18.60 10.94 13.95
C GLU D 103 19.92 11.71 13.78
N ASN D 104 20.09 12.39 12.65
CA ASN D 104 21.18 13.34 12.48
C ASN D 104 21.15 14.41 13.55
N GLU D 105 19.96 14.95 13.80
CA GLU D 105 19.79 15.97 14.82
C GLU D 105 20.10 15.41 16.20
N ARG D 106 19.65 14.19 16.46
CA ARG D 106 19.96 13.55 17.73
C ARG D 106 21.46 13.25 17.87
N THR D 107 22.12 12.90 16.77
CA THR D 107 23.55 12.61 16.79
C THR D 107 24.37 13.84 17.16
N LEU D 108 24.04 14.99 16.59
CA LEU D 108 24.76 16.22 16.92
C LEU D 108 24.58 16.59 18.40
N ASP D 109 23.34 16.48 18.88
CA ASP D 109 23.04 16.75 20.27
C ASP D 109 23.70 15.75 21.23
N PHE D 110 23.84 14.51 20.79
CA PHE D 110 24.52 13.47 21.55
C PHE D 110 25.98 13.87 21.81
N HIS D 111 26.65 14.33 20.75
CA HIS D 111 28.01 14.84 20.87
C HIS D 111 28.08 16.05 21.79
N ASP D 112 27.09 16.94 21.68
CA ASP D 112 27.02 18.12 22.52
C ASP D 112 26.88 17.71 24.00
N SER D 113 26.03 16.71 24.25
CA SER D 113 25.81 16.18 25.59
C SER D 113 27.07 15.56 26.18
N ASN D 114 27.81 14.80 25.37
CA ASN D 114 29.03 14.15 25.81
C ASN D 114 30.10 15.15 26.25
N VAL D 115 30.22 16.25 25.51
CA VAL D 115 31.18 17.31 25.83
C VAL D 115 30.78 17.98 27.16
N LYS D 116 29.49 18.23 27.31
CA LYS D 116 28.93 18.85 28.51
C LYS D 116 29.18 17.99 29.75
N ASN D 117 28.91 16.69 29.61
CA ASN D 117 29.06 15.76 30.72
C ASN D 117 30.52 15.61 31.12
N LEU D 118 31.40 15.65 30.14
CA LEU D 118 32.84 15.60 30.39
C LEU D 118 33.29 16.88 31.08
N TYR D 119 32.73 18.01 30.65
CA TYR D 119 33.06 19.30 31.26
C TYR D 119 32.63 19.32 32.72
N ASP D 120 31.40 18.89 32.99
CA ASP D 120 30.88 18.89 34.34
C ASP D 120 31.65 17.91 35.24
N LYS D 121 32.04 16.76 34.68
CA LYS D 121 32.83 15.76 35.38
C LYS D 121 34.09 16.38 35.97
N VAL D 122 34.77 17.20 35.17
CA VAL D 122 35.95 17.92 35.60
C VAL D 122 35.56 19.00 36.62
N ARG D 123 34.55 19.79 36.29
CA ARG D 123 34.10 20.86 37.17
C ARG D 123 33.82 20.33 38.57
N LEU D 124 33.15 19.19 38.65
CA LEU D 124 32.76 18.58 39.93
C LEU D 124 33.95 18.06 40.75
N GLN D 125 35.03 17.70 40.07
CA GLN D 125 36.26 17.30 40.74
C GLN D 125 36.97 18.51 41.32
N LEU D 126 37.17 19.52 40.48
CA LEU D 126 37.94 20.70 40.87
C LEU D 126 37.24 21.52 41.94
N ARG D 127 35.91 21.62 41.87
CA ARG D 127 35.14 22.38 42.85
C ARG D 127 35.70 23.82 42.95
N ASP D 128 35.97 24.32 44.16
CA ASP D 128 36.46 25.69 44.33
C ASP D 128 37.99 25.80 44.32
N ASN D 129 38.68 24.74 43.87
CA ASN D 129 40.15 24.77 43.74
C ASN D 129 40.63 25.36 42.40
N ALA D 130 39.72 25.80 41.54
CA ALA D 130 40.06 26.44 40.27
C ALA D 130 38.99 27.46 39.86
N LYS D 131 39.39 28.45 39.07
CA LYS D 131 38.46 29.46 38.53
C LYS D 131 37.77 28.92 37.28
N GLU D 132 36.44 28.92 37.27
CA GLU D 132 35.68 28.57 36.08
C GLU D 132 35.64 29.78 35.14
N LEU D 133 36.45 29.72 34.07
CA LEU D 133 36.64 30.89 33.18
C LEU D 133 35.44 31.25 32.32
N GLY D 134 34.58 30.28 32.02
CA GLY D 134 33.39 30.50 31.20
C GLY D 134 33.54 30.06 29.74
N ASN D 135 34.72 29.51 29.40
CA ASN D 135 35.04 29.14 28.02
C ASN D 135 35.39 27.67 27.83
N GLY D 136 35.15 26.86 28.86
CA GLY D 136 35.56 25.46 28.85
C GLY D 136 36.84 25.20 29.64
N CYS D 137 37.50 26.27 30.07
CA CYS D 137 38.76 26.15 30.79
C CYS D 137 38.60 26.40 32.27
N PHE D 138 39.48 25.75 33.04
CA PHE D 138 39.57 25.96 34.48
C PHE D 138 40.98 26.41 34.80
N GLU D 139 41.11 27.55 35.46
CA GLU D 139 42.41 28.10 35.83
C GLU D 139 42.68 27.81 37.31
N PHE D 140 43.78 27.11 37.58
CA PHE D 140 44.08 26.62 38.92
C PHE D 140 44.62 27.70 39.85
N TYR D 141 44.26 27.61 41.13
CA TYR D 141 44.85 28.51 42.15
C TYR D 141 46.25 28.04 42.51
N HIS D 142 46.43 26.72 42.54
CA HIS D 142 47.74 26.11 42.75
C HIS D 142 48.44 25.85 41.42
N LYS D 143 49.76 25.78 41.47
CA LYS D 143 50.54 25.38 40.31
C LYS D 143 50.24 23.91 40.03
N CYS D 144 49.88 23.60 38.79
CA CYS D 144 49.46 22.25 38.42
C CYS D 144 50.41 21.65 37.38
N ASP D 145 51.32 20.79 37.83
CA ASP D 145 52.28 20.14 36.95
C ASP D 145 51.60 19.04 36.10
N ASN D 146 52.39 18.33 35.28
CA ASN D 146 51.83 17.31 34.39
C ASN D 146 51.23 16.10 35.11
N GLU D 147 51.72 15.81 36.32
CA GLU D 147 51.11 14.78 37.15
C GLU D 147 49.77 15.29 37.72
N CYS D 148 49.77 16.54 38.16
CA CYS D 148 48.55 17.20 38.63
C CYS D 148 47.49 17.24 37.53
N MET D 149 47.91 17.55 36.31
CA MET D 149 47.00 17.53 35.16
C MET D 149 46.50 16.13 34.88
N GLU D 150 47.38 15.13 35.03
CA GLU D 150 47.01 13.74 34.80
C GLU D 150 45.96 13.24 35.78
N SER D 151 45.98 13.74 37.02
CA SER D 151 45.00 13.34 38.03
C SER D 151 43.59 13.85 37.70
N VAL D 152 43.53 15.02 37.07
CA VAL D 152 42.25 15.58 36.62
C VAL D 152 41.71 14.73 35.48
N ARG D 153 42.60 14.34 34.56
CA ARG D 153 42.25 13.42 33.49
C ARG D 153 41.93 12.02 34.01
N ASN D 154 42.70 11.57 35.00
CA ASN D 154 42.46 10.31 35.71
C ASN D 154 41.05 10.16 36.26
N GLY D 155 40.50 11.26 36.77
CA GLY D 155 39.35 11.22 37.67
C GLY D 155 39.81 11.14 39.12
N THR D 156 41.12 11.37 39.33
CA THR D 156 41.78 11.11 40.61
C THR D 156 42.23 12.40 41.30
N TYR D 157 41.87 13.57 40.75
CA TYR D 157 42.30 14.85 41.29
C TYR D 157 42.01 14.95 42.79
N ASP D 158 43.06 15.07 43.60
CA ASP D 158 42.91 15.09 45.05
C ASP D 158 42.61 16.51 45.55
N TYR D 159 41.31 16.81 45.64
CA TYR D 159 40.85 18.10 46.14
C TYR D 159 41.42 18.43 47.53
N PRO D 160 41.33 17.49 48.50
CA PRO D 160 41.85 17.75 49.85
C PRO D 160 43.34 18.13 49.94
N GLN D 161 44.16 17.69 48.98
CA GLN D 161 45.59 18.02 48.96
C GLN D 161 45.82 19.48 48.59
N TYR D 162 45.11 19.94 47.56
CA TYR D 162 45.29 21.30 47.04
C TYR D 162 44.31 22.31 47.65
N SER D 163 43.52 21.90 48.64
CA SER D 163 42.57 22.79 49.30
C SER D 163 43.23 23.55 50.44
N ASP E 1 27.34 15.92 58.20
CA ASP E 1 25.94 15.63 57.75
C ASP E 1 25.78 15.94 56.26
N GLN E 2 25.01 15.11 55.57
CA GLN E 2 24.82 15.26 54.13
C GLN E 2 23.44 14.81 53.64
N ILE E 3 23.00 15.40 52.54
CA ILE E 3 21.81 14.95 51.83
C ILE E 3 22.20 14.64 50.39
N CYS E 4 21.70 13.51 49.88
CA CYS E 4 22.04 13.06 48.54
C CYS E 4 20.81 12.98 47.67
N ILE E 5 20.99 13.14 46.37
CA ILE E 5 19.94 12.91 45.41
C ILE E 5 20.28 11.63 44.67
N GLY E 6 19.27 10.79 44.48
CA GLY E 6 19.47 9.49 43.85
C GLY E 6 18.20 8.93 43.25
N TYR E 7 18.33 7.74 42.68
CA TYR E 7 17.24 7.16 41.91
C TYR E 7 17.06 5.69 42.23
N HIS E 8 15.89 5.17 41.87
CA HIS E 8 15.46 3.81 42.19
C HIS E 8 16.30 2.76 41.47
N ALA E 9 16.61 1.68 42.17
CA ALA E 9 17.12 0.46 41.55
C ALA E 9 16.31 -0.70 42.10
N ASN E 10 16.42 -1.86 41.46
CA ASN E 10 15.71 -3.06 41.94
C ASN E 10 16.30 -4.35 41.34
N ASN E 11 15.64 -5.47 41.58
CA ASN E 11 16.13 -6.79 41.13
C ASN E 11 15.63 -7.20 39.73
N SER E 12 15.03 -6.26 39.00
CA SER E 12 14.50 -6.51 37.66
C SER E 12 15.61 -6.85 36.67
N THR E 13 15.33 -7.80 35.78
CA THR E 13 16.23 -8.17 34.69
C THR E 13 15.62 -7.87 33.32
N GLU E 14 14.46 -7.21 33.30
CA GLU E 14 13.82 -6.84 32.03
C GLU E 14 14.69 -5.87 31.24
N GLN E 15 14.83 -6.13 29.94
CA GLN E 15 15.66 -5.33 29.07
C GLN E 15 14.83 -4.70 27.96
N VAL E 16 15.28 -3.55 27.47
CA VAL E 16 14.66 -2.90 26.32
C VAL E 16 15.74 -2.48 25.34
N ASP E 17 15.36 -2.31 24.08
CA ASP E 17 16.28 -1.82 23.05
C ASP E 17 16.03 -0.34 22.80
N THR E 18 17.11 0.35 22.40
CA THR E 18 17.06 1.72 21.93
C THR E 18 17.87 1.78 20.63
N ILE E 19 17.95 2.94 20.02
CA ILE E 19 18.71 3.10 18.77
C ILE E 19 20.20 2.86 19.00
N MET E 20 20.75 3.47 20.05
CA MET E 20 22.19 3.42 20.31
C MET E 20 22.64 2.24 21.14
N GLU E 21 21.71 1.57 21.83
CA GLU E 21 22.07 0.49 22.72
C GLU E 21 20.97 -0.56 22.81
N LYS E 22 21.38 -1.82 22.79
CA LYS E 22 20.46 -2.95 22.88
C LYS E 22 20.60 -3.63 24.22
N ASN E 23 19.55 -4.29 24.66
CA ASN E 23 19.54 -5.06 25.90
C ASN E 23 19.89 -4.21 27.13
N VAL E 24 19.27 -3.04 27.22
CA VAL E 24 19.43 -2.15 28.37
C VAL E 24 18.50 -2.61 29.50
N THR E 25 19.06 -2.99 30.64
CA THR E 25 18.26 -3.45 31.78
C THR E 25 17.56 -2.28 32.44
N VAL E 26 16.25 -2.41 32.63
CA VAL E 26 15.43 -1.35 33.21
C VAL E 26 14.66 -1.85 34.42
N THR E 27 14.28 -0.92 35.28
CA THR E 27 13.57 -1.25 36.52
C THR E 27 12.15 -1.69 36.26
N HIS E 28 11.52 -1.07 35.27
CA HIS E 28 10.15 -1.41 34.87
C HIS E 28 10.03 -1.35 33.37
N ALA E 29 9.17 -2.20 32.82
CA ALA E 29 8.93 -2.27 31.39
C ALA E 29 7.50 -2.72 31.14
N GLN E 30 7.07 -2.65 29.89
CA GLN E 30 5.74 -3.10 29.52
C GLN E 30 5.76 -3.77 28.15
N ASP E 31 5.55 -5.08 28.16
CA ASP E 31 5.39 -5.83 26.92
C ASP E 31 4.04 -5.45 26.31
N ILE E 32 4.05 -5.16 25.02
CA ILE E 32 2.84 -4.77 24.28
C ILE E 32 2.51 -5.73 23.13
N LEU E 33 3.27 -6.82 23.02
CA LEU E 33 3.08 -7.80 21.96
C LEU E 33 2.52 -9.10 22.52
N GLU E 34 1.33 -9.49 22.08
CA GLU E 34 0.76 -10.78 22.42
C GLU E 34 1.41 -11.88 21.57
N LYS E 35 2.08 -12.82 22.22
CA LYS E 35 2.85 -13.86 21.52
C LYS E 35 2.18 -15.23 21.49
N THR E 36 1.13 -15.43 22.30
CA THR E 36 0.51 -16.75 22.46
C THR E 36 -0.92 -16.85 21.94
N HIS E 37 -1.33 -18.10 21.67
CA HIS E 37 -2.71 -18.45 21.31
C HIS E 37 -2.98 -19.84 21.90
N ASN E 38 -4.26 -20.24 21.97
CA ASN E 38 -4.61 -21.54 22.56
C ASN E 38 -4.40 -22.74 21.62
N GLY E 39 -4.34 -22.48 20.31
CA GLY E 39 -4.04 -23.51 19.31
C GLY E 39 -5.29 -24.17 18.72
N LYS E 40 -6.45 -23.55 18.96
CA LYS E 40 -7.73 -24.16 18.63
C LYS E 40 -8.62 -23.23 17.82
N LEU E 41 -9.50 -23.84 17.03
CA LEU E 41 -10.56 -23.11 16.33
C LEU E 41 -11.77 -23.04 17.27
N CYS E 42 -12.24 -21.83 17.53
CA CYS E 42 -13.21 -21.58 18.61
C CYS E 42 -14.46 -20.88 18.13
N ASP E 43 -15.50 -20.95 18.96
CA ASP E 43 -16.70 -20.12 18.78
C ASP E 43 -16.32 -18.66 18.94
N LEU E 44 -16.83 -17.81 18.05
CA LEU E 44 -16.59 -16.37 18.15
C LEU E 44 -17.80 -15.68 18.77
N ASP E 45 -17.60 -15.06 19.92
CA ASP E 45 -18.67 -14.37 20.64
C ASP E 45 -19.81 -15.34 20.97
N GLY E 46 -19.47 -16.59 21.22
CA GLY E 46 -20.45 -17.65 21.47
C GLY E 46 -21.01 -18.30 20.21
N VAL E 47 -20.87 -17.61 19.07
CA VAL E 47 -21.47 -18.05 17.80
C VAL E 47 -20.51 -19.00 17.07
N LYS E 48 -20.96 -20.23 16.85
CA LYS E 48 -20.10 -21.29 16.30
C LYS E 48 -19.72 -21.02 14.84
N PRO E 49 -18.46 -21.30 14.47
CA PRO E 49 -18.10 -21.24 13.04
C PRO E 49 -18.70 -22.39 12.25
N LEU E 50 -18.94 -22.15 10.97
CA LEU E 50 -19.28 -23.20 10.02
C LEU E 50 -17.99 -23.91 9.61
N ILE E 51 -17.76 -25.10 10.14
CA ILE E 51 -16.57 -25.88 9.80
C ILE E 51 -16.96 -26.92 8.76
N LEU E 52 -16.49 -26.71 7.54
CA LEU E 52 -16.84 -27.58 6.41
C LEU E 52 -16.10 -28.93 6.46
N ARG E 53 -15.09 -29.02 7.33
CA ARG E 53 -14.28 -30.23 7.49
C ARG E 53 -13.57 -30.55 6.16
N ASP E 54 -13.92 -31.65 5.50
CA ASP E 54 -13.31 -32.01 4.21
C ASP E 54 -14.13 -31.57 3.00
N CYS E 55 -15.31 -30.99 3.24
CA CYS E 55 -16.12 -30.42 2.16
C CYS E 55 -15.63 -29.02 1.79
N SER E 56 -15.79 -28.67 0.52
CA SER E 56 -15.49 -27.32 0.04
C SER E 56 -16.77 -26.48 0.03
N VAL E 57 -16.63 -25.21 -0.33
CA VAL E 57 -17.78 -24.30 -0.41
C VAL E 57 -18.70 -24.75 -1.55
N ALA E 58 -18.09 -25.18 -2.65
CA ALA E 58 -18.84 -25.71 -3.80
C ALA E 58 -19.60 -26.98 -3.42
N GLY E 59 -18.89 -27.92 -2.80
CA GLY E 59 -19.51 -29.17 -2.33
C GLY E 59 -20.71 -28.93 -1.43
N TRP E 60 -20.57 -27.99 -0.50
CA TRP E 60 -21.66 -27.62 0.40
C TRP E 60 -22.83 -27.00 -0.38
N LEU E 61 -22.54 -25.98 -1.19
CA LEU E 61 -23.59 -25.21 -1.86
C LEU E 61 -24.32 -26.01 -2.95
N LEU E 62 -23.59 -26.80 -3.72
CA LEU E 62 -24.21 -27.67 -4.73
C LEU E 62 -24.93 -28.87 -4.09
N GLY E 63 -24.59 -29.20 -2.86
CA GLY E 63 -25.23 -30.29 -2.15
C GLY E 63 -24.63 -31.64 -2.51
N ASN E 64 -23.30 -31.70 -2.51
CA ASN E 64 -22.57 -32.96 -2.70
C ASN E 64 -22.99 -33.95 -1.60
N PRO E 65 -23.29 -35.22 -1.98
CA PRO E 65 -23.80 -36.22 -1.03
C PRO E 65 -22.93 -36.49 0.21
N MET E 66 -21.63 -36.22 0.13
CA MET E 66 -20.72 -36.34 1.27
C MET E 66 -20.91 -35.19 2.26
N CYS E 67 -21.51 -34.11 1.80
CA CYS E 67 -21.71 -32.90 2.59
C CYS E 67 -23.14 -32.83 3.14
N ASP E 68 -23.70 -33.99 3.47
CA ASP E 68 -25.02 -34.09 4.10
C ASP E 68 -25.05 -33.43 5.47
N GLU E 69 -23.89 -33.30 6.11
CA GLU E 69 -23.79 -32.56 7.36
C GLU E 69 -24.28 -31.12 7.20
N PHE E 70 -24.06 -30.55 6.01
CA PHE E 70 -24.26 -29.12 5.77
C PHE E 70 -25.52 -28.78 4.97
N ILE E 71 -26.55 -29.63 5.05
CA ILE E 71 -27.89 -29.27 4.57
C ILE E 71 -28.61 -28.50 5.69
N ASN E 72 -29.22 -27.36 5.35
CA ASN E 72 -29.88 -26.48 6.32
C ASN E 72 -28.99 -26.10 7.52
N VAL E 73 -27.80 -25.55 7.23
CA VAL E 73 -26.86 -25.16 8.28
C VAL E 73 -27.37 -24.00 9.14
N PRO E 74 -27.00 -23.99 10.44
CA PRO E 74 -27.31 -22.85 11.28
C PRO E 74 -26.39 -21.68 10.97
N GLU E 75 -26.74 -20.50 11.45
CA GLU E 75 -25.91 -19.31 11.17
C GLU E 75 -24.53 -19.45 11.78
N TRP E 76 -23.55 -18.83 11.13
CA TRP E 76 -22.15 -18.97 11.49
C TRP E 76 -21.52 -17.60 11.75
N SER E 77 -20.55 -17.57 12.65
CA SER E 77 -19.75 -16.36 12.89
C SER E 77 -18.74 -16.20 11.74
N TYR E 78 -18.09 -17.30 11.39
CA TYR E 78 -17.16 -17.35 10.26
C TYR E 78 -17.13 -18.76 9.69
N ILE E 79 -16.51 -18.92 8.53
CA ILE E 79 -16.42 -20.23 7.87
C ILE E 79 -14.98 -20.75 7.88
N VAL E 80 -14.83 -22.06 8.02
CA VAL E 80 -13.50 -22.69 8.01
C VAL E 80 -13.44 -23.75 6.91
N GLU E 81 -12.47 -23.59 6.01
CA GLU E 81 -12.28 -24.48 4.87
C GLU E 81 -10.81 -24.88 4.81
N LYS E 82 -10.55 -26.13 4.47
CA LYS E 82 -9.18 -26.60 4.31
C LYS E 82 -8.53 -26.05 3.04
N ALA E 83 -7.21 -26.23 2.94
CA ALA E 83 -6.46 -25.79 1.78
C ALA E 83 -6.80 -26.62 0.54
N ASN E 84 -6.97 -27.93 0.72
CA ASN E 84 -7.28 -28.84 -0.39
C ASN E 84 -8.37 -29.86 -0.03
N PRO E 85 -9.61 -29.38 0.20
CA PRO E 85 -10.70 -30.28 0.59
C PRO E 85 -10.99 -31.35 -0.46
N VAL E 86 -11.07 -32.61 -0.04
CA VAL E 86 -11.30 -33.72 -0.97
C VAL E 86 -12.71 -33.74 -1.56
N ASN E 87 -13.71 -33.39 -0.74
CA ASN E 87 -15.11 -33.39 -1.18
C ASN E 87 -15.49 -32.07 -1.83
N ASP E 88 -14.98 -31.86 -3.05
CA ASP E 88 -15.28 -30.67 -3.82
C ASP E 88 -16.31 -31.04 -4.89
N LEU E 89 -15.98 -30.89 -6.17
CA LEU E 89 -16.87 -31.29 -7.26
C LEU E 89 -16.67 -32.78 -7.52
N CYS E 90 -17.60 -33.59 -7.00
CA CYS E 90 -17.54 -35.05 -7.15
C CYS E 90 -17.56 -35.43 -8.63
N TYR E 91 -18.57 -34.92 -9.35
CA TYR E 91 -18.58 -35.01 -10.81
C TYR E 91 -17.70 -33.88 -11.35
N PRO E 92 -16.71 -34.20 -12.20
CA PRO E 92 -15.73 -33.18 -12.61
C PRO E 92 -16.36 -32.00 -13.34
N GLY E 93 -15.71 -30.84 -13.25
CA GLY E 93 -16.19 -29.65 -13.93
C GLY E 93 -15.58 -28.36 -13.41
N ASP E 94 -16.28 -27.27 -13.66
CA ASP E 94 -15.89 -25.95 -13.19
C ASP E 94 -17.06 -25.31 -12.46
N PHE E 95 -16.73 -24.34 -11.60
CA PHE E 95 -17.72 -23.51 -10.94
C PHE E 95 -17.46 -22.09 -11.42
N ASN E 96 -18.44 -21.53 -12.10
CA ASN E 96 -18.29 -20.22 -12.74
C ASN E 96 -18.34 -19.09 -11.71
N ASP E 97 -17.38 -18.17 -11.81
CA ASP E 97 -17.23 -17.06 -10.85
C ASP E 97 -17.29 -17.55 -9.41
N TYR E 98 -16.53 -18.60 -9.13
CA TYR E 98 -16.50 -19.26 -7.83
C TYR E 98 -15.91 -18.34 -6.76
N GLU E 99 -14.86 -17.61 -7.14
CA GLU E 99 -14.15 -16.73 -6.22
C GLU E 99 -14.99 -15.49 -5.89
N GLU E 100 -15.71 -14.98 -6.87
CA GLU E 100 -16.65 -13.88 -6.66
C GLU E 100 -17.81 -14.30 -5.75
N LEU E 101 -18.23 -15.56 -5.85
CA LEU E 101 -19.28 -16.09 -4.98
C LEU E 101 -18.75 -16.26 -3.56
N LYS E 102 -17.56 -16.84 -3.45
CA LYS E 102 -16.86 -16.96 -2.17
C LYS E 102 -16.67 -15.60 -1.50
N HIS E 103 -16.40 -14.57 -2.30
CA HIS E 103 -16.27 -13.23 -1.77
C HIS E 103 -17.61 -12.74 -1.22
N LEU E 104 -18.70 -13.11 -1.89
CA LEU E 104 -20.05 -12.75 -1.46
C LEU E 104 -20.36 -13.32 -0.07
N LEU E 105 -19.84 -14.52 0.20
CA LEU E 105 -20.00 -15.19 1.49
C LEU E 105 -19.35 -14.47 2.66
N SER E 106 -18.35 -13.64 2.39
CA SER E 106 -17.74 -12.83 3.44
C SER E 106 -18.71 -11.79 4.01
N ARG E 107 -19.76 -11.47 3.25
CA ARG E 107 -20.83 -10.58 3.71
C ARG E 107 -22.06 -11.33 4.23
N ILE E 108 -21.98 -12.65 4.37
CA ILE E 108 -23.14 -13.47 4.69
C ILE E 108 -22.93 -14.32 5.96
N ASN E 109 -23.90 -14.25 6.87
CA ASN E 109 -23.87 -15.01 8.12
C ASN E 109 -24.86 -16.18 8.17
N HIS E 110 -25.93 -16.12 7.40
CA HIS E 110 -26.89 -17.23 7.38
C HIS E 110 -27.64 -17.41 6.05
N PHE E 111 -27.68 -18.67 5.62
CA PHE E 111 -28.51 -19.09 4.49
C PHE E 111 -29.70 -19.87 5.03
N GLU E 112 -30.86 -19.71 4.41
CA GLU E 112 -31.99 -20.61 4.61
C GLU E 112 -32.36 -21.25 3.28
N LYS E 113 -32.38 -22.57 3.24
CA LYS E 113 -32.66 -23.30 2.00
C LYS E 113 -34.15 -23.38 1.73
N ILE E 114 -34.55 -23.17 0.48
CA ILE E 114 -35.94 -23.34 0.06
C ILE E 114 -36.04 -24.00 -1.32
N GLN E 115 -37.15 -24.69 -1.54
CA GLN E 115 -37.43 -25.35 -2.81
C GLN E 115 -38.11 -24.38 -3.76
N ILE E 116 -37.53 -24.18 -4.94
CA ILE E 116 -38.13 -23.33 -5.98
C ILE E 116 -38.74 -24.18 -7.11
N ILE E 117 -38.02 -25.22 -7.54
CA ILE E 117 -38.56 -26.20 -8.49
C ILE E 117 -38.67 -27.55 -7.77
N PRO E 118 -39.89 -28.07 -7.60
CA PRO E 118 -40.00 -29.43 -7.05
C PRO E 118 -39.53 -30.50 -8.03
N LYS E 119 -38.89 -31.54 -7.51
CA LYS E 119 -38.35 -32.63 -8.34
C LYS E 119 -39.49 -33.43 -8.99
N SER E 120 -40.56 -33.63 -8.23
CA SER E 120 -41.76 -34.29 -8.73
C SER E 120 -42.40 -33.54 -9.89
N SER E 121 -42.24 -32.22 -9.91
CA SER E 121 -42.87 -31.36 -10.92
C SER E 121 -42.47 -31.64 -12.38
N TRP E 122 -41.35 -32.33 -12.57
CA TRP E 122 -40.89 -32.64 -13.92
C TRP E 122 -41.67 -33.82 -14.48
N SER E 123 -42.91 -33.54 -14.88
CA SER E 123 -43.85 -34.57 -15.35
C SER E 123 -43.58 -34.99 -16.79
N SER E 124 -43.01 -34.09 -17.58
CA SER E 124 -42.71 -34.35 -18.99
C SER E 124 -41.28 -34.86 -19.23
N HIS E 125 -40.46 -34.88 -18.17
CA HIS E 125 -39.07 -35.35 -18.26
C HIS E 125 -38.78 -36.38 -17.17
N GLU E 126 -37.68 -37.10 -17.34
CA GLU E 126 -37.21 -38.04 -16.32
C GLU E 126 -36.22 -37.33 -15.42
N ALA E 127 -36.44 -37.40 -14.11
CA ALA E 127 -35.65 -36.64 -13.13
C ALA E 127 -34.91 -37.49 -12.08
N SER E 128 -35.26 -38.77 -11.97
CA SER E 128 -34.75 -39.62 -10.90
C SER E 128 -33.57 -40.51 -11.31
N LEU E 129 -33.20 -40.47 -12.59
CA LEU E 129 -32.11 -41.30 -13.10
C LEU E 129 -30.86 -40.48 -13.39
N GLY E 130 -30.88 -39.21 -13.02
CA GLY E 130 -29.75 -38.31 -13.25
C GLY E 130 -28.68 -38.40 -12.17
N VAL E 131 -27.99 -39.54 -12.13
CA VAL E 131 -26.95 -39.80 -11.13
C VAL E 131 -25.64 -40.25 -11.80
N SER E 132 -24.61 -40.45 -11.00
CA SER E 132 -23.30 -40.88 -11.49
C SER E 132 -22.49 -41.57 -10.40
N SER E 133 -21.58 -42.44 -10.83
CA SER E 133 -20.68 -43.15 -9.91
C SER E 133 -19.62 -42.21 -9.31
N ALA E 134 -19.44 -41.05 -9.92
CA ALA E 134 -18.51 -40.03 -9.42
C ALA E 134 -18.98 -39.39 -8.11
N CYS E 135 -20.30 -39.29 -7.94
CA CYS E 135 -20.91 -38.83 -6.68
C CYS E 135 -21.65 -39.98 -5.98
N PRO E 136 -20.92 -40.84 -5.24
CA PRO E 136 -21.54 -41.96 -4.55
C PRO E 136 -22.09 -41.60 -3.15
N TYR E 137 -23.25 -42.17 -2.81
CA TYR E 137 -23.85 -42.05 -1.48
C TYR E 137 -24.34 -43.40 -0.98
N GLN E 138 -23.81 -43.85 0.15
CA GLN E 138 -24.14 -45.17 0.74
C GLN E 138 -23.93 -46.32 -0.24
N GLY E 139 -22.83 -46.27 -0.99
CA GLY E 139 -22.45 -47.32 -1.92
C GLY E 139 -23.20 -47.31 -3.24
N LYS E 140 -24.08 -46.33 -3.43
CA LYS E 140 -24.93 -46.22 -4.61
C LYS E 140 -24.68 -44.89 -5.30
N SER E 141 -24.92 -44.84 -6.61
CA SER E 141 -24.69 -43.64 -7.41
C SER E 141 -25.70 -42.55 -7.05
N SER E 142 -25.20 -41.33 -6.85
CA SER E 142 -26.02 -40.20 -6.43
C SER E 142 -25.61 -38.95 -7.22
N PHE E 143 -26.05 -37.78 -6.77
CA PHE E 143 -25.68 -36.52 -7.41
C PHE E 143 -25.82 -35.36 -6.42
N PHE E 144 -25.32 -34.19 -6.82
CA PHE E 144 -25.53 -32.95 -6.05
C PHE E 144 -27.02 -32.81 -5.72
N ARG E 145 -27.36 -32.83 -4.43
CA ARG E 145 -28.75 -32.86 -3.99
C ARG E 145 -29.58 -31.62 -4.33
N ASN E 146 -28.93 -30.48 -4.52
CA ASN E 146 -29.64 -29.22 -4.73
C ASN E 146 -30.07 -28.97 -6.17
N VAL E 147 -29.51 -29.73 -7.12
CA VAL E 147 -29.88 -29.61 -8.52
C VAL E 147 -30.24 -30.96 -9.15
N VAL E 148 -31.14 -30.92 -10.13
CA VAL E 148 -31.67 -32.14 -10.77
C VAL E 148 -31.06 -32.33 -12.15
N TRP E 149 -30.40 -33.47 -12.36
CA TRP E 149 -29.89 -33.84 -13.69
C TRP E 149 -31.04 -34.45 -14.50
N LEU E 150 -31.58 -33.67 -15.44
CA LEU E 150 -32.74 -34.09 -16.22
C LEU E 150 -32.34 -34.83 -17.48
N ILE E 151 -33.10 -35.89 -17.80
CA ILE E 151 -32.90 -36.67 -19.02
C ILE E 151 -34.24 -36.94 -19.73
N LYS E 152 -34.14 -37.39 -20.97
CA LYS E 152 -35.31 -37.67 -21.81
C LYS E 152 -36.23 -38.75 -21.22
N LYS E 153 -37.53 -38.62 -21.48
CA LYS E 153 -38.53 -39.64 -21.09
C LYS E 153 -39.10 -40.33 -22.33
N ASN E 154 -39.02 -41.65 -22.34
CA ASN E 154 -39.45 -42.48 -23.49
C ASN E 154 -38.82 -42.02 -24.81
N SER E 155 -37.53 -41.70 -24.76
CA SER E 155 -36.75 -41.35 -25.94
C SER E 155 -37.19 -40.01 -26.57
N THR E 156 -37.58 -39.05 -25.73
CA THR E 156 -37.94 -37.70 -26.21
C THR E 156 -37.59 -36.67 -25.13
N TYR E 157 -36.85 -35.63 -25.51
CA TYR E 157 -36.55 -34.52 -24.60
C TYR E 157 -37.26 -33.26 -25.08
N PRO E 158 -38.51 -33.04 -24.60
CA PRO E 158 -39.23 -31.83 -24.98
C PRO E 158 -38.62 -30.58 -24.37
N THR E 159 -38.81 -29.44 -25.04
CA THR E 159 -38.26 -28.18 -24.57
C THR E 159 -38.83 -27.83 -23.19
N ILE E 160 -37.94 -27.38 -22.31
CA ILE E 160 -38.30 -26.97 -20.95
C ILE E 160 -38.48 -25.47 -20.91
N LYS E 161 -39.61 -25.00 -20.37
CA LYS E 161 -39.85 -23.58 -20.13
C LYS E 161 -40.32 -23.40 -18.70
N ARG E 162 -39.44 -22.88 -17.85
CA ARG E 162 -39.74 -22.73 -16.44
C ARG E 162 -39.39 -21.37 -15.92
N SER E 163 -40.27 -20.83 -15.06
CA SER E 163 -40.10 -19.52 -14.49
C SER E 163 -40.38 -19.56 -12.99
N TYR E 164 -39.54 -18.90 -12.20
CA TYR E 164 -39.80 -18.73 -10.77
C TYR E 164 -39.80 -17.26 -10.36
N ASN E 165 -40.84 -16.86 -9.64
CA ASN E 165 -40.98 -15.50 -9.13
C ASN E 165 -40.56 -15.42 -7.67
N ASN E 166 -39.59 -14.56 -7.37
CA ASN E 166 -39.08 -14.40 -6.00
C ASN E 166 -40.02 -13.55 -5.15
N THR E 167 -40.96 -14.22 -4.47
CA THR E 167 -41.95 -13.55 -3.62
C THR E 167 -41.43 -13.30 -2.20
N ASN E 168 -40.27 -13.85 -1.86
CA ASN E 168 -39.64 -13.59 -0.56
C ASN E 168 -39.09 -12.18 -0.59
N GLN E 169 -39.08 -11.49 0.55
CA GLN E 169 -38.43 -10.18 0.62
C GLN E 169 -36.95 -10.34 0.98
N GLU E 170 -36.23 -11.09 0.14
CA GLU E 170 -34.82 -11.38 0.31
C GLU E 170 -34.18 -11.55 -1.06
N ASP E 171 -32.87 -11.32 -1.14
CA ASP E 171 -32.07 -11.76 -2.28
C ASP E 171 -32.03 -13.28 -2.22
N LEU E 172 -31.97 -13.92 -3.38
CA LEU E 172 -31.96 -15.37 -3.46
C LEU E 172 -30.80 -15.88 -4.31
N LEU E 173 -30.00 -16.77 -3.74
CA LEU E 173 -28.91 -17.42 -4.47
C LEU E 173 -29.44 -18.64 -5.23
N VAL E 174 -29.50 -18.52 -6.55
CA VAL E 174 -29.94 -19.61 -7.41
C VAL E 174 -28.72 -20.25 -8.07
N LEU E 175 -28.64 -21.58 -8.02
CA LEU E 175 -27.58 -22.34 -8.67
C LEU E 175 -28.17 -23.26 -9.73
N TRP E 176 -27.49 -23.37 -10.87
CA TRP E 176 -27.85 -24.34 -11.90
C TRP E 176 -26.60 -24.78 -12.66
N GLY E 177 -26.77 -25.71 -13.60
CA GLY E 177 -25.64 -26.25 -14.34
C GLY E 177 -25.97 -26.67 -15.77
N ILE E 178 -24.91 -26.89 -16.53
CA ILE E 178 -25.00 -27.45 -17.88
C ILE E 178 -24.08 -28.67 -17.91
N HIS E 179 -24.50 -29.72 -18.63
CA HIS E 179 -23.66 -30.90 -18.78
C HIS E 179 -22.97 -30.92 -20.14
N HIS E 180 -21.67 -31.22 -20.12
CA HIS E 180 -20.87 -31.36 -21.33
C HIS E 180 -20.60 -32.85 -21.56
N PRO E 181 -21.21 -33.43 -22.61
CA PRO E 181 -21.04 -34.86 -22.87
C PRO E 181 -19.74 -35.18 -23.59
N ASN E 182 -19.36 -36.46 -23.57
CA ASN E 182 -18.10 -36.91 -24.17
C ASN E 182 -18.08 -36.85 -25.70
N ASP E 183 -19.15 -37.32 -26.32
CA ASP E 183 -19.25 -37.38 -27.80
C ASP E 183 -20.68 -37.20 -28.29
N ALA E 184 -20.85 -37.10 -29.61
CA ALA E 184 -22.17 -36.91 -30.24
C ALA E 184 -23.13 -38.06 -29.95
N ALA E 185 -22.59 -39.27 -29.79
CA ALA E 185 -23.40 -40.45 -29.45
C ALA E 185 -23.98 -40.37 -28.03
N GLU E 186 -23.20 -39.83 -27.10
CA GLU E 186 -23.65 -39.66 -25.72
C GLU E 186 -24.67 -38.53 -25.58
N GLN E 187 -24.49 -37.47 -26.36
CA GLN E 187 -25.45 -36.36 -26.42
C GLN E 187 -26.84 -36.88 -26.78
N THR E 188 -26.90 -37.69 -27.84
CA THR E 188 -28.17 -38.26 -28.28
C THR E 188 -28.71 -39.29 -27.29
N LYS E 189 -27.81 -40.11 -26.72
CA LYS E 189 -28.20 -41.11 -25.73
C LYS E 189 -28.92 -40.50 -24.53
N LEU E 190 -28.43 -39.35 -24.07
CA LEU E 190 -28.97 -38.69 -22.87
C LEU E 190 -30.18 -37.80 -23.18
N TYR E 191 -30.03 -36.95 -24.18
CA TYR E 191 -31.02 -35.91 -24.48
C TYR E 191 -31.61 -36.00 -25.89
N GLN E 192 -31.02 -36.85 -26.74
CA GLN E 192 -31.49 -37.10 -28.11
C GLN E 192 -31.23 -35.96 -29.09
N ASN E 193 -31.65 -34.75 -28.73
CA ASN E 193 -31.48 -33.58 -29.59
C ASN E 193 -29.98 -33.30 -29.80
N PRO E 194 -29.54 -33.25 -31.06
CA PRO E 194 -28.11 -33.13 -31.34
C PRO E 194 -27.54 -31.77 -30.91
N THR E 195 -28.27 -30.70 -31.22
CA THR E 195 -27.86 -29.35 -30.88
C THR E 195 -28.80 -28.83 -29.80
N THR E 196 -28.24 -28.45 -28.65
CA THR E 196 -29.03 -28.04 -27.50
C THR E 196 -28.52 -26.74 -26.89
N TYR E 197 -29.36 -26.12 -26.07
CA TYR E 197 -29.02 -24.86 -25.42
C TYR E 197 -29.69 -24.74 -24.06
N ILE E 198 -29.25 -23.76 -23.28
CA ILE E 198 -29.92 -23.36 -22.03
C ILE E 198 -29.92 -21.85 -21.94
N SER E 199 -31.10 -21.25 -22.00
CA SER E 199 -31.24 -19.81 -21.87
C SER E 199 -31.80 -19.47 -20.48
N VAL E 200 -31.11 -18.56 -19.79
CA VAL E 200 -31.51 -18.13 -18.45
C VAL E 200 -31.67 -16.61 -18.45
N GLY E 201 -32.80 -16.13 -17.95
CA GLY E 201 -33.10 -14.71 -17.94
C GLY E 201 -33.58 -14.23 -16.59
N THR E 202 -33.16 -13.01 -16.23
CA THR E 202 -33.73 -12.27 -15.11
C THR E 202 -33.91 -10.84 -15.57
N SER E 203 -34.10 -9.91 -14.65
CA SER E 203 -34.08 -8.49 -15.01
C SER E 203 -32.71 -8.09 -15.53
N THR E 204 -31.66 -8.71 -14.98
CA THR E 204 -30.29 -8.39 -15.37
C THR E 204 -29.66 -9.49 -16.24
N LEU E 205 -29.89 -10.74 -15.88
CA LEU E 205 -29.21 -11.86 -16.55
C LEU E 205 -29.74 -12.09 -17.97
N ASN E 206 -28.82 -12.26 -18.92
CA ASN E 206 -29.13 -12.61 -20.30
C ASN E 206 -28.15 -13.65 -20.80
N GLN E 207 -28.39 -14.90 -20.39
CA GLN E 207 -27.45 -15.99 -20.61
C GLN E 207 -28.00 -17.00 -21.61
N ARG E 208 -27.11 -17.59 -22.41
CA ARG E 208 -27.45 -18.72 -23.27
C ARG E 208 -26.24 -19.66 -23.38
N LEU E 209 -26.37 -20.85 -22.79
CA LEU E 209 -25.27 -21.81 -22.73
C LEU E 209 -25.48 -22.90 -23.76
N VAL E 210 -24.38 -23.33 -24.39
CA VAL E 210 -24.40 -24.46 -25.31
C VAL E 210 -23.34 -25.48 -24.87
N PRO E 211 -23.65 -26.78 -24.94
CA PRO E 211 -22.66 -27.79 -24.56
C PRO E 211 -21.45 -27.84 -25.52
N ARG E 212 -20.26 -27.75 -24.94
CA ARG E 212 -19.01 -27.91 -25.68
C ARG E 212 -18.55 -29.36 -25.58
N ILE E 213 -18.43 -30.03 -26.71
CA ILE E 213 -17.99 -31.43 -26.76
C ILE E 213 -16.48 -31.51 -26.96
N ALA E 214 -15.84 -32.40 -26.19
CA ALA E 214 -14.41 -32.64 -26.32
C ALA E 214 -14.04 -33.97 -25.65
N THR E 215 -12.95 -34.57 -26.11
CA THR E 215 -12.42 -35.79 -25.49
C THR E 215 -11.55 -35.36 -24.32
N ARG E 216 -11.91 -35.82 -23.12
CA ARG E 216 -11.27 -35.33 -21.91
C ARG E 216 -10.73 -36.49 -21.07
N SER E 217 -9.73 -36.19 -20.25
CA SER E 217 -9.16 -37.18 -19.34
C SER E 217 -10.17 -37.52 -18.27
N LYS E 218 -10.11 -38.76 -17.78
CA LYS E 218 -11.00 -39.21 -16.70
C LYS E 218 -10.61 -38.53 -15.39
N VAL E 219 -11.56 -37.83 -14.81
CA VAL E 219 -11.43 -37.30 -13.46
C VAL E 219 -12.55 -37.93 -12.65
N ASN E 220 -12.22 -38.54 -11.52
CA ASN E 220 -13.19 -39.32 -10.73
C ASN E 220 -13.94 -40.35 -11.58
N GLY E 221 -13.23 -40.99 -12.51
CA GLY E 221 -13.80 -42.04 -13.35
C GLY E 221 -14.76 -41.58 -14.42
N GLN E 222 -14.80 -40.27 -14.69
CA GLN E 222 -15.70 -39.71 -15.68
C GLN E 222 -14.98 -38.67 -16.53
N SER E 223 -15.21 -38.73 -17.85
CA SER E 223 -14.63 -37.76 -18.79
C SER E 223 -15.65 -36.66 -19.18
N GLY E 224 -16.89 -36.82 -18.75
CA GLY E 224 -17.91 -35.78 -18.91
C GLY E 224 -17.72 -34.67 -17.89
N ARG E 225 -18.21 -33.48 -18.23
CA ARG E 225 -18.02 -32.29 -17.37
C ARG E 225 -19.34 -31.60 -17.03
N MET E 226 -19.40 -31.02 -15.84
CA MET E 226 -20.53 -30.21 -15.41
C MET E 226 -20.03 -28.83 -15.07
N GLU E 227 -20.59 -27.82 -15.72
CA GLU E 227 -20.21 -26.43 -15.49
C GLU E 227 -21.34 -25.72 -14.77
N PHE E 228 -21.06 -25.20 -13.58
CA PHE E 228 -22.09 -24.64 -12.71
C PHE E 228 -22.08 -23.11 -12.68
N PHE E 229 -23.27 -22.54 -12.75
CA PHE E 229 -23.45 -21.09 -12.79
C PHE E 229 -24.40 -20.66 -11.68
N TRP E 230 -24.34 -19.36 -11.36
CA TRP E 230 -25.16 -18.81 -10.29
C TRP E 230 -25.59 -17.38 -10.56
N THR E 231 -26.57 -16.94 -9.80
CA THR E 231 -26.99 -15.54 -9.80
C THR E 231 -27.61 -15.20 -8.46
N ILE E 232 -27.74 -13.91 -8.19
CA ILE E 232 -28.54 -13.44 -7.05
C ILE E 232 -29.83 -12.90 -7.63
N LEU E 233 -30.94 -13.55 -7.29
CA LEU E 233 -32.25 -13.15 -7.76
C LEU E 233 -32.87 -12.20 -6.74
N LYS E 234 -33.06 -10.95 -7.13
CA LYS E 234 -33.59 -9.92 -6.23
C LYS E 234 -35.09 -10.14 -5.98
N PRO E 235 -35.63 -9.52 -4.91
CA PRO E 235 -37.04 -9.75 -4.60
C PRO E 235 -37.96 -9.18 -5.68
N ASN E 236 -39.11 -9.84 -5.89
CA ASN E 236 -40.11 -9.39 -6.85
C ASN E 236 -39.67 -9.58 -8.31
N ASP E 237 -38.54 -10.27 -8.51
CA ASP E 237 -37.99 -10.54 -9.84
C ASP E 237 -38.07 -12.03 -10.11
N ALA E 238 -38.19 -12.39 -11.38
CA ALA E 238 -38.36 -13.78 -11.78
C ALA E 238 -37.17 -14.27 -12.59
N ILE E 239 -36.86 -15.56 -12.45
CA ILE E 239 -35.84 -16.22 -13.28
C ILE E 239 -36.53 -17.15 -14.29
N ASN E 240 -36.07 -17.11 -15.55
CA ASN E 240 -36.68 -17.88 -16.63
C ASN E 240 -35.68 -18.84 -17.28
N PHE E 241 -36.01 -20.14 -17.27
CA PHE E 241 -35.20 -21.16 -17.89
C PHE E 241 -35.86 -21.71 -19.15
N GLU E 242 -35.09 -21.86 -20.21
CA GLU E 242 -35.53 -22.59 -21.41
C GLU E 242 -34.38 -23.47 -21.91
N SER E 243 -34.65 -24.77 -22.07
CA SER E 243 -33.64 -25.71 -22.58
C SER E 243 -34.25 -26.92 -23.27
N ASN E 244 -33.60 -27.35 -24.35
CA ASN E 244 -33.95 -28.58 -25.06
C ASN E 244 -32.94 -29.71 -24.81
N GLY E 245 -32.01 -29.49 -23.87
CA GLY E 245 -31.06 -30.52 -23.48
C GLY E 245 -29.93 -30.06 -22.57
N ASN E 246 -29.34 -31.02 -21.87
CA ASN E 246 -28.12 -30.83 -21.05
C ASN E 246 -28.30 -29.92 -19.82
N PHE E 247 -29.53 -29.79 -19.35
CA PHE E 247 -29.86 -28.84 -18.28
C PHE E 247 -29.85 -29.48 -16.90
N ILE E 248 -29.12 -28.84 -15.99
CA ILE E 248 -29.13 -29.23 -14.58
C ILE E 248 -30.00 -28.22 -13.84
N ALA E 249 -31.23 -28.64 -13.56
CA ALA E 249 -32.23 -27.73 -13.01
C ALA E 249 -32.03 -27.50 -11.52
N PRO E 250 -32.38 -26.30 -11.03
CA PRO E 250 -32.36 -26.05 -9.59
C PRO E 250 -33.55 -26.65 -8.86
N GLU E 251 -33.30 -27.58 -7.93
CA GLU E 251 -34.32 -28.01 -6.98
C GLU E 251 -34.43 -26.97 -5.88
N TYR E 252 -33.30 -26.71 -5.22
CA TYR E 252 -33.23 -25.78 -4.09
C TYR E 252 -32.37 -24.55 -4.40
N ALA E 253 -32.78 -23.41 -3.85
CA ALA E 253 -32.02 -22.17 -3.91
C ALA E 253 -31.90 -21.59 -2.51
N TYR E 254 -30.71 -21.11 -2.16
CA TYR E 254 -30.44 -20.59 -0.83
C TYR E 254 -30.99 -19.19 -0.64
N LYS E 255 -31.50 -18.92 0.55
CA LYS E 255 -32.11 -17.65 0.89
C LYS E 255 -31.17 -16.94 1.85
N ILE E 256 -30.88 -15.66 1.58
CA ILE E 256 -29.90 -14.92 2.37
C ILE E 256 -30.64 -14.11 3.43
N VAL E 257 -30.83 -14.71 4.60
CA VAL E 257 -31.61 -14.07 5.66
C VAL E 257 -30.80 -13.03 6.45
N LYS E 258 -29.52 -13.33 6.69
CA LYS E 258 -28.63 -12.41 7.42
C LYS E 258 -27.39 -12.04 6.62
N LYS E 259 -27.15 -10.72 6.54
CA LYS E 259 -25.91 -10.19 5.97
C LYS E 259 -25.11 -9.52 7.09
N GLY E 260 -23.93 -10.08 7.40
CA GLY E 260 -23.07 -9.52 8.43
C GLY E 260 -21.59 -9.69 8.12
N ASP E 261 -20.75 -9.34 9.07
CA ASP E 261 -19.31 -9.53 8.93
C ASP E 261 -18.98 -11.01 9.13
N SER E 262 -18.33 -11.58 8.13
CA SER E 262 -17.92 -12.98 8.16
C SER E 262 -16.63 -13.11 7.35
N THR E 263 -16.04 -14.30 7.35
CA THR E 263 -14.83 -14.55 6.58
C THR E 263 -14.65 -16.05 6.34
N ILE E 264 -14.07 -16.38 5.19
CA ILE E 264 -13.70 -17.75 4.90
C ILE E 264 -12.24 -17.94 5.29
N MET E 265 -12.05 -18.64 6.40
CA MET E 265 -10.74 -18.86 6.99
C MET E 265 -10.16 -20.18 6.46
N LYS E 266 -8.89 -20.14 6.07
CA LYS E 266 -8.22 -21.33 5.55
C LYS E 266 -7.41 -21.98 6.67
N SER E 267 -7.80 -23.18 7.06
CA SER E 267 -7.16 -23.88 8.17
C SER E 267 -7.38 -25.39 8.10
N GLU E 268 -6.36 -26.14 8.50
CA GLU E 268 -6.44 -27.61 8.59
C GLU E 268 -6.98 -28.04 9.95
N LEU E 269 -7.07 -27.10 10.90
CA LEU E 269 -7.51 -27.41 12.25
C LEU E 269 -9.00 -27.72 12.31
N GLU E 270 -9.39 -28.43 13.35
CA GLU E 270 -10.78 -28.90 13.50
C GLU E 270 -11.53 -27.96 14.49
N TYR E 271 -11.94 -28.45 15.66
CA TYR E 271 -12.79 -27.69 16.56
C TYR E 271 -12.38 -27.92 18.01
N GLY E 272 -12.05 -26.82 18.71
CA GLY E 272 -11.61 -26.90 20.10
C GLY E 272 -12.72 -26.94 21.14
N ASN E 273 -13.94 -26.65 20.71
CA ASN E 273 -15.10 -26.54 21.61
C ASN E 273 -14.88 -25.48 22.69
N CYS E 274 -14.25 -24.38 22.27
CA CYS E 274 -13.90 -23.26 23.14
C CYS E 274 -14.68 -22.03 22.68
N ASN E 275 -14.47 -20.91 23.38
CA ASN E 275 -15.05 -19.63 22.99
C ASN E 275 -13.97 -18.56 22.98
N THR E 276 -14.12 -17.57 22.09
CA THR E 276 -13.17 -16.46 22.02
C THR E 276 -13.80 -15.19 21.50
N LYS E 277 -13.05 -14.09 21.57
CA LYS E 277 -13.46 -12.80 21.01
C LYS E 277 -12.56 -12.38 19.84
N CYS E 278 -11.52 -13.16 19.57
CA CYS E 278 -10.58 -12.90 18.48
C CYS E 278 -10.06 -14.23 17.99
N GLN E 279 -10.26 -14.52 16.70
CA GLN E 279 -9.89 -15.81 16.16
C GLN E 279 -8.90 -15.69 15.01
N THR E 280 -7.94 -16.62 14.97
CA THR E 280 -7.01 -16.77 13.86
C THR E 280 -7.05 -18.20 13.32
N PRO E 281 -6.54 -18.41 12.10
CA PRO E 281 -6.37 -19.78 11.54
C PRO E 281 -5.41 -20.67 12.32
N MET E 282 -4.54 -20.06 13.14
CA MET E 282 -3.60 -20.79 14.02
C MET E 282 -4.27 -21.16 15.35
N GLY E 283 -5.23 -20.35 15.76
CA GLY E 283 -5.89 -20.51 17.05
C GLY E 283 -6.51 -19.21 17.51
N ALA E 284 -7.09 -19.21 18.71
CA ALA E 284 -7.79 -18.05 19.24
C ALA E 284 -6.89 -17.19 20.13
N ILE E 285 -7.28 -15.93 20.31
CA ILE E 285 -6.51 -14.97 21.09
C ILE E 285 -7.32 -14.40 22.26
N ASN E 286 -6.70 -14.36 23.43
CA ASN E 286 -7.27 -13.75 24.63
C ASN E 286 -6.20 -12.89 25.31
N SER E 287 -6.15 -11.61 24.96
CA SER E 287 -5.20 -10.71 25.58
C SER E 287 -5.64 -9.25 25.51
N SER E 288 -5.06 -8.44 26.39
CA SER E 288 -5.31 -7.02 26.43
C SER E 288 -4.19 -6.22 25.73
N MET E 289 -3.26 -6.93 25.12
CA MET E 289 -2.13 -6.29 24.41
C MET E 289 -2.65 -5.50 23.22
N PRO E 290 -1.96 -4.40 22.87
CA PRO E 290 -2.32 -3.67 21.64
C PRO E 290 -1.89 -4.39 20.36
N PHE E 291 -0.93 -5.31 20.47
CA PHE E 291 -0.36 -6.00 19.32
C PHE E 291 -0.32 -7.51 19.51
N HIS E 292 -0.19 -8.22 18.40
CA HIS E 292 0.12 -9.65 18.41
C HIS E 292 0.92 -10.00 17.16
N ASN E 293 1.47 -11.21 17.13
CA ASN E 293 2.26 -11.68 15.98
C ASN E 293 1.92 -13.10 15.53
N ILE E 294 0.68 -13.50 15.78
CA ILE E 294 0.23 -14.87 15.51
C ILE E 294 -0.04 -15.09 14.02
N HIS E 295 -0.95 -14.31 13.45
CA HIS E 295 -1.37 -14.47 12.07
C HIS E 295 -2.10 -13.21 11.57
N PRO E 296 -1.82 -12.75 10.33
CA PRO E 296 -2.43 -11.52 9.82
C PRO E 296 -3.96 -11.56 9.69
N LEU E 297 -4.48 -12.65 9.14
CA LEU E 297 -5.92 -12.80 8.91
C LEU E 297 -6.66 -13.19 10.19
N THR E 298 -7.31 -12.21 10.82
CA THR E 298 -8.10 -12.47 12.02
C THR E 298 -9.53 -11.97 11.85
N ILE E 299 -10.40 -12.42 12.75
CA ILE E 299 -11.80 -12.01 12.76
C ILE E 299 -12.16 -11.67 14.21
N GLY E 300 -12.90 -10.59 14.38
CA GLY E 300 -13.38 -10.16 15.70
C GLY E 300 -12.60 -8.97 16.25
N GLU E 301 -12.75 -8.75 17.55
CA GLU E 301 -12.07 -7.64 18.24
C GLU E 301 -10.65 -8.09 18.59
N CYS E 302 -9.70 -7.68 17.76
CA CYS E 302 -8.34 -8.17 17.86
C CYS E 302 -7.31 -7.05 18.02
N PRO E 303 -6.16 -7.37 18.64
CA PRO E 303 -5.03 -6.45 18.57
C PRO E 303 -4.46 -6.42 17.16
N LYS E 304 -3.58 -5.46 16.87
CA LYS E 304 -3.04 -5.31 15.52
C LYS E 304 -1.90 -6.29 15.29
N TYR E 305 -1.86 -6.86 14.10
CA TYR E 305 -0.82 -7.82 13.76
C TYR E 305 0.46 -7.11 13.31
N VAL E 306 1.59 -7.57 13.84
CA VAL E 306 2.90 -7.13 13.38
C VAL E 306 3.81 -8.36 13.25
N LYS E 307 4.85 -8.23 12.44
CA LYS E 307 5.82 -9.32 12.23
C LYS E 307 6.93 -9.37 13.29
N SER E 308 6.83 -8.56 14.35
CA SER E 308 7.88 -8.51 15.36
C SER E 308 7.89 -9.76 16.22
N ASN E 309 9.08 -10.12 16.70
CA ASN E 309 9.24 -11.15 17.74
C ASN E 309 9.15 -10.53 19.13
N ARG E 310 9.40 -9.23 19.23
CA ARG E 310 9.52 -8.57 20.53
C ARG E 310 9.19 -7.07 20.46
N LEU E 311 8.22 -6.64 21.28
CA LEU E 311 7.93 -5.22 21.47
C LEU E 311 7.78 -4.89 22.95
N VAL E 312 8.82 -4.30 23.54
CA VAL E 312 8.82 -3.95 24.96
C VAL E 312 9.13 -2.47 25.13
N LEU E 313 8.24 -1.78 25.84
CA LEU E 313 8.42 -0.36 26.15
C LEU E 313 9.02 -0.18 27.53
N ALA E 314 10.04 0.67 27.62
CA ALA E 314 10.58 1.08 28.92
C ALA E 314 9.57 1.96 29.61
N THR E 315 9.23 1.63 30.85
CA THR E 315 8.46 2.52 31.71
C THR E 315 9.36 3.10 32.77
N GLY E 316 10.18 2.25 33.38
CA GLY E 316 11.11 2.67 34.42
C GLY E 316 12.40 3.19 33.83
N LEU E 317 13.39 3.31 34.70
CA LEU E 317 14.67 3.90 34.32
C LEU E 317 15.75 2.82 34.27
N ARG E 318 16.93 3.20 33.79
CA ARG E 318 18.05 2.28 33.66
C ARG E 318 18.42 1.70 35.01
N ASN E 319 18.38 0.38 35.10
CA ASN E 319 18.60 -0.32 36.36
C ASN E 319 20.09 -0.62 36.56
N SER E 320 20.55 -0.44 37.79
CA SER E 320 21.97 -0.52 38.13
C SER E 320 22.45 -1.96 38.33
N PRO E 321 23.74 -2.23 38.07
CA PRO E 321 24.37 -3.52 38.35
C PRO E 321 25.00 -3.57 39.74
N GLY F 1 23.91 8.67 29.88
CA GLY F 1 22.67 9.35 29.39
C GLY F 1 22.89 10.80 29.07
N LEU F 2 21.94 11.39 28.35
CA LEU F 2 22.08 12.75 27.84
C LEU F 2 22.27 13.79 28.94
N PHE F 3 21.64 13.58 30.08
CA PHE F 3 21.62 14.59 31.14
C PHE F 3 22.67 14.35 32.23
N GLY F 4 23.38 13.24 32.12
CA GLY F 4 24.61 13.03 32.86
C GLY F 4 24.47 12.67 34.32
N ALA F 5 23.24 12.41 34.78
CA ALA F 5 22.98 12.12 36.19
C ALA F 5 22.96 10.62 36.43
N ILE F 6 22.00 9.94 35.81
CA ILE F 6 21.85 8.49 35.94
C ILE F 6 23.05 7.78 35.33
N ALA F 7 23.71 6.93 36.12
CA ALA F 7 24.94 6.27 35.70
C ALA F 7 25.97 7.28 35.22
N GLY F 8 25.97 8.45 35.85
CA GLY F 8 26.83 9.56 35.44
C GLY F 8 27.57 10.06 36.65
N PHE F 9 27.20 11.24 37.14
CA PHE F 9 27.80 11.75 38.37
C PHE F 9 27.15 11.08 39.58
N ILE F 10 25.98 10.48 39.38
CA ILE F 10 25.37 9.58 40.36
C ILE F 10 25.57 8.15 39.86
N GLU F 11 26.62 7.50 40.34
CA GLU F 11 27.07 6.22 39.79
C GLU F 11 26.03 5.12 39.70
N GLY F 12 25.13 5.06 40.69
CA GLY F 12 24.15 3.98 40.77
C GLY F 12 22.87 4.34 41.48
N GLY F 13 21.85 3.50 41.27
CA GLY F 13 20.56 3.66 41.91
C GLY F 13 20.52 3.09 43.32
N TRP F 14 19.37 3.22 43.97
CA TRP F 14 19.20 2.81 45.35
C TRP F 14 18.15 1.71 45.48
N GLN F 15 18.63 0.49 45.74
CA GLN F 15 17.77 -0.63 46.12
C GLN F 15 16.93 -0.26 47.36
N GLY F 16 17.48 0.59 48.23
CA GLY F 16 16.83 1.00 49.47
C GLY F 16 15.68 1.99 49.35
N MET F 17 15.49 2.58 48.17
CA MET F 17 14.36 3.50 47.96
C MET F 17 13.27 2.83 47.12
N VAL F 18 12.22 2.38 47.78
CA VAL F 18 11.17 1.57 47.14
C VAL F 18 9.86 2.33 46.87
N ASP F 19 9.67 3.48 47.51
CA ASP F 19 8.40 4.22 47.43
C ASP F 19 8.41 5.32 46.35
N GLY F 20 9.43 5.33 45.49
CA GLY F 20 9.49 6.31 44.41
C GLY F 20 10.61 6.08 43.42
N TRP F 21 10.58 6.84 42.33
CA TRP F 21 11.62 6.76 41.29
C TRP F 21 12.82 7.63 41.61
N TYR F 22 12.56 8.82 42.15
CA TYR F 22 13.61 9.74 42.53
C TYR F 22 13.37 10.22 43.95
N GLY F 23 14.46 10.51 44.66
CA GLY F 23 14.34 11.00 46.02
C GLY F 23 15.67 11.33 46.66
N TYR F 24 15.65 11.35 47.99
CA TYR F 24 16.79 11.83 48.79
C TYR F 24 17.27 10.76 49.76
N HIS F 25 18.55 10.79 50.08
CA HIS F 25 19.09 10.04 51.19
C HIS F 25 19.87 10.96 52.11
N HIS F 26 19.45 11.01 53.38
CA HIS F 26 20.08 11.86 54.37
C HIS F 26 20.89 11.02 55.35
N SER F 27 21.94 11.61 55.92
CA SER F 27 22.66 10.99 57.04
C SER F 27 23.16 12.07 57.99
N ASN F 28 22.84 11.91 59.28
CA ASN F 28 23.23 12.86 60.32
C ASN F 28 23.39 12.12 61.66
N GLU F 29 23.54 12.87 62.76
CA GLU F 29 23.72 12.25 64.08
C GLU F 29 22.55 11.35 64.49
N GLN F 30 21.34 11.74 64.11
CA GLN F 30 20.13 11.00 64.47
C GLN F 30 19.94 9.71 63.67
N GLY F 31 20.46 9.67 62.45
CA GLY F 31 20.36 8.47 61.61
C GLY F 31 20.44 8.78 60.14
N SER F 32 20.02 7.82 59.32
CA SER F 32 19.98 7.97 57.87
C SER F 32 18.74 7.33 57.29
N GLY F 33 18.37 7.72 56.08
CA GLY F 33 17.20 7.14 55.42
C GLY F 33 16.85 7.69 54.05
N TYR F 34 16.02 6.93 53.34
CA TYR F 34 15.53 7.29 52.02
C TYR F 34 14.16 7.92 52.08
N ALA F 35 13.97 9.01 51.34
CA ALA F 35 12.66 9.62 51.18
C ALA F 35 12.42 9.89 49.71
N ALA F 36 11.36 9.30 49.15
CA ALA F 36 11.00 9.52 47.77
C ALA F 36 10.44 10.93 47.59
N ASP F 37 10.86 11.60 46.52
CA ASP F 37 10.28 12.88 46.12
C ASP F 37 8.99 12.63 45.35
N LYS F 38 7.86 12.93 45.98
CA LYS F 38 6.54 12.63 45.40
C LYS F 38 6.25 13.38 44.11
N GLU F 39 6.53 14.68 44.10
CA GLU F 39 6.22 15.55 42.95
C GLU F 39 6.91 15.11 41.66
N SER F 40 8.22 14.98 41.69
CA SER F 40 8.97 14.59 40.49
C SER F 40 8.59 13.18 40.04
N THR F 41 8.36 12.29 41.00
CA THR F 41 7.95 10.92 40.70
C THR F 41 6.59 10.86 40.01
N GLN F 42 5.61 11.55 40.56
CA GLN F 42 4.26 11.55 40.00
C GLN F 42 4.23 12.13 38.60
N LYS F 43 5.03 13.18 38.39
CA LYS F 43 5.19 13.81 37.08
C LYS F 43 5.75 12.82 36.06
N ALA F 44 6.71 12.01 36.50
CA ALA F 44 7.29 10.97 35.66
C ALA F 44 6.28 9.88 35.36
N ILE F 45 5.51 9.48 36.37
CA ILE F 45 4.47 8.47 36.18
C ILE F 45 3.42 8.94 35.17
N ASP F 46 3.01 10.20 35.26
CA ASP F 46 2.03 10.76 34.34
C ASP F 46 2.57 10.79 32.92
N GLY F 47 3.80 11.26 32.75
CA GLY F 47 4.42 11.36 31.43
C GLY F 47 4.55 10.04 30.71
N VAL F 48 5.00 9.02 31.43
CA VAL F 48 5.18 7.67 30.88
C VAL F 48 3.85 6.97 30.61
N THR F 49 2.86 7.20 31.46
CA THR F 49 1.53 6.65 31.25
C THR F 49 0.93 7.18 29.95
N ASN F 50 0.92 8.50 29.82
CA ASN F 50 0.39 9.17 28.62
C ASN F 50 1.08 8.69 27.35
N LYS F 51 2.40 8.55 27.45
CA LYS F 51 3.23 8.07 26.35
C LYS F 51 2.83 6.68 25.86
N VAL F 52 2.61 5.77 26.80
CA VAL F 52 2.21 4.42 26.47
C VAL F 52 0.84 4.42 25.80
N ASN F 53 -0.10 5.20 26.35
CA ASN F 53 -1.45 5.32 25.77
C ASN F 53 -1.41 6.01 24.41
N SER F 54 -0.59 7.05 24.29
CA SER F 54 -0.40 7.76 23.02
C SER F 54 0.11 6.79 21.97
N ILE F 55 1.12 6.00 22.34
CA ILE F 55 1.69 4.99 21.46
C ILE F 55 0.65 3.98 21.01
N ILE F 56 -0.12 3.45 21.97
CA ILE F 56 -1.15 2.47 21.66
C ILE F 56 -2.19 3.06 20.69
N ASP F 57 -2.71 4.24 21.01
CA ASP F 57 -3.78 4.88 20.21
C ASP F 57 -3.37 5.15 18.76
N LYS F 58 -2.14 5.58 18.55
CA LYS F 58 -1.66 5.83 17.19
C LYS F 58 -1.62 4.57 16.35
N MET F 59 -1.31 3.44 16.98
CA MET F 59 -1.26 2.15 16.29
C MET F 59 -2.65 1.51 16.20
N ASN F 60 -3.56 1.89 17.10
CA ASN F 60 -4.92 1.35 17.15
C ASN F 60 -5.59 1.23 15.77
N THR F 61 -5.49 2.28 14.96
CA THR F 61 -6.04 2.24 13.59
C THR F 61 -4.90 2.01 12.60
N GLN F 62 -4.94 0.84 11.97
CA GLN F 62 -3.84 0.32 11.17
C GLN F 62 -4.35 -0.82 10.26
N PHE F 63 -3.60 -1.12 9.21
CA PHE F 63 -4.02 -2.08 8.18
C PHE F 63 -4.44 -3.46 8.73
N GLU F 64 -5.51 -4.00 8.16
CA GLU F 64 -6.01 -5.34 8.50
C GLU F 64 -6.11 -6.19 7.24
N ALA F 65 -5.44 -7.34 7.24
CA ALA F 65 -5.45 -8.24 6.08
C ALA F 65 -6.83 -8.89 5.90
N VAL F 66 -7.18 -9.15 4.64
CA VAL F 66 -8.44 -9.81 4.27
C VAL F 66 -8.14 -10.95 3.30
N GLY F 67 -8.85 -12.07 3.46
CA GLY F 67 -8.69 -13.23 2.60
C GLY F 67 -9.41 -13.05 1.27
N ARG F 68 -8.66 -13.13 0.18
CA ARG F 68 -9.20 -13.00 -1.17
C ARG F 68 -8.71 -14.16 -2.02
N GLU F 69 -9.62 -14.75 -2.78
CA GLU F 69 -9.31 -15.96 -3.55
C GLU F 69 -9.27 -15.64 -5.03
N PHE F 70 -8.30 -16.22 -5.72
CA PHE F 70 -8.13 -16.04 -7.16
C PHE F 70 -7.89 -17.38 -7.84
N ASN F 71 -8.41 -17.54 -9.06
CA ASN F 71 -8.26 -18.80 -9.79
C ASN F 71 -6.88 -18.88 -10.47
N ASN F 72 -6.70 -19.94 -11.27
CA ASN F 72 -5.39 -20.27 -11.84
C ASN F 72 -4.91 -19.32 -12.95
N LEU F 73 -5.83 -18.62 -13.59
CA LEU F 73 -5.49 -17.63 -14.61
C LEU F 73 -5.75 -16.20 -14.11
N GLU F 74 -5.59 -16.02 -12.81
CA GLU F 74 -5.64 -14.71 -12.17
C GLU F 74 -4.42 -14.52 -11.28
N ARG F 75 -3.27 -14.98 -11.75
CA ARG F 75 -2.05 -15.03 -10.95
C ARG F 75 -1.46 -13.64 -10.73
N ARG F 76 -1.61 -12.76 -11.72
CA ARG F 76 -1.09 -11.41 -11.60
C ARG F 76 -1.75 -10.64 -10.46
N ILE F 77 -3.09 -10.67 -10.42
CA ILE F 77 -3.83 -9.97 -9.36
C ILE F 77 -3.72 -10.65 -8.00
N GLU F 78 -3.53 -11.97 -8.01
CA GLU F 78 -3.23 -12.71 -6.77
C GLU F 78 -1.91 -12.24 -6.19
N ASN F 79 -0.94 -12.01 -7.08
CA ASN F 79 0.39 -11.55 -6.68
C ASN F 79 0.36 -10.09 -6.23
N LEU F 80 -0.42 -9.28 -6.94
CA LEU F 80 -0.62 -7.87 -6.59
C LEU F 80 -1.22 -7.80 -5.20
N ASN F 81 -2.24 -8.62 -4.97
CA ASN F 81 -2.91 -8.71 -3.68
C ASN F 81 -1.95 -9.09 -2.56
N LYS F 82 -1.08 -10.07 -2.82
CA LYS F 82 -0.12 -10.53 -1.82
C LYS F 82 0.86 -9.43 -1.46
N LYS F 83 1.40 -8.77 -2.48
CA LYS F 83 2.38 -7.70 -2.28
C LYS F 83 1.79 -6.51 -1.55
N MET F 84 0.54 -6.19 -1.87
CA MET F 84 -0.17 -5.13 -1.18
C MET F 84 -0.30 -5.46 0.30
N GLU F 85 -0.78 -6.66 0.62
CA GLU F 85 -1.00 -7.06 2.02
C GLU F 85 0.33 -7.18 2.78
N ASP F 86 1.32 -7.82 2.18
CA ASP F 86 2.67 -7.90 2.75
C ASP F 86 3.33 -6.55 2.93
N GLY F 87 3.13 -5.67 1.95
CA GLY F 87 3.73 -4.34 1.97
C GLY F 87 3.27 -3.51 3.14
N PHE F 88 1.97 -3.53 3.43
CA PHE F 88 1.42 -2.80 4.56
C PHE F 88 1.86 -3.39 5.91
N LEU F 89 1.99 -4.71 5.99
CA LEU F 89 2.51 -5.34 7.20
C LEU F 89 3.93 -4.86 7.51
N ASP F 90 4.76 -4.74 6.49
CA ASP F 90 6.13 -4.27 6.65
C ASP F 90 6.18 -2.81 7.08
N VAL F 91 5.29 -2.01 6.49
CA VAL F 91 5.19 -0.60 6.85
C VAL F 91 4.78 -0.45 8.32
N TRP F 92 3.74 -1.19 8.72
CA TRP F 92 3.24 -1.09 10.09
C TRP F 92 4.15 -1.79 11.11
N THR F 93 4.84 -2.83 10.70
CA THR F 93 5.82 -3.48 11.57
C THR F 93 6.97 -2.51 11.85
N TYR F 94 7.46 -1.88 10.79
CA TYR F 94 8.56 -0.91 10.89
C TYR F 94 8.19 0.25 11.81
N ASN F 95 7.00 0.80 11.62
CA ASN F 95 6.48 1.88 12.46
C ASN F 95 6.49 1.53 13.94
N ALA F 96 5.98 0.32 14.25
CA ALA F 96 5.90 -0.15 15.63
C ALA F 96 7.27 -0.29 16.25
N GLU F 97 8.17 -0.98 15.56
CA GLU F 97 9.51 -1.26 16.09
C GLU F 97 10.37 -0.01 16.23
N LEU F 98 10.21 0.93 15.28
CA LEU F 98 10.96 2.17 15.31
C LEU F 98 10.45 3.04 16.44
N LEU F 99 9.13 3.20 16.52
CA LEU F 99 8.52 4.02 17.58
C LEU F 99 8.96 3.55 18.96
N VAL F 100 8.98 2.24 19.15
CA VAL F 100 9.41 1.66 20.42
C VAL F 100 10.88 2.02 20.69
N LEU F 101 11.74 1.76 19.71
CA LEU F 101 13.17 2.13 19.80
C LEU F 101 13.41 3.62 20.16
N MET F 102 12.75 4.51 19.45
CA MET F 102 12.95 5.95 19.62
C MET F 102 12.42 6.43 20.97
N GLU F 103 11.22 5.98 21.31
CA GLU F 103 10.56 6.43 22.53
C GLU F 103 11.16 5.79 23.79
N ASN F 104 11.65 4.55 23.69
CA ASN F 104 12.42 3.94 24.76
C ASN F 104 13.64 4.78 25.11
N GLU F 105 14.34 5.25 24.07
CA GLU F 105 15.50 6.10 24.28
C GLU F 105 15.12 7.42 24.92
N ARG F 106 14.01 7.98 24.48
CA ARG F 106 13.52 9.21 25.10
C ARG F 106 13.07 8.99 26.54
N THR F 107 12.50 7.82 26.83
CA THR F 107 12.04 7.51 28.19
C THR F 107 13.21 7.43 29.18
N LEU F 108 14.30 6.78 28.78
CA LEU F 108 15.47 6.71 29.65
C LEU F 108 16.07 8.09 29.92
N ASP F 109 16.16 8.90 28.86
CA ASP F 109 16.67 10.26 28.99
C ASP F 109 15.74 11.15 29.81
N PHE F 110 14.43 10.89 29.74
CA PHE F 110 13.43 11.63 30.53
C PHE F 110 13.70 11.40 32.03
N HIS F 111 13.94 10.15 32.40
CA HIS F 111 14.30 9.81 33.77
C HIS F 111 15.61 10.46 34.20
N ASP F 112 16.57 10.49 33.28
CA ASP F 112 17.87 11.10 33.54
C ASP F 112 17.70 12.61 33.78
N SER F 113 16.85 13.24 32.97
CA SER F 113 16.52 14.65 33.10
C SER F 113 15.84 14.98 34.44
N ASN F 114 14.90 14.14 34.86
CA ASN F 114 14.18 14.34 36.10
C ASN F 114 15.09 14.30 37.33
N VAL F 115 16.05 13.38 37.31
CA VAL F 115 17.05 13.26 38.39
C VAL F 115 17.92 14.51 38.43
N LYS F 116 18.35 14.95 37.26
CA LYS F 116 19.19 16.15 37.12
C LYS F 116 18.49 17.40 37.63
N ASN F 117 17.24 17.55 37.25
CA ASN F 117 16.46 18.72 37.63
C ASN F 117 16.19 18.74 39.13
N LEU F 118 15.98 17.56 39.71
CA LEU F 118 15.81 17.42 41.15
C LEU F 118 17.12 17.74 41.86
N TYR F 119 18.24 17.29 41.29
CA TYR F 119 19.54 17.57 41.87
C TYR F 119 19.82 19.07 41.87
N ASP F 120 19.57 19.72 40.74
CA ASP F 120 19.82 21.15 40.63
C ASP F 120 18.89 21.95 41.55
N LYS F 121 17.65 21.50 41.68
CA LYS F 121 16.67 22.13 42.57
C LYS F 121 17.22 22.25 43.97
N VAL F 122 17.81 21.17 44.46
CA VAL F 122 18.46 21.14 45.76
C VAL F 122 19.70 22.03 45.75
N ARG F 123 20.55 21.86 44.76
CA ARG F 123 21.78 22.64 44.65
C ARG F 123 21.49 24.14 44.74
N LEU F 124 20.45 24.58 44.04
CA LEU F 124 20.08 26.00 43.98
C LEU F 124 19.54 26.54 45.32
N GLN F 125 18.97 25.67 46.14
CA GLN F 125 18.52 26.04 47.48
C GLN F 125 19.71 26.19 48.41
N LEU F 126 20.57 25.17 48.43
CA LEU F 126 21.69 25.15 49.36
C LEU F 126 22.73 26.21 49.06
N ARG F 127 22.97 26.48 47.79
CA ARG F 127 23.95 27.50 47.38
C ARG F 127 25.31 27.20 48.03
N ASP F 128 25.93 28.19 48.68
CA ASP F 128 27.25 27.98 49.29
C ASP F 128 27.18 27.54 50.76
N ASN F 129 26.00 27.11 51.22
CA ASN F 129 25.83 26.59 52.58
C ASN F 129 26.17 25.09 52.72
N ALA F 130 26.59 24.45 51.62
CA ALA F 130 27.01 23.05 51.63
C ALA F 130 28.07 22.77 50.58
N LYS F 131 28.89 21.75 50.81
CA LYS F 131 29.91 21.32 49.84
C LYS F 131 29.29 20.41 48.79
N GLU F 132 29.45 20.75 47.51
CA GLU F 132 29.02 19.88 46.43
C GLU F 132 30.09 18.79 46.21
N LEU F 133 29.80 17.57 46.66
CA LEU F 133 30.79 16.48 46.69
C LEU F 133 31.16 15.92 45.31
N GLY F 134 30.27 16.03 44.34
CA GLY F 134 30.51 15.53 42.98
C GLY F 134 29.85 14.18 42.69
N ASN F 135 29.13 13.64 43.67
CA ASN F 135 28.53 12.31 43.56
C ASN F 135 27.01 12.29 43.74
N GLY F 136 26.40 13.47 43.74
CA GLY F 136 24.97 13.59 44.03
C GLY F 136 24.68 14.02 45.46
N CYS F 137 25.71 14.08 46.29
CA CYS F 137 25.55 14.44 47.69
C CYS F 137 26.02 15.86 47.97
N PHE F 138 25.39 16.46 48.98
CA PHE F 138 25.77 17.75 49.50
C PHE F 138 26.10 17.61 50.97
N GLU F 139 27.30 18.01 51.36
CA GLU F 139 27.74 17.93 52.74
C GLU F 139 27.63 19.30 53.40
N PHE F 140 26.85 19.39 54.47
CA PHE F 140 26.52 20.67 55.11
C PHE F 140 27.65 21.22 55.97
N TYR F 141 27.79 22.54 55.99
CA TYR F 141 28.74 23.20 56.89
C TYR F 141 28.17 23.24 58.30
N HIS F 142 26.86 23.45 58.39
CA HIS F 142 26.14 23.41 59.66
C HIS F 142 25.60 22.00 59.92
N LYS F 143 25.39 21.69 61.20
CA LYS F 143 24.74 20.45 61.59
C LYS F 143 23.29 20.52 61.12
N CYS F 144 22.86 19.48 60.40
CA CYS F 144 21.52 19.47 59.80
C CYS F 144 20.68 18.33 60.37
N ASP F 145 19.79 18.67 61.30
CA ASP F 145 18.91 17.67 61.93
C ASP F 145 17.80 17.23 60.96
N ASN F 146 16.90 16.37 61.42
CA ASN F 146 15.83 15.83 60.57
C ASN F 146 14.82 16.88 60.10
N GLU F 147 14.65 17.94 60.88
CA GLU F 147 13.81 19.08 60.47
C GLU F 147 14.54 19.89 59.39
N CYS F 148 15.84 20.10 59.59
CA CYS F 148 16.70 20.77 58.62
C CYS F 148 16.71 19.99 57.29
N MET F 149 16.79 18.66 57.38
CA MET F 149 16.72 17.82 56.18
C MET F 149 15.36 17.93 55.51
N GLU F 150 14.30 18.01 56.33
CA GLU F 150 12.94 18.10 55.80
C GLU F 150 12.71 19.41 55.03
N SER F 151 13.36 20.49 55.45
CA SER F 151 13.24 21.78 54.78
C SER F 151 13.85 21.76 53.36
N VAL F 152 14.93 20.99 53.21
CA VAL F 152 15.57 20.81 51.91
C VAL F 152 14.62 20.01 51.00
N ARG F 153 14.02 18.97 51.56
CA ARG F 153 13.00 18.19 50.86
C ARG F 153 11.74 19.02 50.60
N ASN F 154 11.33 19.82 51.59
CA ASN F 154 10.22 20.76 51.46
C ASN F 154 10.32 21.69 50.25
N GLY F 155 11.53 22.14 49.96
CA GLY F 155 11.76 23.31 49.10
C GLY F 155 11.83 24.57 49.96
N THR F 156 11.92 24.38 51.27
CA THR F 156 11.77 25.46 52.25
C THR F 156 13.09 25.78 52.97
N TYR F 157 14.19 25.16 52.55
CA TYR F 157 15.48 25.35 53.22
C TYR F 157 15.84 26.83 53.37
N ASP F 158 15.93 27.29 54.61
CA ASP F 158 16.17 28.71 54.88
C ASP F 158 17.67 29.03 54.84
N TYR F 159 18.13 29.41 53.65
CA TYR F 159 19.53 29.80 53.45
C TYR F 159 19.98 30.92 54.41
N PRO F 160 19.20 32.01 54.52
CA PRO F 160 19.58 33.10 55.43
C PRO F 160 19.80 32.72 56.91
N GLN F 161 19.12 31.67 57.38
CA GLN F 161 19.28 31.21 58.77
C GLN F 161 20.64 30.55 59.00
N TYR F 162 21.04 29.69 58.06
CA TYR F 162 22.28 28.93 58.19
C TYR F 162 23.48 29.60 57.51
N SER F 163 23.29 30.83 57.02
CA SER F 163 24.39 31.57 56.40
C SER F 163 25.22 32.25 57.49
#